data_2DZL
#
_entry.id   2DZL
#
_entity_poly.entity_id   1
_entity_poly.type   'polypeptide(L)'
_entity_poly.pdbx_seq_one_letter_code
;GSSGSSGMSVNMDELRHQVMINQFVLAAGCAADQAKQLLQAAHWQFETALSTFFQETNIPNSHHHH
;
_entity_poly.pdbx_strand_id   A
#
# COMPACT_ATOMS: atom_id res chain seq x y z
N GLY A 1 6.86 30.85 11.85
CA GLY A 1 5.90 31.90 12.15
C GLY A 1 4.81 31.97 11.09
N SER A 2 3.65 32.46 11.50
CA SER A 2 2.52 32.58 10.60
C SER A 2 2.20 31.22 9.98
N SER A 3 1.08 30.66 10.42
CA SER A 3 0.65 29.36 9.91
C SER A 3 -0.06 29.54 8.56
N GLY A 4 0.19 28.58 7.68
CA GLY A 4 -0.41 28.61 6.36
C GLY A 4 -1.92 28.80 6.45
N SER A 5 -2.63 27.70 6.28
CA SER A 5 -4.08 27.72 6.35
C SER A 5 -4.60 26.39 6.90
N SER A 6 -4.21 25.32 6.24
CA SER A 6 -4.63 23.99 6.66
C SER A 6 -6.16 23.87 6.58
N GLY A 7 -6.60 22.88 5.83
CA GLY A 7 -8.03 22.65 5.66
C GLY A 7 -8.62 23.61 4.62
N MET A 8 -9.13 23.01 3.54
CA MET A 8 -9.72 23.80 2.48
C MET A 8 -11.13 23.28 2.13
N SER A 9 -11.18 22.00 1.81
CA SER A 9 -12.44 21.38 1.46
C SER A 9 -12.39 19.87 1.78
N VAL A 10 -13.57 19.26 1.75
CA VAL A 10 -13.67 17.84 2.04
C VAL A 10 -12.60 17.08 1.24
N ASN A 11 -11.78 16.33 1.97
CA ASN A 11 -10.73 15.56 1.35
C ASN A 11 -10.97 14.07 1.61
N MET A 12 -10.72 13.28 0.58
CA MET A 12 -10.90 11.84 0.69
C MET A 12 -9.65 11.16 1.25
N ASP A 13 -9.26 11.61 2.44
CA ASP A 13 -8.09 11.07 3.10
C ASP A 13 -8.27 9.56 3.28
N GLU A 14 -9.33 9.21 4.02
CA GLU A 14 -9.63 7.82 4.28
C GLU A 14 -9.85 7.06 2.96
N LEU A 15 -10.83 7.54 2.20
CA LEU A 15 -11.15 6.93 0.93
C LEU A 15 -9.86 6.54 0.21
N ARG A 16 -9.07 7.56 -0.12
CA ARG A 16 -7.80 7.33 -0.80
C ARG A 16 -7.08 6.12 -0.21
N HIS A 17 -6.88 6.18 1.10
CA HIS A 17 -6.21 5.10 1.81
C HIS A 17 -6.88 3.76 1.47
N GLN A 18 -8.14 3.65 1.88
CA GLN A 18 -8.90 2.44 1.62
C GLN A 18 -8.67 1.96 0.18
N VAL A 19 -8.89 2.87 -0.75
CA VAL A 19 -8.71 2.55 -2.16
C VAL A 19 -7.28 2.04 -2.39
N MET A 20 -6.33 2.79 -1.85
CA MET A 20 -4.93 2.42 -1.98
C MET A 20 -4.70 0.97 -1.55
N ILE A 21 -4.97 0.71 -0.28
CA ILE A 21 -4.80 -0.62 0.27
C ILE A 21 -5.27 -1.66 -0.77
N ASN A 22 -6.57 -1.67 -1.00
CA ASN A 22 -7.15 -2.59 -1.97
C ASN A 22 -6.28 -2.64 -3.21
N GLN A 23 -6.02 -1.46 -3.77
CA GLN A 23 -5.21 -1.35 -4.97
C GLN A 23 -3.89 -2.11 -4.78
N PHE A 24 -3.09 -1.62 -3.86
CA PHE A 24 -1.80 -2.24 -3.58
C PHE A 24 -1.95 -3.76 -3.45
N VAL A 25 -3.08 -4.18 -2.91
CA VAL A 25 -3.36 -5.59 -2.72
C VAL A 25 -3.66 -6.23 -4.08
N LEU A 26 -4.34 -5.46 -4.92
CA LEU A 26 -4.69 -5.92 -6.26
C LEU A 26 -3.46 -5.90 -7.15
N ALA A 27 -2.76 -4.77 -7.11
CA ALA A 27 -1.56 -4.61 -7.91
C ALA A 27 -0.59 -5.75 -7.60
N ALA A 28 -0.42 -6.02 -6.32
CA ALA A 28 0.47 -7.07 -5.89
C ALA A 28 -0.27 -8.41 -5.93
N GLY A 29 -1.16 -8.59 -4.96
CA GLY A 29 -1.94 -9.81 -4.87
C GLY A 29 -1.67 -10.54 -3.55
N CYS A 30 -1.50 -9.74 -2.51
CA CYS A 30 -1.24 -10.29 -1.18
C CYS A 30 -2.46 -10.01 -0.30
N ALA A 31 -2.32 -10.35 0.97
CA ALA A 31 -3.39 -10.13 1.93
C ALA A 31 -3.70 -8.64 2.01
N ALA A 32 -4.96 -8.34 2.33
CA ALA A 32 -5.39 -6.97 2.45
C ALA A 32 -4.76 -6.33 3.69
N ASP A 33 -4.61 -7.15 4.72
CA ASP A 33 -4.01 -6.68 5.96
C ASP A 33 -2.58 -6.23 5.70
N GLN A 34 -1.94 -6.93 4.77
CA GLN A 34 -0.57 -6.61 4.41
C GLN A 34 -0.47 -5.17 3.92
N ALA A 35 -1.34 -4.84 2.97
CA ALA A 35 -1.36 -3.50 2.41
C ALA A 35 -1.16 -2.48 3.52
N LYS A 36 -2.16 -2.35 4.38
CA LYS A 36 -2.11 -1.41 5.47
C LYS A 36 -0.71 -1.47 6.12
N GLN A 37 -0.41 -2.63 6.68
CA GLN A 37 0.88 -2.83 7.33
C GLN A 37 2.00 -2.26 6.45
N LEU A 38 2.04 -2.74 5.22
CA LEU A 38 3.05 -2.28 4.27
C LEU A 38 3.00 -0.76 4.17
N LEU A 39 1.89 -0.28 3.63
CA LEU A 39 1.70 1.16 3.46
C LEU A 39 2.13 1.87 4.74
N GLN A 40 1.43 1.57 5.81
CA GLN A 40 1.72 2.18 7.11
C GLN A 40 3.21 2.02 7.43
N ALA A 41 3.74 0.86 7.07
CA ALA A 41 5.14 0.58 7.33
C ALA A 41 5.99 1.11 6.16
N ALA A 42 5.34 1.91 5.32
CA ALA A 42 6.01 2.49 4.17
C ALA A 42 5.54 3.94 3.99
N HIS A 43 5.14 4.54 5.09
CA HIS A 43 4.67 5.91 5.07
C HIS A 43 3.55 6.05 4.02
N TRP A 44 2.96 4.92 3.69
CA TRP A 44 1.88 4.90 2.71
C TRP A 44 2.49 5.22 1.34
N GLN A 45 3.75 4.86 1.19
CA GLN A 45 4.45 5.09 -0.06
C GLN A 45 4.23 3.94 -1.03
N PHE A 46 3.03 3.89 -1.58
CA PHE A 46 2.67 2.83 -2.52
C PHE A 46 3.87 2.47 -3.41
N GLU A 47 4.29 3.45 -4.20
CA GLU A 47 5.42 3.25 -5.09
C GLU A 47 6.53 2.44 -4.38
N THR A 48 7.05 3.03 -3.32
CA THR A 48 8.10 2.39 -2.56
C THR A 48 7.63 1.04 -2.02
N ALA A 49 6.58 1.10 -1.20
CA ALA A 49 6.02 -0.10 -0.62
C ALA A 49 5.98 -1.21 -1.68
N LEU A 50 5.39 -0.87 -2.82
CA LEU A 50 5.28 -1.81 -3.92
C LEU A 50 6.68 -2.24 -4.36
N SER A 51 7.52 -1.24 -4.60
CA SER A 51 8.89 -1.51 -5.04
C SER A 51 9.56 -2.49 -4.07
N THR A 52 9.49 -2.15 -2.80
CA THR A 52 10.08 -2.98 -1.76
C THR A 52 9.39 -4.34 -1.71
N PHE A 53 8.11 -4.31 -1.34
CA PHE A 53 7.34 -5.53 -1.25
C PHE A 53 7.70 -6.51 -2.38
N PHE A 54 7.64 -6.00 -3.60
CA PHE A 54 7.95 -6.81 -4.76
C PHE A 54 9.34 -7.43 -4.64
N GLN A 55 10.32 -6.58 -4.35
CA GLN A 55 11.69 -7.03 -4.19
C GLN A 55 12.04 -7.16 -2.71
N GLU A 56 11.32 -8.06 -2.04
CA GLU A 56 11.55 -8.28 -0.62
C GLU A 56 12.86 -9.05 -0.41
N THR A 57 12.92 -10.23 -1.00
CA THR A 57 14.11 -11.07 -0.88
C THR A 57 15.23 -10.50 -1.74
N ASN A 58 15.63 -9.27 -1.42
CA ASN A 58 16.69 -8.61 -2.15
C ASN A 58 16.82 -7.17 -1.65
N ILE A 59 17.61 -7.02 -0.59
CA ILE A 59 17.84 -5.70 0.00
C ILE A 59 19.18 -5.15 -0.50
N PRO A 60 19.28 -3.80 -0.48
CA PRO A 60 20.49 -3.13 -0.92
C PRO A 60 21.61 -3.27 0.12
N ASN A 61 21.94 -4.52 0.42
CA ASN A 61 22.98 -4.80 1.39
C ASN A 61 24.19 -3.89 1.13
N SER A 62 24.86 -3.52 2.22
CA SER A 62 26.02 -2.66 2.13
C SER A 62 26.59 -2.39 3.52
N HIS A 63 25.74 -1.83 4.37
CA HIS A 63 26.15 -1.52 5.73
C HIS A 63 27.43 -0.69 5.71
N HIS A 64 27.84 -0.28 6.89
CA HIS A 64 29.06 0.52 7.03
C HIS A 64 29.43 0.65 8.50
N HIS A 65 29.92 -0.45 9.05
CA HIS A 65 30.31 -0.48 10.44
C HIS A 65 31.02 0.83 10.80
N HIS A 66 30.53 1.47 11.87
CA HIS A 66 31.11 2.72 12.31
C HIS A 66 32.46 2.47 12.96
N GLY A 1 3.59 35.90 -1.08
CA GLY A 1 4.18 35.29 -2.26
C GLY A 1 3.45 35.73 -3.53
N SER A 2 2.85 34.77 -4.20
CA SER A 2 2.11 35.04 -5.42
C SER A 2 0.72 34.41 -5.36
N SER A 3 0.71 33.10 -5.18
CA SER A 3 -0.54 32.37 -5.10
C SER A 3 -1.34 32.56 -6.38
N GLY A 4 -2.36 31.72 -6.54
CA GLY A 4 -3.21 31.79 -7.72
C GLY A 4 -4.40 30.83 -7.58
N SER A 5 -5.27 31.16 -6.64
CA SER A 5 -6.45 30.35 -6.40
C SER A 5 -6.05 28.97 -5.89
N SER A 6 -6.59 28.61 -4.73
CA SER A 6 -6.28 27.32 -4.13
C SER A 6 -6.84 26.20 -5.00
N GLY A 7 -6.39 24.98 -4.69
CA GLY A 7 -6.84 23.82 -5.43
C GLY A 7 -8.16 23.28 -4.88
N MET A 8 -8.04 22.20 -4.13
CA MET A 8 -9.22 21.58 -3.53
C MET A 8 -8.86 20.86 -2.22
N SER A 9 -9.44 21.35 -1.14
CA SER A 9 -9.18 20.77 0.16
C SER A 9 -9.23 19.24 0.08
N VAL A 10 -8.44 18.61 0.93
CA VAL A 10 -8.39 17.16 0.96
C VAL A 10 -9.68 16.62 1.56
N ASN A 11 -10.58 16.21 0.68
CA ASN A 11 -11.86 15.67 1.11
C ASN A 11 -11.75 14.16 1.26
N MET A 12 -11.34 13.52 0.17
CA MET A 12 -11.18 12.07 0.16
C MET A 12 -9.85 11.65 0.81
N ASP A 13 -9.85 11.62 2.13
CA ASP A 13 -8.67 11.25 2.87
C ASP A 13 -8.70 9.75 3.16
N GLU A 14 -9.78 9.33 3.83
CA GLU A 14 -9.94 7.93 4.18
C GLU A 14 -10.09 7.09 2.91
N LEU A 15 -11.08 7.45 2.10
CA LEU A 15 -11.34 6.73 0.87
C LEU A 15 -10.02 6.39 0.20
N ARG A 16 -9.27 7.43 -0.13
CA ARG A 16 -7.98 7.25 -0.78
C ARG A 16 -7.22 6.08 -0.15
N HIS A 17 -7.06 6.17 1.17
CA HIS A 17 -6.36 5.14 1.91
C HIS A 17 -6.94 3.76 1.55
N GLN A 18 -8.21 3.59 1.88
CA GLN A 18 -8.89 2.34 1.61
C GLN A 18 -8.65 1.91 0.16
N VAL A 19 -8.85 2.87 -0.74
CA VAL A 19 -8.67 2.61 -2.16
C VAL A 19 -7.24 2.11 -2.40
N MET A 20 -6.29 2.80 -1.79
CA MET A 20 -4.89 2.45 -1.92
C MET A 20 -4.66 0.99 -1.53
N ILE A 21 -5.04 0.68 -0.30
CA ILE A 21 -4.88 -0.67 0.22
C ILE A 21 -5.35 -1.68 -0.84
N ASN A 22 -6.65 -1.66 -1.09
CA ASN A 22 -7.23 -2.57 -2.07
C ASN A 22 -6.34 -2.60 -3.31
N GLN A 23 -6.01 -1.42 -3.80
CA GLN A 23 -5.17 -1.30 -4.98
C GLN A 23 -3.91 -2.15 -4.82
N PHE A 24 -3.04 -1.69 -3.92
CA PHE A 24 -1.79 -2.38 -3.66
C PHE A 24 -2.03 -3.90 -3.56
N VAL A 25 -3.18 -4.25 -3.01
CA VAL A 25 -3.53 -5.64 -2.84
C VAL A 25 -3.87 -6.25 -4.20
N LEU A 26 -4.60 -5.46 -5.00
CA LEU A 26 -5.00 -5.91 -6.33
C LEU A 26 -3.77 -5.91 -7.24
N ALA A 27 -2.94 -4.90 -7.08
CA ALA A 27 -1.73 -4.78 -7.87
C ALA A 27 -0.84 -6.00 -7.64
N ALA A 28 -0.57 -6.26 -6.37
CA ALA A 28 0.27 -7.39 -6.00
C ALA A 28 -0.60 -8.64 -5.91
N GLY A 29 -1.34 -8.73 -4.82
CA GLY A 29 -2.22 -9.87 -4.60
C GLY A 29 -1.93 -10.54 -3.25
N CYS A 30 -1.68 -9.70 -2.26
CA CYS A 30 -1.39 -10.19 -0.92
C CYS A 30 -2.62 -9.93 -0.04
N ALA A 31 -2.46 -10.25 1.24
CA ALA A 31 -3.54 -10.07 2.19
C ALA A 31 -3.88 -8.58 2.28
N ALA A 32 -5.18 -8.31 2.39
CA ALA A 32 -5.65 -6.95 2.49
C ALA A 32 -5.05 -6.28 3.73
N ASP A 33 -4.63 -7.12 4.66
CA ASP A 33 -4.03 -6.64 5.90
C ASP A 33 -2.62 -6.13 5.61
N GLN A 34 -1.89 -6.93 4.84
CA GLN A 34 -0.53 -6.57 4.48
C GLN A 34 -0.47 -5.12 4.00
N ALA A 35 -1.31 -4.82 3.04
CA ALA A 35 -1.36 -3.47 2.48
C ALA A 35 -1.21 -2.45 3.61
N LYS A 36 -2.22 -2.41 4.47
CA LYS A 36 -2.21 -1.50 5.59
C LYS A 36 -0.81 -1.42 6.18
N GLN A 37 -0.39 -2.53 6.76
CA GLN A 37 0.94 -2.61 7.36
C GLN A 37 2.00 -2.10 6.38
N LEU A 38 2.20 -2.87 5.31
CA LEU A 38 3.17 -2.50 4.30
C LEU A 38 3.11 -0.99 4.05
N LEU A 39 1.98 -0.57 3.49
CA LEU A 39 1.77 0.83 3.19
C LEU A 39 2.29 1.68 4.36
N GLN A 40 1.62 1.55 5.49
CA GLN A 40 2.00 2.29 6.68
C GLN A 40 3.52 2.21 6.90
N ALA A 41 4.00 0.98 6.99
CA ALA A 41 5.42 0.74 7.18
C ALA A 41 6.21 1.47 6.10
N ALA A 42 5.52 1.73 5.00
CA ALA A 42 6.15 2.42 3.88
C ALA A 42 5.66 3.86 3.82
N HIS A 43 5.26 4.37 4.98
CA HIS A 43 4.76 5.72 5.08
C HIS A 43 3.62 5.93 4.07
N TRP A 44 2.99 4.82 3.73
CA TRP A 44 1.88 4.86 2.78
C TRP A 44 2.45 5.22 1.40
N GLN A 45 3.71 4.88 1.21
CA GLN A 45 4.38 5.17 -0.05
C GLN A 45 4.20 4.00 -1.02
N PHE A 46 2.99 3.89 -1.55
CA PHE A 46 2.67 2.84 -2.48
C PHE A 46 3.88 2.50 -3.36
N GLU A 47 4.37 3.51 -4.06
CA GLU A 47 5.51 3.34 -4.93
C GLU A 47 6.59 2.51 -4.23
N THR A 48 7.20 3.11 -3.22
CA THR A 48 8.24 2.45 -2.47
C THR A 48 7.71 1.14 -1.86
N ALA A 49 6.66 1.27 -1.07
CA ALA A 49 6.06 0.12 -0.43
C ALA A 49 5.98 -1.04 -1.42
N LEU A 50 5.41 -0.75 -2.58
CA LEU A 50 5.27 -1.75 -3.62
C LEU A 50 6.67 -2.20 -4.08
N SER A 51 7.50 -1.22 -4.39
CA SER A 51 8.86 -1.50 -4.83
C SER A 51 9.51 -2.51 -3.89
N THR A 52 9.35 -2.27 -2.60
CA THR A 52 9.92 -3.15 -1.59
C THR A 52 9.26 -4.53 -1.66
N PHE A 53 7.99 -4.56 -1.29
CA PHE A 53 7.23 -5.81 -1.30
C PHE A 53 7.62 -6.66 -2.50
N PHE A 54 7.79 -6.00 -3.63
CA PHE A 54 8.15 -6.68 -4.86
C PHE A 54 9.60 -7.16 -4.82
N GLN A 55 10.50 -6.21 -4.61
CA GLN A 55 11.91 -6.51 -4.54
C GLN A 55 12.17 -7.61 -3.50
N GLU A 56 11.20 -7.77 -2.61
CA GLU A 56 11.31 -8.77 -1.55
C GLU A 56 11.10 -10.17 -2.14
N THR A 57 9.96 -10.35 -2.77
CA THR A 57 9.63 -11.64 -3.38
C THR A 57 10.27 -11.75 -4.76
N ASN A 58 11.58 -11.59 -4.80
CA ASN A 58 12.32 -11.67 -6.04
C ASN A 58 12.22 -13.09 -6.59
N ILE A 59 11.38 -13.24 -7.61
CA ILE A 59 11.19 -14.54 -8.23
C ILE A 59 12.55 -15.13 -8.62
N PRO A 60 12.61 -16.49 -8.65
CA PRO A 60 13.84 -17.17 -9.00
C PRO A 60 14.10 -17.10 -10.50
N ASN A 61 14.88 -16.10 -10.89
CA ASN A 61 15.21 -15.90 -12.29
C ASN A 61 16.07 -14.64 -12.44
N SER A 62 17.30 -14.85 -12.90
CA SER A 62 18.22 -13.74 -13.08
C SER A 62 18.70 -13.71 -14.53
N HIS A 63 18.38 -12.62 -15.21
CA HIS A 63 18.79 -12.44 -16.59
C HIS A 63 20.31 -12.38 -16.68
N HIS A 64 20.85 -13.14 -17.62
CA HIS A 64 22.29 -13.18 -17.83
C HIS A 64 22.61 -14.04 -19.05
N HIS A 65 23.81 -13.82 -19.58
CA HIS A 65 24.24 -14.56 -20.76
C HIS A 65 23.22 -14.39 -21.88
N HIS A 66 23.24 -13.21 -22.49
CA HIS A 66 22.32 -12.92 -23.57
C HIS A 66 22.46 -13.98 -24.67
N GLY A 1 -20.01 22.64 -23.57
CA GLY A 1 -20.06 21.74 -22.43
C GLY A 1 -19.24 22.29 -21.25
N SER A 2 -19.91 22.42 -20.12
CA SER A 2 -19.27 22.93 -18.92
C SER A 2 -19.13 21.80 -17.89
N SER A 3 -17.89 21.54 -17.51
CA SER A 3 -17.61 20.51 -16.52
C SER A 3 -16.47 20.94 -15.61
N GLY A 4 -16.80 21.12 -14.34
CA GLY A 4 -15.82 21.54 -13.35
C GLY A 4 -15.78 20.57 -12.17
N SER A 5 -14.62 19.98 -11.96
CA SER A 5 -14.44 19.04 -10.87
C SER A 5 -13.31 19.50 -9.96
N SER A 6 -12.13 19.65 -10.56
CA SER A 6 -10.97 20.09 -9.81
C SER A 6 -10.61 19.05 -8.74
N GLY A 7 -9.34 18.68 -8.73
CA GLY A 7 -8.85 17.70 -7.76
C GLY A 7 -7.92 18.35 -6.73
N MET A 8 -8.49 19.28 -5.97
CA MET A 8 -7.73 19.98 -4.96
C MET A 8 -8.63 20.43 -3.80
N SER A 9 -8.80 19.52 -2.85
CA SER A 9 -9.64 19.80 -1.69
C SER A 9 -9.63 18.60 -0.73
N VAL A 10 -9.15 18.86 0.47
CA VAL A 10 -9.08 17.82 1.48
C VAL A 10 -10.49 17.34 1.82
N ASN A 11 -10.75 16.08 1.51
CA ASN A 11 -12.04 15.49 1.77
C ASN A 11 -11.91 13.96 1.81
N MET A 12 -11.39 13.42 0.71
CA MET A 12 -11.21 11.98 0.60
C MET A 12 -9.87 11.56 1.21
N ASP A 13 -9.86 11.48 2.54
CA ASP A 13 -8.65 11.08 3.25
C ASP A 13 -8.68 9.57 3.48
N GLU A 14 -9.74 9.13 4.13
CA GLU A 14 -9.90 7.71 4.42
C GLU A 14 -10.08 6.91 3.12
N LEU A 15 -11.08 7.33 2.35
CA LEU A 15 -11.37 6.67 1.09
C LEU A 15 -10.06 6.33 0.38
N ARG A 16 -9.28 7.38 0.12
CA ARG A 16 -8.00 7.20 -0.55
C ARG A 16 -7.26 6.00 0.03
N HIS A 17 -7.02 6.05 1.32
CA HIS A 17 -6.33 4.97 2.01
C HIS A 17 -6.93 3.62 1.59
N GLN A 18 -8.20 3.45 1.94
CA GLN A 18 -8.90 2.23 1.62
C GLN A 18 -8.62 1.82 0.17
N VAL A 19 -8.91 2.74 -0.74
CA VAL A 19 -8.69 2.50 -2.15
C VAL A 19 -7.25 2.01 -2.37
N MET A 20 -6.33 2.76 -1.81
CA MET A 20 -4.92 2.43 -1.94
C MET A 20 -4.67 0.96 -1.55
N ILE A 21 -4.88 0.67 -0.28
CA ILE A 21 -4.69 -0.68 0.23
C ILE A 21 -5.21 -1.69 -0.80
N ASN A 22 -6.49 -1.51 -1.15
CA ASN A 22 -7.11 -2.40 -2.12
C ASN A 22 -6.25 -2.47 -3.38
N GLN A 23 -5.95 -1.31 -3.93
CA GLN A 23 -5.13 -1.22 -5.12
C GLN A 23 -3.86 -2.05 -4.95
N PHE A 24 -3.00 -1.60 -4.04
CA PHE A 24 -1.75 -2.29 -3.77
C PHE A 24 -1.96 -3.81 -3.72
N VAL A 25 -2.95 -4.20 -2.93
CA VAL A 25 -3.27 -5.61 -2.78
C VAL A 25 -3.58 -6.21 -4.15
N LEU A 26 -4.27 -5.41 -4.97
CA LEU A 26 -4.63 -5.85 -6.31
C LEU A 26 -3.39 -5.86 -7.20
N ALA A 27 -2.71 -4.73 -7.21
CA ALA A 27 -1.50 -4.60 -8.01
C ALA A 27 -0.64 -5.86 -7.86
N ALA A 28 -0.27 -6.13 -6.61
CA ALA A 28 0.54 -7.29 -6.31
C ALA A 28 -0.35 -8.54 -6.32
N GLY A 29 -1.19 -8.65 -5.31
CA GLY A 29 -2.09 -9.78 -5.20
C GLY A 29 -1.85 -10.55 -3.90
N CYS A 30 -1.58 -9.79 -2.84
CA CYS A 30 -1.32 -10.39 -1.54
C CYS A 30 -2.50 -10.07 -0.62
N ALA A 31 -2.34 -10.42 0.65
CA ALA A 31 -3.38 -10.17 1.64
C ALA A 31 -3.76 -8.70 1.61
N ALA A 32 -4.89 -8.40 2.24
CA ALA A 32 -5.37 -7.03 2.30
C ALA A 32 -4.70 -6.31 3.47
N ASP A 33 -4.87 -6.90 4.66
CA ASP A 33 -4.30 -6.33 5.85
C ASP A 33 -2.83 -5.95 5.60
N GLN A 34 -2.15 -6.85 4.90
CA GLN A 34 -0.75 -6.63 4.57
C GLN A 34 -0.55 -5.20 4.04
N ALA A 35 -1.30 -4.89 3.01
CA ALA A 35 -1.21 -3.57 2.40
C ALA A 35 -1.07 -2.52 3.50
N LYS A 36 -2.06 -2.47 4.37
CA LYS A 36 -2.05 -1.53 5.47
C LYS A 36 -0.64 -1.44 6.07
N GLN A 37 -0.24 -2.51 6.73
CA GLN A 37 1.08 -2.57 7.34
C GLN A 37 2.14 -2.05 6.37
N LEU A 38 2.35 -2.82 5.31
CA LEU A 38 3.33 -2.44 4.31
C LEU A 38 3.23 -0.94 4.04
N LEU A 39 2.08 -0.53 3.53
CA LEU A 39 1.85 0.87 3.23
C LEU A 39 2.26 1.72 4.43
N GLN A 40 1.52 1.55 5.51
CA GLN A 40 1.79 2.29 6.74
C GLN A 40 3.29 2.33 7.01
N ALA A 41 3.83 1.14 7.26
CA ALA A 41 5.25 1.01 7.54
C ALA A 41 6.06 1.69 6.43
N ALA A 42 5.42 1.81 5.27
CA ALA A 42 6.06 2.44 4.12
C ALA A 42 5.57 3.88 4.01
N HIS A 43 5.20 4.45 5.14
CA HIS A 43 4.72 5.81 5.19
C HIS A 43 3.60 6.00 4.16
N TRP A 44 3.00 4.88 3.79
CA TRP A 44 1.92 4.90 2.82
C TRP A 44 2.50 5.27 1.46
N GLN A 45 3.75 4.84 1.25
CA GLN A 45 4.42 5.12 0.00
C GLN A 45 4.22 3.97 -0.99
N PHE A 46 3.02 3.92 -1.55
CA PHE A 46 2.67 2.88 -2.51
C PHE A 46 3.88 2.52 -3.36
N GLU A 47 4.37 3.51 -4.10
CA GLU A 47 5.52 3.30 -4.97
C GLU A 47 6.57 2.45 -4.26
N THR A 48 7.14 3.01 -3.22
CA THR A 48 8.16 2.31 -2.45
C THR A 48 7.61 0.99 -1.90
N ALA A 49 6.54 1.13 -1.12
CA ALA A 49 5.91 -0.04 -0.53
C ALA A 49 5.85 -1.17 -1.56
N LEU A 50 5.28 -0.85 -2.71
CA LEU A 50 5.16 -1.82 -3.79
C LEU A 50 6.56 -2.27 -4.22
N SER A 51 7.39 -1.29 -4.53
CA SER A 51 8.75 -1.56 -4.96
C SER A 51 9.42 -2.54 -3.99
N THR A 52 9.25 -2.26 -2.70
CA THR A 52 9.82 -3.10 -1.67
C THR A 52 9.17 -4.48 -1.68
N PHE A 53 7.89 -4.50 -1.32
CA PHE A 53 7.14 -5.74 -1.29
C PHE A 53 7.54 -6.65 -2.44
N PHE A 54 7.59 -6.07 -3.63
CA PHE A 54 7.96 -6.81 -4.82
C PHE A 54 9.42 -7.25 -4.76
N GLN A 55 10.27 -6.35 -4.29
CA GLN A 55 11.69 -6.64 -4.19
C GLN A 55 11.94 -7.61 -3.02
N GLU A 56 10.96 -7.69 -2.14
CA GLU A 56 11.07 -8.57 -0.99
C GLU A 56 10.17 -9.80 -1.18
N THR A 57 10.64 -10.71 -2.02
CA THR A 57 9.90 -11.92 -2.29
C THR A 57 10.70 -12.85 -3.20
N ASN A 58 10.63 -14.15 -2.90
CA ASN A 58 11.35 -15.14 -3.67
C ASN A 58 10.51 -15.54 -4.88
N ILE A 59 10.70 -14.82 -5.98
CA ILE A 59 9.96 -15.09 -7.19
C ILE A 59 10.77 -16.06 -8.07
N PRO A 60 10.02 -16.77 -8.95
CA PRO A 60 10.65 -17.74 -9.85
C PRO A 60 11.39 -17.03 -10.98
N ASN A 61 12.72 -17.05 -10.89
CA ASN A 61 13.55 -16.41 -11.90
C ASN A 61 13.44 -17.20 -13.20
N SER A 62 13.79 -16.52 -14.29
CA SER A 62 13.72 -17.14 -15.61
C SER A 62 14.25 -16.18 -16.67
N HIS A 63 15.41 -16.52 -17.21
CA HIS A 63 16.03 -15.69 -18.23
C HIS A 63 15.74 -16.27 -19.61
N HIS A 64 14.76 -15.68 -20.27
CA HIS A 64 14.38 -16.12 -21.60
C HIS A 64 13.34 -15.17 -22.19
N HIS A 65 13.36 -15.06 -23.50
CA HIS A 65 12.43 -14.18 -24.19
C HIS A 65 11.48 -15.02 -25.06
N HIS A 66 10.32 -15.32 -24.49
CA HIS A 66 9.32 -16.10 -25.19
C HIS A 66 8.94 -15.40 -26.49
N GLY A 1 -33.59 4.55 10.14
CA GLY A 1 -32.29 3.90 10.06
C GLY A 1 -31.17 4.96 10.07
N SER A 2 -30.64 5.22 8.89
CA SER A 2 -29.56 6.18 8.76
C SER A 2 -30.04 7.39 7.95
N SER A 3 -29.62 8.57 8.39
CA SER A 3 -30.00 9.80 7.71
C SER A 3 -28.79 10.38 6.98
N GLY A 4 -28.95 10.54 5.67
CA GLY A 4 -27.90 11.09 4.84
C GLY A 4 -28.41 11.40 3.43
N SER A 5 -27.68 12.27 2.75
CA SER A 5 -28.04 12.66 1.40
C SER A 5 -26.79 13.02 0.60
N SER A 6 -26.76 12.54 -0.64
CA SER A 6 -25.63 12.81 -1.51
C SER A 6 -25.17 14.26 -1.35
N GLY A 7 -23.86 14.42 -1.22
CA GLY A 7 -23.28 15.74 -1.06
C GLY A 7 -21.76 15.71 -1.24
N MET A 8 -21.32 16.21 -2.38
CA MET A 8 -19.90 16.25 -2.69
C MET A 8 -19.21 14.97 -2.22
N SER A 9 -19.80 13.84 -2.60
CA SER A 9 -19.26 12.55 -2.22
C SER A 9 -18.48 11.93 -3.40
N VAL A 10 -17.25 12.39 -3.56
CA VAL A 10 -16.41 11.89 -4.63
C VAL A 10 -15.26 11.08 -4.05
N ASN A 11 -14.56 11.70 -3.10
CA ASN A 11 -13.44 11.05 -2.44
C ASN A 11 -13.24 11.65 -1.05
N MET A 12 -12.41 10.99 -0.26
CA MET A 12 -12.13 11.44 1.09
C MET A 12 -10.75 10.99 1.55
N ASP A 13 -10.14 11.80 2.38
CA ASP A 13 -8.82 11.50 2.91
C ASP A 13 -8.75 10.02 3.30
N GLU A 14 -9.68 9.64 4.16
CA GLU A 14 -9.74 8.26 4.62
C GLU A 14 -10.12 7.33 3.47
N LEU A 15 -10.82 7.90 2.49
CA LEU A 15 -11.25 7.13 1.33
C LEU A 15 -10.01 6.64 0.57
N ARG A 16 -9.21 7.59 0.13
CA ARG A 16 -8.01 7.26 -0.61
C ARG A 16 -7.32 6.03 0.00
N HIS A 17 -7.02 6.14 1.28
CA HIS A 17 -6.36 5.04 1.99
C HIS A 17 -6.98 3.71 1.54
N GLN A 18 -8.25 3.54 1.90
CA GLN A 18 -8.96 2.32 1.55
C GLN A 18 -8.67 1.93 0.10
N VAL A 19 -8.93 2.86 -0.80
CA VAL A 19 -8.70 2.63 -2.21
C VAL A 19 -7.28 2.11 -2.41
N MET A 20 -6.33 2.85 -1.86
CA MET A 20 -4.93 2.47 -1.97
C MET A 20 -4.72 1.00 -1.59
N ILE A 21 -4.94 0.72 -0.31
CA ILE A 21 -4.79 -0.64 0.19
C ILE A 21 -5.34 -1.62 -0.83
N ASN A 22 -6.61 -1.42 -1.18
CA ASN A 22 -7.28 -2.28 -2.15
C ASN A 22 -6.39 -2.42 -3.39
N GLN A 23 -5.96 -1.27 -3.91
CA GLN A 23 -5.12 -1.26 -5.08
C GLN A 23 -3.88 -2.12 -4.87
N PHE A 24 -3.07 -1.70 -3.90
CA PHE A 24 -1.86 -2.42 -3.57
C PHE A 24 -2.10 -3.93 -3.51
N VAL A 25 -3.13 -4.29 -2.76
CA VAL A 25 -3.50 -5.69 -2.61
C VAL A 25 -3.82 -6.28 -3.98
N LEU A 26 -4.34 -5.42 -4.84
CA LEU A 26 -4.69 -5.86 -6.19
C LEU A 26 -3.43 -5.94 -7.04
N ALA A 27 -2.74 -4.80 -7.15
CA ALA A 27 -1.53 -4.73 -7.93
C ALA A 27 -0.60 -5.87 -7.52
N ALA A 28 -0.38 -5.98 -6.22
CA ALA A 28 0.48 -7.03 -5.70
C ALA A 28 -0.25 -8.37 -5.78
N GLY A 29 -1.31 -8.48 -4.99
CA GLY A 29 -2.09 -9.71 -4.96
C GLY A 29 -1.88 -10.45 -3.65
N CYS A 30 -1.59 -9.70 -2.61
CA CYS A 30 -1.35 -10.28 -1.29
C CYS A 30 -2.57 -9.99 -0.42
N ALA A 31 -2.45 -10.35 0.86
CA ALA A 31 -3.52 -10.13 1.81
C ALA A 31 -3.88 -8.64 1.82
N ALA A 32 -5.06 -8.35 2.37
CA ALA A 32 -5.52 -6.98 2.46
C ALA A 32 -4.82 -6.28 3.63
N ASP A 33 -4.77 -6.98 4.75
CA ASP A 33 -4.14 -6.44 5.94
C ASP A 33 -2.70 -6.03 5.61
N GLN A 34 -2.02 -6.90 4.87
CA GLN A 34 -0.65 -6.65 4.48
C GLN A 34 -0.51 -5.21 3.96
N ALA A 35 -1.32 -4.88 2.98
CA ALA A 35 -1.30 -3.55 2.39
C ALA A 35 -1.17 -2.51 3.50
N LYS A 36 -2.18 -2.46 4.36
CA LYS A 36 -2.17 -1.52 5.47
C LYS A 36 -0.77 -1.44 6.07
N GLN A 37 -0.36 -2.56 6.67
CA GLN A 37 0.95 -2.63 7.28
C GLN A 37 2.03 -2.12 6.31
N LEU A 38 2.24 -2.89 5.26
CA LEU A 38 3.23 -2.54 4.25
C LEU A 38 3.16 -1.03 3.99
N LEU A 39 2.03 -0.61 3.43
CA LEU A 39 1.83 0.79 3.12
C LEU A 39 2.33 1.65 4.29
N GLN A 40 1.63 1.51 5.41
CA GLN A 40 1.99 2.26 6.60
C GLN A 40 3.50 2.19 6.84
N ALA A 41 3.99 0.96 6.97
CA ALA A 41 5.40 0.75 7.20
C ALA A 41 6.21 1.48 6.12
N ALA A 42 5.54 1.76 5.02
CA ALA A 42 6.19 2.45 3.90
C ALA A 42 5.65 3.88 3.83
N HIS A 43 5.26 4.40 4.99
CA HIS A 43 4.73 5.75 5.07
C HIS A 43 3.59 5.92 4.07
N TRP A 44 2.97 4.79 3.73
CA TRP A 44 1.87 4.80 2.79
C TRP A 44 2.43 5.16 1.41
N GLN A 45 3.70 4.84 1.22
CA GLN A 45 4.36 5.12 -0.04
C GLN A 45 4.19 3.94 -1.01
N PHE A 46 2.97 3.83 -1.54
CA PHE A 46 2.66 2.76 -2.48
C PHE A 46 3.87 2.43 -3.35
N GLU A 47 4.36 3.44 -4.06
CA GLU A 47 5.50 3.26 -4.93
C GLU A 47 6.60 2.47 -4.21
N THR A 48 7.00 3.00 -3.06
CA THR A 48 8.04 2.36 -2.28
C THR A 48 7.55 1.01 -1.73
N ALA A 49 6.44 1.08 -1.00
CA ALA A 49 5.85 -0.12 -0.42
C ALA A 49 5.86 -1.23 -1.46
N LEU A 50 5.31 -0.92 -2.63
CA LEU A 50 5.24 -1.89 -3.72
C LEU A 50 6.66 -2.26 -4.14
N SER A 51 7.41 -1.26 -4.57
CA SER A 51 8.78 -1.48 -5.01
C SER A 51 9.50 -2.40 -4.02
N THR A 52 9.31 -2.10 -2.74
CA THR A 52 9.94 -2.89 -1.69
C THR A 52 9.37 -4.30 -1.67
N PHE A 53 8.11 -4.39 -1.29
CA PHE A 53 7.42 -5.68 -1.22
C PHE A 53 7.86 -6.58 -2.37
N PHE A 54 7.83 -6.02 -3.57
CA PHE A 54 8.21 -6.77 -4.76
C PHE A 54 9.67 -7.20 -4.68
N GLN A 55 10.52 -6.25 -4.31
CA GLN A 55 11.95 -6.52 -4.20
C GLN A 55 12.20 -7.62 -3.16
N GLU A 56 12.56 -7.19 -1.97
CA GLU A 56 12.83 -8.12 -0.89
C GLU A 56 13.57 -9.35 -1.42
N THR A 57 14.44 -9.10 -2.40
CA THR A 57 15.21 -10.17 -3.00
C THR A 57 14.35 -11.43 -3.15
N ASN A 58 13.12 -11.23 -3.60
CA ASN A 58 12.19 -12.32 -3.79
C ASN A 58 12.82 -13.34 -4.75
N ILE A 59 13.69 -12.85 -5.61
CA ILE A 59 14.37 -13.70 -6.57
C ILE A 59 15.25 -14.71 -5.83
N PRO A 60 15.52 -15.85 -6.52
CA PRO A 60 16.34 -16.90 -5.94
C PRO A 60 17.81 -16.50 -5.95
N ASN A 61 18.46 -16.74 -4.82
CA ASN A 61 19.87 -16.41 -4.68
C ASN A 61 20.48 -17.26 -3.56
N SER A 62 19.93 -17.09 -2.37
CA SER A 62 20.41 -17.83 -1.21
C SER A 62 21.87 -17.49 -0.94
N HIS A 63 22.06 -16.39 -0.22
CA HIS A 63 23.40 -15.94 0.12
C HIS A 63 24.03 -16.91 1.12
N HIS A 64 25.32 -16.70 1.36
CA HIS A 64 26.05 -17.55 2.29
C HIS A 64 26.14 -16.87 3.65
N HIS A 65 26.77 -15.71 3.66
CA HIS A 65 26.92 -14.94 4.89
C HIS A 65 27.67 -15.79 5.93
N HIS A 66 28.29 -15.09 6.88
CA HIS A 66 29.04 -15.76 7.92
C HIS A 66 30.19 -16.57 7.30
N GLY A 1 -2.20 21.25 -12.29
CA GLY A 1 -2.43 20.09 -11.46
C GLY A 1 -3.72 20.23 -10.65
N SER A 2 -3.54 20.50 -9.35
CA SER A 2 -4.68 20.66 -8.47
C SER A 2 -4.63 22.04 -7.81
N SER A 3 -5.78 22.45 -7.27
CA SER A 3 -5.87 23.74 -6.62
C SER A 3 -7.14 23.79 -5.76
N GLY A 4 -6.93 23.91 -4.45
CA GLY A 4 -8.04 23.96 -3.52
C GLY A 4 -8.76 25.32 -3.61
N SER A 5 -10.03 25.24 -3.99
CA SER A 5 -10.84 26.44 -4.12
C SER A 5 -11.04 27.10 -2.74
N SER A 6 -10.17 28.06 -2.46
CA SER A 6 -10.23 28.77 -1.19
C SER A 6 -10.10 27.78 -0.03
N GLY A 7 -8.88 27.67 0.47
CA GLY A 7 -8.59 26.76 1.57
C GLY A 7 -7.98 25.46 1.06
N MET A 8 -7.16 24.85 1.92
CA MET A 8 -6.50 23.61 1.57
C MET A 8 -7.02 22.46 2.45
N SER A 9 -8.33 22.27 2.39
CA SER A 9 -8.96 21.21 3.17
C SER A 9 -8.82 19.87 2.44
N VAL A 10 -7.94 19.03 2.97
CA VAL A 10 -7.71 17.73 2.38
C VAL A 10 -9.04 16.99 2.23
N ASN A 11 -9.35 16.65 0.99
CA ASN A 11 -10.59 15.95 0.70
C ASN A 11 -10.30 14.46 0.50
N MET A 12 -11.29 13.64 0.81
CA MET A 12 -11.15 12.21 0.66
C MET A 12 -9.80 11.73 1.22
N ASP A 13 -9.74 11.64 2.54
CA ASP A 13 -8.52 11.21 3.21
C ASP A 13 -8.60 9.70 3.47
N GLU A 14 -9.66 9.32 4.19
CA GLU A 14 -9.87 7.92 4.52
C GLU A 14 -10.08 7.10 3.24
N LEU A 15 -11.08 7.51 2.48
CA LEU A 15 -11.40 6.82 1.24
C LEU A 15 -10.11 6.45 0.51
N ARG A 16 -9.36 7.49 0.16
CA ARG A 16 -8.10 7.28 -0.54
C ARG A 16 -7.37 6.06 0.02
N HIS A 17 -7.09 6.12 1.32
CA HIS A 17 -6.39 5.03 1.99
C HIS A 17 -6.99 3.69 1.54
N GLN A 18 -8.22 3.46 1.97
CA GLN A 18 -8.92 2.23 1.62
C GLN A 18 -8.65 1.86 0.16
N VAL A 19 -8.94 2.81 -0.72
CA VAL A 19 -8.73 2.60 -2.14
C VAL A 19 -7.31 2.09 -2.37
N MET A 20 -6.35 2.85 -1.87
CA MET A 20 -4.95 2.49 -2.02
C MET A 20 -4.73 1.01 -1.66
N ILE A 21 -4.94 0.71 -0.38
CA ILE A 21 -4.77 -0.64 0.11
C ILE A 21 -5.37 -1.62 -0.90
N ASN A 22 -6.66 -1.47 -1.14
CA ASN A 22 -7.35 -2.34 -2.08
C ASN A 22 -6.54 -2.45 -3.36
N GLN A 23 -6.07 -1.29 -3.83
CA GLN A 23 -5.29 -1.25 -5.06
C GLN A 23 -4.00 -2.06 -4.88
N PHE A 24 -3.14 -1.56 -3.99
CA PHE A 24 -1.87 -2.22 -3.72
C PHE A 24 -2.05 -3.73 -3.64
N VAL A 25 -3.07 -4.13 -2.89
CA VAL A 25 -3.35 -5.55 -2.71
C VAL A 25 -3.64 -6.18 -4.08
N LEU A 26 -4.37 -5.44 -4.91
CA LEU A 26 -4.70 -5.91 -6.23
C LEU A 26 -3.46 -5.87 -7.12
N ALA A 27 -2.80 -4.72 -7.12
CA ALA A 27 -1.60 -4.54 -7.91
C ALA A 27 -0.70 -5.76 -7.74
N ALA A 28 -0.36 -6.04 -6.50
CA ALA A 28 0.50 -7.17 -6.19
C ALA A 28 -0.35 -8.44 -6.09
N GLY A 29 -1.02 -8.57 -4.96
CA GLY A 29 -1.87 -9.73 -4.72
C GLY A 29 -1.58 -10.36 -3.36
N CYS A 30 -1.42 -9.50 -2.36
CA CYS A 30 -1.15 -9.96 -1.01
C CYS A 30 -2.42 -9.79 -0.18
N ALA A 31 -2.27 -10.07 1.11
CA ALA A 31 -3.40 -9.95 2.02
C ALA A 31 -3.76 -8.48 2.21
N ALA A 32 -5.04 -8.20 2.13
CA ALA A 32 -5.53 -6.84 2.28
C ALA A 32 -4.87 -6.20 3.50
N ASP A 33 -4.74 -7.00 4.55
CA ASP A 33 -4.13 -6.53 5.78
C ASP A 33 -2.71 -6.05 5.50
N GLN A 34 -1.92 -6.95 4.92
CA GLN A 34 -0.55 -6.63 4.59
C GLN A 34 -0.44 -5.19 4.06
N ALA A 35 -1.26 -4.91 3.06
CA ALA A 35 -1.28 -3.59 2.46
C ALA A 35 -1.14 -2.53 3.55
N LYS A 36 -2.17 -2.48 4.39
CA LYS A 36 -2.19 -1.52 5.49
C LYS A 36 -0.78 -1.43 6.10
N GLN A 37 -0.34 -2.54 6.67
CA GLN A 37 0.97 -2.60 7.29
C GLN A 37 2.04 -2.08 6.32
N LEU A 38 2.27 -2.85 5.26
CA LEU A 38 3.25 -2.48 4.26
C LEU A 38 3.16 -0.97 4.00
N LEU A 39 2.01 -0.55 3.50
CA LEU A 39 1.78 0.85 3.21
C LEU A 39 2.27 1.70 4.39
N GLN A 40 1.57 1.56 5.51
CA GLN A 40 1.91 2.30 6.71
C GLN A 40 3.43 2.26 6.94
N ALA A 41 3.93 1.05 7.11
CA ALA A 41 5.35 0.86 7.34
C ALA A 41 6.15 1.53 6.22
N ALA A 42 5.46 1.76 5.11
CA ALA A 42 6.09 2.40 3.97
C ALA A 42 5.59 3.85 3.86
N HIS A 43 5.21 4.38 5.02
CA HIS A 43 4.72 5.75 5.07
C HIS A 43 3.59 5.94 4.04
N TRP A 44 2.98 4.82 3.68
CA TRP A 44 1.89 4.84 2.72
C TRP A 44 2.48 5.20 1.35
N GLN A 45 3.74 4.81 1.17
CA GLN A 45 4.42 5.09 -0.09
C GLN A 45 4.22 3.93 -1.06
N PHE A 46 3.01 3.88 -1.61
CA PHE A 46 2.66 2.83 -2.56
C PHE A 46 3.87 2.45 -3.42
N GLU A 47 4.38 3.46 -4.13
CA GLU A 47 5.53 3.26 -4.99
C GLU A 47 6.59 2.40 -4.28
N THR A 48 7.19 3.00 -3.26
CA THR A 48 8.22 2.31 -2.50
C THR A 48 7.68 1.00 -1.94
N ALA A 49 6.64 1.12 -1.11
CA ALA A 49 6.03 -0.05 -0.51
C ALA A 49 5.94 -1.17 -1.56
N LEU A 50 5.32 -0.84 -2.67
CA LEU A 50 5.17 -1.81 -3.75
C LEU A 50 6.55 -2.26 -4.22
N SER A 51 7.42 -1.30 -4.44
CA SER A 51 8.77 -1.58 -4.88
C SER A 51 9.43 -2.58 -3.93
N THR A 52 9.40 -2.23 -2.65
CA THR A 52 10.00 -3.08 -1.63
C THR A 52 9.34 -4.46 -1.64
N PHE A 53 8.06 -4.47 -1.30
CA PHE A 53 7.30 -5.71 -1.26
C PHE A 53 7.72 -6.64 -2.39
N PHE A 54 7.92 -6.04 -3.56
CA PHE A 54 8.32 -6.80 -4.73
C PHE A 54 9.71 -7.40 -4.56
N GLN A 55 10.69 -6.51 -4.35
CA GLN A 55 12.06 -6.93 -4.16
C GLN A 55 12.33 -7.20 -2.69
N GLU A 56 11.61 -8.16 -2.14
CA GLU A 56 11.77 -8.53 -0.75
C GLU A 56 12.72 -9.70 -0.61
N THR A 57 14.00 -9.43 -0.84
CA THR A 57 15.03 -10.45 -0.74
C THR A 57 16.07 -10.07 0.30
N ASN A 58 15.67 -10.18 1.56
CA ASN A 58 16.56 -9.84 2.66
C ASN A 58 15.81 -10.00 3.98
N ILE A 59 16.11 -11.08 4.67
CA ILE A 59 15.47 -11.37 5.94
C ILE A 59 16.14 -10.53 7.04
N PRO A 60 15.38 -10.30 8.13
CA PRO A 60 15.89 -9.52 9.26
C PRO A 60 16.88 -10.34 10.08
N ASN A 61 16.42 -11.50 10.53
CA ASN A 61 17.26 -12.37 11.33
C ASN A 61 16.67 -13.79 11.32
N SER A 62 17.56 -14.76 11.26
CA SER A 62 17.14 -16.15 11.24
C SER A 62 16.35 -16.44 9.96
N HIS A 63 16.89 -17.35 9.16
CA HIS A 63 16.26 -17.73 7.91
C HIS A 63 15.06 -18.64 8.20
N HIS A 64 14.00 -18.02 8.73
CA HIS A 64 12.79 -18.76 9.05
C HIS A 64 11.70 -18.44 8.04
N HIS A 65 10.58 -19.13 8.17
CA HIS A 65 9.47 -18.93 7.27
C HIS A 65 9.86 -19.38 5.86
N HIS A 66 8.83 -19.59 5.03
CA HIS A 66 9.06 -20.02 3.66
C HIS A 66 7.80 -19.77 2.84
N GLY A 1 15.46 16.76 3.37
CA GLY A 1 14.16 17.36 3.58
C GLY A 1 13.43 16.70 4.75
N SER A 2 12.93 17.54 5.64
CA SER A 2 12.22 17.05 6.81
C SER A 2 10.73 17.38 6.70
N SER A 3 9.93 16.32 6.68
CA SER A 3 8.48 16.48 6.57
C SER A 3 7.79 15.15 6.82
N GLY A 4 6.72 15.21 7.61
CA GLY A 4 5.97 14.02 7.94
C GLY A 4 4.81 14.34 8.90
N SER A 5 3.61 14.01 8.45
CA SER A 5 2.43 14.26 9.25
C SER A 5 1.31 13.29 8.85
N SER A 6 0.39 13.09 9.78
CA SER A 6 -0.72 12.18 9.55
C SER A 6 -1.77 12.34 10.66
N GLY A 7 -3.02 12.14 10.28
CA GLY A 7 -4.11 12.26 11.23
C GLY A 7 -5.10 11.10 11.07
N MET A 8 -6.11 11.10 11.93
CA MET A 8 -7.12 10.06 11.90
C MET A 8 -7.53 9.75 10.46
N SER A 9 -7.99 8.51 10.26
CA SER A 9 -8.42 8.07 8.96
C SER A 9 -9.87 8.49 8.70
N VAL A 10 -10.04 9.75 8.34
CA VAL A 10 -11.36 10.29 8.07
C VAL A 10 -11.28 11.27 6.90
N ASN A 11 -12.43 11.78 6.51
CA ASN A 11 -12.52 12.72 5.41
C ASN A 11 -12.18 12.00 4.11
N MET A 12 -12.38 12.71 3.01
CA MET A 12 -12.11 12.15 1.69
C MET A 12 -10.81 11.33 1.70
N ASP A 13 -9.83 11.86 2.41
CA ASP A 13 -8.54 11.19 2.51
C ASP A 13 -8.76 9.70 2.76
N GLU A 14 -9.61 9.42 3.74
CA GLU A 14 -9.92 8.04 4.10
C GLU A 14 -10.06 7.20 2.84
N LEU A 15 -10.97 7.62 1.97
CA LEU A 15 -11.21 6.91 0.73
C LEU A 15 -9.87 6.48 0.12
N ARG A 16 -9.06 7.48 -0.20
CA ARG A 16 -7.75 7.22 -0.79
C ARG A 16 -7.12 5.99 -0.14
N HIS A 17 -6.95 6.08 1.17
CA HIS A 17 -6.34 4.99 1.92
C HIS A 17 -6.98 3.66 1.50
N GLN A 18 -8.23 3.49 1.87
CA GLN A 18 -8.96 2.28 1.54
C GLN A 18 -8.63 1.85 0.11
N VAL A 19 -8.92 2.74 -0.83
CA VAL A 19 -8.65 2.45 -2.24
C VAL A 19 -7.22 1.95 -2.39
N MET A 20 -6.29 2.77 -1.89
CA MET A 20 -4.88 2.43 -1.97
C MET A 20 -4.65 0.97 -1.56
N ILE A 21 -4.89 0.71 -0.29
CA ILE A 21 -4.71 -0.63 0.24
C ILE A 21 -5.20 -1.65 -0.77
N ASN A 22 -6.50 -1.60 -1.05
CA ASN A 22 -7.10 -2.51 -2.00
C ASN A 22 -6.25 -2.55 -3.27
N GLN A 23 -5.98 -1.37 -3.79
CA GLN A 23 -5.18 -1.26 -5.01
C GLN A 23 -3.91 -2.10 -4.89
N PHE A 24 -3.01 -1.64 -4.04
CA PHE A 24 -1.75 -2.34 -3.82
C PHE A 24 -1.98 -3.85 -3.72
N VAL A 25 -3.07 -4.21 -3.06
CA VAL A 25 -3.42 -5.61 -2.89
C VAL A 25 -3.79 -6.21 -4.25
N LEU A 26 -4.55 -5.45 -5.01
CA LEU A 26 -4.98 -5.89 -6.32
C LEU A 26 -3.79 -5.87 -7.28
N ALA A 27 -2.90 -4.91 -7.06
CA ALA A 27 -1.72 -4.77 -7.88
C ALA A 27 -0.81 -5.99 -7.67
N ALA A 28 -0.57 -6.29 -6.40
CA ALA A 28 0.27 -7.42 -6.05
C ALA A 28 -0.58 -8.68 -5.93
N GLY A 29 -1.26 -8.79 -4.79
CA GLY A 29 -2.11 -9.94 -4.55
C GLY A 29 -1.79 -10.58 -3.20
N CYS A 30 -1.58 -9.73 -2.22
CA CYS A 30 -1.25 -10.20 -0.88
C CYS A 30 -2.45 -9.93 0.03
N ALA A 31 -2.30 -10.32 1.30
CA ALA A 31 -3.37 -10.11 2.27
C ALA A 31 -3.70 -8.62 2.36
N ALA A 32 -4.99 -8.35 2.39
CA ALA A 32 -5.45 -6.96 2.48
C ALA A 32 -4.84 -6.30 3.71
N ASP A 33 -4.54 -7.13 4.71
CA ASP A 33 -3.96 -6.62 5.94
C ASP A 33 -2.54 -6.13 5.65
N GLN A 34 -1.81 -6.93 4.89
CA GLN A 34 -0.44 -6.57 4.54
C GLN A 34 -0.37 -5.13 4.04
N ALA A 35 -1.20 -4.84 3.04
CA ALA A 35 -1.25 -3.50 2.47
C ALA A 35 -1.14 -2.47 3.58
N LYS A 36 -2.17 -2.44 4.42
CA LYS A 36 -2.21 -1.50 5.53
C LYS A 36 -0.82 -1.41 6.15
N GLN A 37 -0.39 -2.52 6.74
CA GLN A 37 0.92 -2.57 7.37
C GLN A 37 2.00 -2.04 6.43
N LEU A 38 2.23 -2.81 5.37
CA LEU A 38 3.23 -2.44 4.38
C LEU A 38 3.15 -0.93 4.12
N LEU A 39 2.03 -0.53 3.52
CA LEU A 39 1.81 0.88 3.22
C LEU A 39 2.30 1.73 4.39
N GLN A 40 1.60 1.60 5.51
CA GLN A 40 1.95 2.35 6.70
C GLN A 40 3.45 2.28 6.95
N ALA A 41 3.94 1.06 7.09
CA ALA A 41 5.36 0.85 7.33
C ALA A 41 6.18 1.58 6.26
N ALA A 42 5.51 1.85 5.14
CA ALA A 42 6.16 2.54 4.03
C ALA A 42 5.63 3.98 3.96
N HIS A 43 5.23 4.48 5.12
CA HIS A 43 4.70 5.84 5.19
C HIS A 43 3.57 6.00 4.18
N TRP A 44 2.96 4.89 3.83
CA TRP A 44 1.86 4.89 2.88
C TRP A 44 2.43 5.26 1.50
N GLN A 45 3.70 4.94 1.33
CA GLN A 45 4.38 5.22 0.07
C GLN A 45 4.19 4.06 -0.91
N PHE A 46 3.00 3.98 -1.46
CA PHE A 46 2.69 2.92 -2.41
C PHE A 46 3.91 2.56 -3.25
N GLU A 47 4.36 3.54 -4.02
CA GLU A 47 5.52 3.33 -4.88
C GLU A 47 6.58 2.51 -4.15
N THR A 48 7.13 3.09 -3.10
CA THR A 48 8.15 2.44 -2.31
C THR A 48 7.61 1.12 -1.75
N ALA A 49 6.53 1.23 -1.01
CA ALA A 49 5.91 0.06 -0.40
C ALA A 49 5.90 -1.09 -1.42
N LEU A 50 5.32 -0.80 -2.58
CA LEU A 50 5.23 -1.80 -3.64
C LEU A 50 6.64 -2.23 -4.04
N SER A 51 7.44 -1.25 -4.43
CA SER A 51 8.81 -1.51 -4.84
C SER A 51 9.46 -2.50 -3.88
N THR A 52 9.19 -2.28 -2.59
CA THR A 52 9.75 -3.13 -1.56
C THR A 52 9.13 -4.53 -1.63
N PHE A 53 7.84 -4.59 -1.34
CA PHE A 53 7.12 -5.86 -1.38
C PHE A 53 7.50 -6.67 -2.61
N PHE A 54 7.50 -5.99 -3.75
CA PHE A 54 7.84 -6.63 -5.01
C PHE A 54 9.27 -7.17 -4.98
N GLN A 55 10.19 -6.31 -4.57
CA GLN A 55 11.60 -6.69 -4.49
C GLN A 55 11.79 -7.75 -3.41
N GLU A 56 10.82 -7.83 -2.51
CA GLU A 56 10.88 -8.80 -1.43
C GLU A 56 10.56 -10.20 -1.94
N THR A 57 9.34 -10.35 -2.44
CA THR A 57 8.89 -11.64 -2.96
C THR A 57 9.44 -12.78 -2.11
N ASN A 58 8.87 -12.92 -0.92
CA ASN A 58 9.28 -13.96 0.00
C ASN A 58 10.75 -13.75 0.37
N ILE A 59 10.97 -13.51 1.65
CA ILE A 59 12.32 -13.28 2.15
C ILE A 59 12.97 -14.64 2.46
N PRO A 60 14.33 -14.62 2.48
CA PRO A 60 15.09 -15.83 2.77
C PRO A 60 15.02 -16.19 4.24
N ASN A 61 15.33 -17.45 4.54
CA ASN A 61 15.31 -17.93 5.91
C ASN A 61 16.74 -17.90 6.47
N SER A 62 16.82 -17.77 7.78
CA SER A 62 18.11 -17.73 8.45
C SER A 62 19.06 -16.80 7.70
N HIS A 63 18.90 -15.51 7.97
CA HIS A 63 19.74 -14.51 7.32
C HIS A 63 20.75 -13.97 8.34
N HIS A 64 20.22 -13.32 9.36
CA HIS A 64 21.07 -12.75 10.40
C HIS A 64 22.08 -13.79 10.88
N HIS A 65 21.54 -14.89 11.40
CA HIS A 65 22.39 -15.96 11.89
C HIS A 65 23.46 -16.29 10.85
N HIS A 66 24.44 -17.07 11.29
CA HIS A 66 25.53 -17.47 10.41
C HIS A 66 24.95 -17.99 9.08
N GLY A 1 -15.81 24.50 -22.14
CA GLY A 1 -16.82 23.79 -21.36
C GLY A 1 -16.17 22.69 -20.51
N SER A 2 -16.15 22.92 -19.20
CA SER A 2 -15.57 21.96 -18.28
C SER A 2 -16.27 22.05 -16.93
N SER A 3 -17.01 20.99 -16.62
CA SER A 3 -17.74 20.93 -15.36
C SER A 3 -16.88 20.27 -14.29
N GLY A 4 -17.00 20.78 -13.07
CA GLY A 4 -16.24 20.25 -11.95
C GLY A 4 -15.16 21.24 -11.50
N SER A 5 -15.57 22.17 -10.65
CA SER A 5 -14.65 23.17 -10.15
C SER A 5 -15.26 23.89 -8.95
N SER A 6 -15.15 23.25 -7.79
CA SER A 6 -15.69 23.83 -6.57
C SER A 6 -15.25 22.99 -5.37
N GLY A 7 -14.84 23.69 -4.32
CA GLY A 7 -14.40 23.02 -3.11
C GLY A 7 -15.57 22.80 -2.13
N MET A 8 -15.63 21.60 -1.59
CA MET A 8 -16.67 21.25 -0.66
C MET A 8 -16.09 20.75 0.67
N SER A 9 -16.92 20.81 1.70
CA SER A 9 -16.50 20.37 3.02
C SER A 9 -16.85 18.90 3.22
N VAL A 10 -15.91 18.04 2.86
CA VAL A 10 -16.10 16.60 2.99
C VAL A 10 -14.75 15.92 3.05
N ASN A 11 -13.87 16.31 2.14
CA ASN A 11 -12.54 15.74 2.07
C ASN A 11 -12.64 14.23 1.86
N MET A 12 -11.53 13.64 1.47
CA MET A 12 -11.49 12.20 1.23
C MET A 12 -10.13 11.62 1.66
N ASP A 13 -10.03 11.35 2.95
CA ASP A 13 -8.80 10.79 3.49
C ASP A 13 -8.91 9.27 3.56
N GLU A 14 -9.94 8.82 4.28
CA GLU A 14 -10.18 7.39 4.43
C GLU A 14 -10.26 6.72 3.06
N LEU A 15 -11.20 7.21 2.25
CA LEU A 15 -11.39 6.67 0.92
C LEU A 15 -10.02 6.37 0.28
N ARG A 16 -9.29 7.44 0.03
CA ARG A 16 -7.97 7.32 -0.57
C ARG A 16 -7.24 6.12 0.01
N HIS A 17 -7.08 6.14 1.33
CA HIS A 17 -6.40 5.06 2.02
C HIS A 17 -6.97 3.71 1.56
N GLN A 18 -8.23 3.48 1.91
CA GLN A 18 -8.89 2.24 1.55
C GLN A 18 -8.59 1.89 0.09
N VAL A 19 -8.92 2.81 -0.80
CA VAL A 19 -8.68 2.61 -2.22
C VAL A 19 -7.26 2.11 -2.43
N MET A 20 -6.31 2.85 -1.89
CA MET A 20 -4.91 2.49 -2.00
C MET A 20 -4.69 1.03 -1.62
N ILE A 21 -4.93 0.74 -0.35
CA ILE A 21 -4.76 -0.61 0.16
C ILE A 21 -5.32 -1.61 -0.86
N ASN A 22 -6.62 -1.49 -1.10
CA ASN A 22 -7.30 -2.36 -2.04
C ASN A 22 -6.48 -2.45 -3.33
N GLN A 23 -6.07 -1.29 -3.82
CA GLN A 23 -5.28 -1.23 -5.04
C GLN A 23 -4.02 -2.07 -4.89
N PHE A 24 -3.15 -1.61 -4.00
CA PHE A 24 -1.89 -2.31 -3.74
C PHE A 24 -2.11 -3.83 -3.66
N VAL A 25 -3.12 -4.19 -2.88
CA VAL A 25 -3.45 -5.60 -2.70
C VAL A 25 -3.79 -6.22 -4.05
N LEU A 26 -4.49 -5.44 -4.87
CA LEU A 26 -4.88 -5.89 -6.19
C LEU A 26 -3.65 -5.93 -7.10
N ALA A 27 -2.87 -4.86 -7.02
CA ALA A 27 -1.67 -4.76 -7.83
C ALA A 27 -0.81 -6.02 -7.63
N ALA A 28 -0.55 -6.32 -6.38
CA ALA A 28 0.25 -7.48 -6.03
C ALA A 28 -0.65 -8.71 -5.97
N GLY A 29 -1.45 -8.78 -4.92
CA GLY A 29 -2.36 -9.89 -4.73
C GLY A 29 -2.07 -10.62 -3.42
N CYS A 30 -1.82 -9.83 -2.39
CA CYS A 30 -1.52 -10.40 -1.07
C CYS A 30 -2.67 -10.06 -0.13
N ALA A 31 -2.50 -10.44 1.12
CA ALA A 31 -3.52 -10.19 2.12
C ALA A 31 -3.78 -8.68 2.21
N ALA A 32 -5.06 -8.33 2.24
CA ALA A 32 -5.45 -6.93 2.32
C ALA A 32 -4.77 -6.28 3.52
N ASP A 33 -4.70 -7.04 4.61
CA ASP A 33 -4.07 -6.54 5.82
C ASP A 33 -2.67 -6.05 5.50
N GLN A 34 -1.89 -6.94 4.89
CA GLN A 34 -0.52 -6.62 4.53
C GLN A 34 -0.44 -5.18 4.02
N ALA A 35 -1.26 -4.89 3.03
CA ALA A 35 -1.28 -3.56 2.44
C ALA A 35 -1.17 -2.52 3.56
N LYS A 36 -2.20 -2.47 4.40
CA LYS A 36 -2.23 -1.54 5.51
C LYS A 36 -0.84 -1.44 6.13
N GLN A 37 -0.40 -2.55 6.70
CA GLN A 37 0.91 -2.61 7.32
C GLN A 37 1.98 -2.10 6.36
N LEU A 38 2.21 -2.88 5.32
CA LEU A 38 3.21 -2.52 4.32
C LEU A 38 3.14 -1.02 4.06
N LEU A 39 2.00 -0.59 3.52
CA LEU A 39 1.80 0.82 3.22
C LEU A 39 2.29 1.67 4.39
N GLN A 40 1.58 1.53 5.51
CA GLN A 40 1.94 2.28 6.70
C GLN A 40 3.44 2.20 6.95
N ALA A 41 3.93 0.99 7.10
CA ALA A 41 5.35 0.77 7.34
C ALA A 41 6.16 1.48 6.25
N ALA A 42 5.50 1.73 5.14
CA ALA A 42 6.13 2.40 4.02
C ALA A 42 5.63 3.85 3.93
N HIS A 43 5.23 4.36 5.08
CA HIS A 43 4.72 5.73 5.15
C HIS A 43 3.60 5.91 4.14
N TRP A 44 2.97 4.80 3.79
CA TRP A 44 1.88 4.81 2.83
C TRP A 44 2.46 5.17 1.46
N GLN A 45 3.72 4.83 1.28
CA GLN A 45 4.41 5.11 0.03
C GLN A 45 4.21 3.94 -0.94
N PHE A 46 3.01 3.87 -1.50
CA PHE A 46 2.68 2.82 -2.45
C PHE A 46 3.90 2.45 -3.29
N GLU A 47 4.36 3.41 -4.06
CA GLU A 47 5.52 3.20 -4.92
C GLU A 47 6.60 2.40 -4.18
N THR A 48 7.15 3.04 -3.15
CA THR A 48 8.19 2.41 -2.36
C THR A 48 7.70 1.04 -1.83
N ALA A 49 6.54 1.09 -1.19
CA ALA A 49 5.96 -0.12 -0.63
C ALA A 49 6.01 -1.24 -1.68
N LEU A 50 5.30 -1.00 -2.77
CA LEU A 50 5.26 -1.98 -3.85
C LEU A 50 6.69 -2.33 -4.27
N SER A 51 7.45 -1.30 -4.62
CA SER A 51 8.82 -1.50 -5.03
C SER A 51 9.54 -2.41 -4.05
N THR A 52 9.34 -2.14 -2.77
CA THR A 52 9.96 -2.93 -1.73
C THR A 52 9.32 -4.33 -1.66
N PHE A 53 8.05 -4.34 -1.28
CA PHE A 53 7.32 -5.59 -1.16
C PHE A 53 7.71 -6.55 -2.29
N PHE A 54 7.94 -5.99 -3.46
CA PHE A 54 8.33 -6.78 -4.61
C PHE A 54 9.77 -7.26 -4.50
N GLN A 55 10.67 -6.30 -4.35
CA GLN A 55 12.09 -6.61 -4.22
C GLN A 55 12.33 -7.51 -3.01
N GLU A 56 11.36 -7.49 -2.09
CA GLU A 56 11.46 -8.29 -0.89
C GLU A 56 11.59 -9.77 -1.25
N THR A 57 10.60 -10.27 -1.96
CA THR A 57 10.59 -11.66 -2.37
C THR A 57 11.14 -12.55 -1.26
N ASN A 58 10.74 -12.23 -0.03
CA ASN A 58 11.18 -12.98 1.13
C ASN A 58 10.94 -14.48 0.88
N ILE A 59 9.89 -14.75 0.10
CA ILE A 59 9.55 -16.12 -0.21
C ILE A 59 10.62 -16.73 -1.13
N PRO A 60 10.70 -18.08 -1.10
CA PRO A 60 11.68 -18.79 -1.92
C PRO A 60 11.25 -18.81 -3.38
N ASN A 61 12.08 -18.22 -4.23
CA ASN A 61 11.81 -18.17 -5.65
C ASN A 61 13.09 -17.79 -6.40
N SER A 62 13.21 -18.34 -7.60
CA SER A 62 14.37 -18.07 -8.43
C SER A 62 14.30 -16.66 -9.00
N HIS A 63 15.29 -15.86 -8.64
CA HIS A 63 15.35 -14.48 -9.11
C HIS A 63 16.69 -14.24 -9.81
N HIS A 64 17.76 -14.38 -9.04
CA HIS A 64 19.10 -14.18 -9.57
C HIS A 64 19.13 -12.89 -10.38
N HIS A 65 19.46 -11.80 -9.69
CA HIS A 65 19.52 -10.50 -10.34
C HIS A 65 20.97 -10.22 -10.78
N HIS A 66 21.13 -9.16 -11.55
CA HIS A 66 22.44 -8.78 -12.04
C HIS A 66 23.16 -10.01 -12.58
N GLY A 1 -3.76 3.59 27.28
CA GLY A 1 -4.37 4.30 26.18
C GLY A 1 -5.52 3.49 25.57
N SER A 2 -6.68 3.64 26.16
CA SER A 2 -7.87 2.94 25.70
C SER A 2 -8.45 3.65 24.47
N SER A 3 -7.86 3.34 23.32
CA SER A 3 -8.31 3.94 22.07
C SER A 3 -9.51 3.17 21.53
N GLY A 4 -10.48 3.92 21.02
CA GLY A 4 -11.68 3.33 20.47
C GLY A 4 -11.96 3.86 19.07
N SER A 5 -13.14 4.45 18.91
CA SER A 5 -13.54 4.99 17.63
C SER A 5 -13.21 6.50 17.57
N SER A 6 -12.85 6.95 16.39
CA SER A 6 -12.52 8.35 16.18
C SER A 6 -12.99 8.82 14.81
N GLY A 7 -14.08 9.57 14.82
CA GLY A 7 -14.64 10.08 13.58
C GLY A 7 -15.89 10.93 13.85
N MET A 8 -16.59 11.26 12.78
CA MET A 8 -17.80 12.07 12.89
C MET A 8 -18.54 12.12 11.56
N SER A 9 -17.82 12.55 10.53
CA SER A 9 -18.40 12.66 9.20
C SER A 9 -17.44 12.06 8.16
N VAL A 10 -18.02 11.68 7.03
CA VAL A 10 -17.24 11.09 5.96
C VAL A 10 -15.91 11.84 5.83
N ASN A 11 -14.84 11.07 5.66
CA ASN A 11 -13.52 11.65 5.52
C ASN A 11 -12.90 11.21 4.19
N MET A 12 -12.52 12.20 3.40
CA MET A 12 -11.92 11.92 2.10
C MET A 12 -10.64 11.10 2.24
N ASP A 13 -9.74 11.61 3.08
CA ASP A 13 -8.47 10.94 3.32
C ASP A 13 -8.71 9.43 3.42
N GLU A 14 -9.60 9.07 4.34
CA GLU A 14 -9.93 7.66 4.54
C GLU A 14 -10.10 6.96 3.20
N LEU A 15 -11.05 7.46 2.41
CA LEU A 15 -11.32 6.88 1.10
C LEU A 15 -10.00 6.53 0.42
N ARG A 16 -9.24 7.57 0.11
CA ARG A 16 -7.95 7.37 -0.54
C ARG A 16 -7.24 6.15 0.03
N HIS A 17 -7.06 6.17 1.34
CA HIS A 17 -6.39 5.06 2.02
C HIS A 17 -7.00 3.73 1.54
N GLN A 18 -8.25 3.51 1.93
CA GLN A 18 -8.94 2.29 1.56
C GLN A 18 -8.63 1.94 0.10
N VAL A 19 -8.91 2.90 -0.78
CA VAL A 19 -8.67 2.71 -2.20
C VAL A 19 -7.26 2.17 -2.40
N MET A 20 -6.29 2.91 -1.89
CA MET A 20 -4.89 2.51 -2.01
C MET A 20 -4.71 1.03 -1.66
N ILE A 21 -4.95 0.73 -0.39
CA ILE A 21 -4.81 -0.63 0.10
C ILE A 21 -5.38 -1.60 -0.94
N ASN A 22 -6.69 -1.48 -1.16
CA ASN A 22 -7.37 -2.32 -2.11
C ASN A 22 -6.51 -2.46 -3.36
N GLN A 23 -6.01 -1.33 -3.82
CA GLN A 23 -5.18 -1.31 -5.02
C GLN A 23 -3.91 -2.15 -4.79
N PHE A 24 -3.07 -1.67 -3.89
CA PHE A 24 -1.83 -2.37 -3.59
C PHE A 24 -2.07 -3.87 -3.49
N VAL A 25 -3.13 -4.23 -2.78
CA VAL A 25 -3.48 -5.63 -2.60
C VAL A 25 -3.75 -6.27 -3.97
N LEU A 26 -4.43 -5.51 -4.81
CA LEU A 26 -4.75 -5.98 -6.14
C LEU A 26 -3.48 -6.01 -7.00
N ALA A 27 -2.75 -4.91 -6.94
CA ALA A 27 -1.51 -4.78 -7.69
C ALA A 27 -0.64 -6.03 -7.45
N ALA A 28 -0.44 -6.33 -6.18
CA ALA A 28 0.36 -7.49 -5.81
C ALA A 28 -0.54 -8.72 -5.74
N GLY A 29 -1.28 -8.81 -4.64
CA GLY A 29 -2.17 -9.93 -4.43
C GLY A 29 -1.90 -10.63 -3.10
N CYS A 30 -1.65 -9.80 -2.09
CA CYS A 30 -1.37 -10.32 -0.76
C CYS A 30 -2.56 -10.00 0.14
N ALA A 31 -2.47 -10.46 1.38
CA ALA A 31 -3.52 -10.24 2.34
C ALA A 31 -3.80 -8.74 2.46
N ALA A 32 -5.06 -8.38 2.33
CA ALA A 32 -5.47 -6.99 2.41
C ALA A 32 -4.75 -6.32 3.59
N ASP A 33 -4.64 -7.07 4.68
CA ASP A 33 -3.98 -6.57 5.86
C ASP A 33 -2.57 -6.08 5.49
N GLN A 34 -1.84 -6.96 4.82
CA GLN A 34 -0.48 -6.63 4.41
C GLN A 34 -0.41 -5.18 3.91
N ALA A 35 -1.26 -4.89 2.93
CA ALA A 35 -1.30 -3.56 2.36
C ALA A 35 -1.17 -2.52 3.47
N LYS A 36 -2.20 -2.47 4.31
CA LYS A 36 -2.21 -1.54 5.41
C LYS A 36 -0.81 -1.46 6.03
N GLN A 37 -0.42 -2.55 6.68
CA GLN A 37 0.88 -2.61 7.31
C GLN A 37 1.96 -2.11 6.35
N LEU A 38 2.20 -2.89 5.31
CA LEU A 38 3.20 -2.53 4.32
C LEU A 38 3.13 -1.02 4.06
N LEU A 39 2.02 -0.61 3.47
CA LEU A 39 1.81 0.80 3.16
C LEU A 39 2.26 1.65 4.34
N GLN A 40 1.53 1.51 5.45
CA GLN A 40 1.83 2.25 6.65
C GLN A 40 3.34 2.22 6.92
N ALA A 41 3.85 1.02 7.09
CA ALA A 41 5.27 0.83 7.37
C ALA A 41 6.08 1.55 6.30
N ALA A 42 5.45 1.76 5.15
CA ALA A 42 6.10 2.43 4.04
C ALA A 42 5.58 3.87 3.94
N HIS A 43 5.17 4.39 5.10
CA HIS A 43 4.65 5.76 5.16
C HIS A 43 3.52 5.92 4.13
N TRP A 44 2.92 4.80 3.79
CA TRP A 44 1.83 4.80 2.83
C TRP A 44 2.40 5.16 1.46
N GLN A 45 3.68 4.82 1.28
CA GLN A 45 4.35 5.09 0.03
C GLN A 45 4.17 3.92 -0.94
N PHE A 46 2.98 3.83 -1.49
CA PHE A 46 2.66 2.77 -2.43
C PHE A 46 3.87 2.42 -3.29
N GLU A 47 4.31 3.39 -4.07
CA GLU A 47 5.46 3.20 -4.94
C GLU A 47 6.54 2.40 -4.22
N THR A 48 7.13 3.03 -3.21
CA THR A 48 8.18 2.39 -2.44
C THR A 48 7.68 1.06 -1.87
N ALA A 49 6.61 1.14 -1.10
CA ALA A 49 6.03 -0.04 -0.49
C ALA A 49 6.02 -1.18 -1.52
N LEU A 50 5.36 -0.92 -2.64
CA LEU A 50 5.26 -1.91 -3.69
C LEU A 50 6.67 -2.29 -4.16
N SER A 51 7.43 -1.27 -4.54
CA SER A 51 8.79 -1.49 -5.00
C SER A 51 9.52 -2.44 -4.04
N THR A 52 9.40 -2.16 -2.76
CA THR A 52 10.03 -2.99 -1.75
C THR A 52 9.40 -4.37 -1.70
N PHE A 53 8.13 -4.40 -1.29
CA PHE A 53 7.40 -5.65 -1.19
C PHE A 53 7.75 -6.58 -2.36
N PHE A 54 7.79 -5.99 -3.55
CA PHE A 54 8.10 -6.75 -4.75
C PHE A 54 9.53 -7.33 -4.67
N GLN A 55 10.47 -6.44 -4.45
CA GLN A 55 11.87 -6.83 -4.36
C GLN A 55 12.08 -7.74 -3.13
N GLU A 56 11.17 -7.60 -2.17
CA GLU A 56 11.24 -8.39 -0.96
C GLU A 56 11.04 -9.87 -1.27
N THR A 57 9.84 -10.19 -1.74
CA THR A 57 9.51 -11.56 -2.09
C THR A 57 8.93 -11.62 -3.50
N ASN A 58 9.76 -12.10 -4.41
CA ASN A 58 9.35 -12.24 -5.80
C ASN A 58 8.62 -13.57 -6.00
N ILE A 59 7.39 -13.47 -6.46
CA ILE A 59 6.58 -14.65 -6.69
C ILE A 59 7.23 -15.50 -7.79
N PRO A 60 6.89 -16.82 -7.78
CA PRO A 60 7.43 -17.74 -8.76
C PRO A 60 6.77 -17.54 -10.13
N ASN A 61 6.90 -16.32 -10.64
CA ASN A 61 6.32 -15.99 -11.93
C ASN A 61 6.85 -16.97 -12.99
N SER A 62 6.28 -16.87 -14.17
CA SER A 62 6.68 -17.73 -15.28
C SER A 62 6.73 -16.92 -16.57
N HIS A 63 5.59 -16.33 -16.90
CA HIS A 63 5.50 -15.53 -18.11
C HIS A 63 5.98 -14.11 -17.83
N HIS A 64 6.48 -13.47 -18.88
CA HIS A 64 6.98 -12.11 -18.77
C HIS A 64 6.78 -11.37 -20.09
N HIS A 65 7.43 -11.89 -21.12
CA HIS A 65 7.33 -11.28 -22.44
C HIS A 65 6.53 -12.21 -23.36
N HIS A 66 5.99 -11.61 -24.42
CA HIS A 66 5.20 -12.36 -25.37
C HIS A 66 5.95 -13.61 -25.80
N GLY A 1 -31.71 -1.99 10.77
CA GLY A 1 -31.78 -1.28 9.50
C GLY A 1 -30.74 -0.16 9.43
N SER A 2 -31.06 0.85 8.63
CA SER A 2 -30.16 1.98 8.47
C SER A 2 -30.85 3.26 8.96
N SER A 3 -30.05 4.30 9.12
CA SER A 3 -30.56 5.59 9.58
C SER A 3 -29.79 6.72 8.90
N GLY A 4 -30.43 7.89 8.87
CA GLY A 4 -29.83 9.06 8.27
C GLY A 4 -30.56 10.33 8.69
N SER A 5 -29.79 11.40 8.82
CA SER A 5 -30.36 12.68 9.21
C SER A 5 -30.32 13.66 8.03
N SER A 6 -29.44 13.34 7.08
CA SER A 6 -29.29 14.17 5.90
C SER A 6 -28.39 13.48 4.88
N GLY A 7 -27.12 13.35 5.26
CA GLY A 7 -26.15 12.71 4.38
C GLY A 7 -25.05 12.02 5.21
N MET A 8 -24.87 10.74 4.93
CA MET A 8 -23.87 9.96 5.64
C MET A 8 -22.56 10.74 5.75
N SER A 9 -21.74 10.32 6.69
CA SER A 9 -20.46 10.97 6.92
C SER A 9 -19.57 10.82 5.67
N VAL A 10 -18.68 11.80 5.51
CA VAL A 10 -17.78 11.78 4.36
C VAL A 10 -16.34 11.85 4.87
N ASN A 11 -15.43 11.41 4.00
CA ASN A 11 -14.01 11.42 4.34
C ASN A 11 -13.19 11.16 3.08
N MET A 12 -12.16 11.97 2.92
CA MET A 12 -11.28 11.85 1.76
C MET A 12 -10.07 10.96 2.08
N ASP A 13 -9.37 11.34 3.14
CA ASP A 13 -8.19 10.59 3.55
C ASP A 13 -8.55 9.11 3.69
N GLU A 14 -9.58 8.86 4.48
CA GLU A 14 -10.04 7.49 4.70
C GLU A 14 -10.25 6.78 3.37
N LEU A 15 -11.12 7.37 2.54
CA LEU A 15 -11.41 6.80 1.24
C LEU A 15 -10.10 6.43 0.54
N ARG A 16 -9.34 7.47 0.20
CA ARG A 16 -8.06 7.26 -0.48
C ARG A 16 -7.35 6.05 0.10
N HIS A 17 -7.10 6.11 1.40
CA HIS A 17 -6.41 5.02 2.07
C HIS A 17 -7.00 3.68 1.62
N GLN A 18 -8.26 3.47 1.96
CA GLN A 18 -8.94 2.24 1.58
C GLN A 18 -8.65 1.90 0.12
N VAL A 19 -8.95 2.84 -0.75
CA VAL A 19 -8.73 2.65 -2.18
C VAL A 19 -7.30 2.13 -2.39
N MET A 20 -6.35 2.86 -1.84
CA MET A 20 -4.95 2.50 -1.96
C MET A 20 -4.74 1.02 -1.61
N ILE A 21 -4.94 0.72 -0.33
CA ILE A 21 -4.78 -0.64 0.15
C ILE A 21 -5.35 -1.61 -0.89
N ASN A 22 -6.61 -1.40 -1.22
CA ASN A 22 -7.28 -2.25 -2.19
C ASN A 22 -6.40 -2.39 -3.44
N GLN A 23 -5.98 -1.24 -3.96
CA GLN A 23 -5.13 -1.23 -5.14
C GLN A 23 -3.87 -2.05 -4.90
N PHE A 24 -3.11 -1.63 -3.90
CA PHE A 24 -1.87 -2.31 -3.55
C PHE A 24 -2.09 -3.82 -3.48
N VAL A 25 -3.13 -4.22 -2.78
CA VAL A 25 -3.47 -5.62 -2.63
C VAL A 25 -3.77 -6.22 -4.00
N LEU A 26 -4.27 -5.37 -4.88
CA LEU A 26 -4.61 -5.80 -6.23
C LEU A 26 -3.33 -5.88 -7.07
N ALA A 27 -2.68 -4.73 -7.18
CA ALA A 27 -1.44 -4.65 -7.95
C ALA A 27 -0.52 -5.80 -7.55
N ALA A 28 -0.34 -5.94 -6.24
CA ALA A 28 0.52 -7.00 -5.72
C ALA A 28 -0.21 -8.34 -5.82
N GLY A 29 -1.30 -8.45 -5.07
CA GLY A 29 -2.09 -9.67 -5.07
C GLY A 29 -1.88 -10.45 -3.78
N CYS A 30 -1.61 -9.71 -2.70
CA CYS A 30 -1.39 -10.33 -1.41
C CYS A 30 -2.58 -10.01 -0.51
N ALA A 31 -2.47 -10.44 0.74
CA ALA A 31 -3.53 -10.19 1.71
C ALA A 31 -3.88 -8.72 1.72
N ALA A 32 -5.03 -8.41 2.31
CA ALA A 32 -5.48 -7.03 2.40
C ALA A 32 -4.80 -6.34 3.58
N ASP A 33 -5.00 -6.91 4.76
CA ASP A 33 -4.41 -6.36 5.97
C ASP A 33 -2.94 -6.00 5.70
N GLN A 34 -2.26 -6.91 5.01
CA GLN A 34 -0.86 -6.69 4.68
C GLN A 34 -0.65 -5.28 4.14
N ALA A 35 -1.42 -4.96 3.10
CA ALA A 35 -1.32 -3.65 2.48
C ALA A 35 -1.17 -2.59 3.56
N LYS A 36 -2.19 -2.51 4.41
CA LYS A 36 -2.19 -1.55 5.50
C LYS A 36 -0.78 -1.46 6.09
N GLN A 37 -0.33 -2.58 6.65
CA GLN A 37 0.98 -2.65 7.25
C GLN A 37 2.04 -2.15 6.27
N LEU A 38 2.25 -2.94 5.22
CA LEU A 38 3.23 -2.58 4.21
C LEU A 38 3.16 -1.08 3.93
N LEU A 39 1.99 -0.66 3.47
CA LEU A 39 1.79 0.75 3.16
C LEU A 39 2.30 1.60 4.32
N GLN A 40 1.63 1.48 5.45
CA GLN A 40 2.02 2.23 6.63
C GLN A 40 3.53 2.15 6.85
N ALA A 41 4.02 0.93 6.97
CA ALA A 41 5.44 0.70 7.17
C ALA A 41 6.23 1.42 6.08
N ALA A 42 5.54 1.70 4.98
CA ALA A 42 6.16 2.38 3.86
C ALA A 42 5.64 3.82 3.79
N HIS A 43 5.25 4.33 4.95
CA HIS A 43 4.74 5.68 5.04
C HIS A 43 3.59 5.87 4.04
N TRP A 44 2.97 4.75 3.70
CA TRP A 44 1.86 4.76 2.76
C TRP A 44 2.42 5.12 1.38
N GLN A 45 3.68 4.79 1.18
CA GLN A 45 4.34 5.08 -0.08
C GLN A 45 4.14 3.91 -1.05
N PHE A 46 2.93 3.81 -1.58
CA PHE A 46 2.60 2.75 -2.51
C PHE A 46 3.80 2.41 -3.40
N GLU A 47 4.21 3.40 -4.19
CA GLU A 47 5.34 3.21 -5.08
C GLU A 47 6.46 2.45 -4.37
N THR A 48 7.02 3.11 -3.36
CA THR A 48 8.11 2.51 -2.60
C THR A 48 7.67 1.16 -2.03
N ALA A 49 6.64 1.19 -1.21
CA ALA A 49 6.12 -0.02 -0.59
C ALA A 49 6.11 -1.14 -1.64
N LEU A 50 5.42 -0.88 -2.74
CA LEU A 50 5.32 -1.86 -3.81
C LEU A 50 6.72 -2.33 -4.19
N SER A 51 7.54 -1.37 -4.60
CA SER A 51 8.91 -1.67 -4.99
C SER A 51 9.58 -2.54 -3.93
N THR A 52 9.41 -2.14 -2.68
CA THR A 52 9.98 -2.87 -1.57
C THR A 52 9.38 -4.28 -1.48
N PHE A 53 8.07 -4.31 -1.31
CA PHE A 53 7.36 -5.58 -1.21
C PHE A 53 7.80 -6.54 -2.32
N PHE A 54 7.99 -5.97 -3.50
CA PHE A 54 8.41 -6.76 -4.64
C PHE A 54 9.83 -7.32 -4.45
N GLN A 55 10.78 -6.40 -4.42
CA GLN A 55 12.17 -6.78 -4.23
C GLN A 55 12.32 -7.65 -2.98
N GLU A 56 11.34 -7.56 -2.11
CA GLU A 56 11.35 -8.32 -0.87
C GLU A 56 10.51 -9.59 -1.03
N THR A 57 11.06 -10.54 -1.77
CA THR A 57 10.37 -11.79 -2.01
C THR A 57 11.12 -12.94 -1.32
N ASN A 58 12.37 -12.67 -0.99
CA ASN A 58 13.20 -13.67 -0.35
C ASN A 58 14.65 -13.17 -0.28
N ILE A 59 15.12 -12.68 -1.42
CA ILE A 59 16.47 -12.17 -1.52
C ILE A 59 16.57 -10.87 -0.71
N PRO A 60 17.82 -10.56 -0.27
CA PRO A 60 18.06 -9.36 0.50
C PRO A 60 18.04 -8.11 -0.39
N ASN A 61 18.83 -8.18 -1.46
CA ASN A 61 18.91 -7.07 -2.40
C ASN A 61 19.48 -5.85 -1.69
N SER A 62 20.15 -5.02 -2.48
CA SER A 62 20.76 -3.80 -1.94
C SER A 62 21.78 -4.17 -0.86
N HIS A 63 23.01 -4.37 -1.31
CA HIS A 63 24.09 -4.73 -0.40
C HIS A 63 24.41 -3.53 0.51
N HIS A 64 23.60 -3.39 1.55
CA HIS A 64 23.78 -2.31 2.51
C HIS A 64 23.79 -0.98 1.75
N HIS A 65 22.64 -0.64 1.20
CA HIS A 65 22.51 0.61 0.46
C HIS A 65 23.32 0.52 -0.84
N HIS A 66 24.63 0.46 -0.68
CA HIS A 66 25.52 0.38 -1.82
C HIS A 66 25.74 -1.09 -2.19
N GLY A 1 -20.05 1.11 14.15
CA GLY A 1 -20.21 2.43 14.74
C GLY A 1 -19.96 3.53 13.69
N SER A 2 -21.00 3.80 12.92
CA SER A 2 -20.92 4.82 11.89
C SER A 2 -22.22 5.61 11.83
N SER A 3 -22.18 6.82 12.37
CA SER A 3 -23.35 7.68 12.38
C SER A 3 -22.95 9.08 12.83
N GLY A 4 -22.96 10.00 11.88
CA GLY A 4 -22.60 11.39 12.17
C GLY A 4 -22.70 12.25 10.90
N SER A 5 -23.14 13.48 11.10
CA SER A 5 -23.29 14.41 9.99
C SER A 5 -22.86 15.81 10.43
N SER A 6 -21.64 16.17 10.08
CA SER A 6 -21.11 17.48 10.43
C SER A 6 -21.75 18.55 9.55
N GLY A 7 -21.57 18.39 8.24
CA GLY A 7 -22.13 19.34 7.29
C GLY A 7 -21.32 19.32 5.98
N MET A 8 -20.97 20.51 5.53
CA MET A 8 -20.22 20.66 4.30
C MET A 8 -18.81 20.08 4.46
N SER A 9 -18.65 18.86 3.98
CA SER A 9 -17.35 18.19 4.06
C SER A 9 -16.84 17.88 2.65
N VAL A 10 -15.53 18.05 2.49
CA VAL A 10 -14.90 17.80 1.21
C VAL A 10 -13.45 17.36 1.44
N ASN A 11 -13.31 16.24 2.13
CA ASN A 11 -11.99 15.69 2.42
C ASN A 11 -12.06 14.17 2.39
N MET A 12 -11.52 13.61 1.31
CA MET A 12 -11.52 12.16 1.14
C MET A 12 -10.15 11.59 1.50
N ASP A 13 -9.93 11.45 2.80
CA ASP A 13 -8.67 10.90 3.30
C ASP A 13 -8.81 9.40 3.47
N GLU A 14 -9.74 9.01 4.32
CA GLU A 14 -9.97 7.60 4.58
C GLU A 14 -10.20 6.84 3.26
N LEU A 15 -11.06 7.41 2.43
CA LEU A 15 -11.36 6.80 1.15
C LEU A 15 -10.05 6.44 0.44
N ARG A 16 -9.30 7.46 0.10
CA ARG A 16 -8.03 7.27 -0.58
C ARG A 16 -7.30 6.05 0.01
N HIS A 17 -7.08 6.10 1.31
CA HIS A 17 -6.40 5.03 2.00
C HIS A 17 -6.99 3.68 1.56
N GLN A 18 -8.24 3.48 1.96
CA GLN A 18 -8.93 2.24 1.62
C GLN A 18 -8.70 1.89 0.14
N VAL A 19 -8.90 2.89 -0.70
CA VAL A 19 -8.72 2.70 -2.13
C VAL A 19 -7.30 2.20 -2.40
N MET A 20 -6.34 2.87 -1.77
CA MET A 20 -4.94 2.49 -1.93
C MET A 20 -4.72 1.02 -1.58
N ILE A 21 -4.93 0.72 -0.30
CA ILE A 21 -4.76 -0.65 0.17
C ILE A 21 -5.32 -1.62 -0.85
N ASN A 22 -6.63 -1.52 -1.06
CA ASN A 22 -7.30 -2.39 -2.01
C ASN A 22 -6.46 -2.48 -3.30
N GLN A 23 -6.06 -1.31 -3.78
CA GLN A 23 -5.26 -1.25 -4.99
C GLN A 23 -3.99 -2.08 -4.83
N PHE A 24 -3.14 -1.62 -3.92
CA PHE A 24 -1.88 -2.30 -3.66
C PHE A 24 -2.10 -3.81 -3.53
N VAL A 25 -3.20 -4.17 -2.88
CA VAL A 25 -3.52 -5.57 -2.68
C VAL A 25 -3.86 -6.21 -4.04
N LEU A 26 -4.51 -5.41 -4.88
CA LEU A 26 -4.90 -5.88 -6.20
C LEU A 26 -3.68 -5.91 -7.10
N ALA A 27 -3.01 -4.77 -7.19
CA ALA A 27 -1.83 -4.64 -8.02
C ALA A 27 -0.90 -5.83 -7.75
N ALA A 28 -0.75 -6.13 -6.46
CA ALA A 28 0.11 -7.24 -6.06
C ALA A 28 -0.72 -8.52 -5.98
N GLY A 29 -1.47 -8.64 -4.90
CA GLY A 29 -2.31 -9.81 -4.69
C GLY A 29 -2.00 -10.48 -3.35
N CYS A 30 -1.78 -9.66 -2.34
CA CYS A 30 -1.48 -10.15 -1.02
C CYS A 30 -2.70 -9.95 -0.12
N ALA A 31 -2.49 -10.15 1.16
CA ALA A 31 -3.58 -9.99 2.13
C ALA A 31 -3.93 -8.50 2.25
N ALA A 32 -5.22 -8.24 2.26
CA ALA A 32 -5.71 -6.87 2.37
C ALA A 32 -5.02 -6.19 3.56
N ASP A 33 -5.00 -6.89 4.68
CA ASP A 33 -4.38 -6.36 5.89
C ASP A 33 -2.94 -5.98 5.57
N GLN A 34 -2.23 -6.91 4.94
CA GLN A 34 -0.84 -6.69 4.59
C GLN A 34 -0.64 -5.25 4.09
N ALA A 35 -1.36 -4.93 3.02
CA ALA A 35 -1.27 -3.60 2.44
C ALA A 35 -1.19 -2.56 3.56
N LYS A 36 -2.21 -2.56 4.40
CA LYS A 36 -2.27 -1.62 5.51
C LYS A 36 -0.88 -1.50 6.13
N GLN A 37 -0.39 -2.63 6.63
CA GLN A 37 0.92 -2.67 7.27
C GLN A 37 1.99 -2.16 6.29
N LEU A 38 2.19 -2.93 5.23
CA LEU A 38 3.18 -2.58 4.22
C LEU A 38 3.11 -1.07 3.97
N LEU A 39 1.97 -0.62 3.48
CA LEU A 39 1.76 0.78 3.20
C LEU A 39 2.30 1.62 4.36
N GLN A 40 1.63 1.50 5.49
CA GLN A 40 2.02 2.23 6.68
C GLN A 40 3.54 2.13 6.89
N ALA A 41 4.01 0.90 6.99
CA ALA A 41 5.43 0.66 7.19
C ALA A 41 6.22 1.37 6.09
N ALA A 42 5.53 1.67 5.00
CA ALA A 42 6.15 2.34 3.88
C ALA A 42 5.66 3.79 3.82
N HIS A 43 5.26 4.29 4.99
CA HIS A 43 4.77 5.66 5.08
C HIS A 43 3.63 5.86 4.08
N TRP A 44 3.00 4.74 3.71
CA TRP A 44 1.89 4.79 2.78
C TRP A 44 2.45 5.14 1.40
N GLN A 45 3.72 4.81 1.20
CA GLN A 45 4.39 5.09 -0.05
C GLN A 45 4.18 3.93 -1.03
N PHE A 46 2.97 3.87 -1.57
CA PHE A 46 2.62 2.83 -2.52
C PHE A 46 3.83 2.46 -3.39
N GLU A 47 4.28 3.43 -4.17
CA GLU A 47 5.41 3.23 -5.05
C GLU A 47 6.51 2.44 -4.33
N THR A 48 7.13 3.09 -3.36
CA THR A 48 8.19 2.48 -2.59
C THR A 48 7.72 1.13 -2.04
N ALA A 49 6.60 1.18 -1.34
CA ALA A 49 6.03 -0.03 -0.75
C ALA A 49 6.08 -1.17 -1.78
N LEU A 50 5.45 -0.93 -2.91
CA LEU A 50 5.41 -1.91 -3.97
C LEU A 50 6.83 -2.32 -4.33
N SER A 51 7.65 -1.31 -4.60
CA SER A 51 9.04 -1.54 -4.96
C SER A 51 9.70 -2.46 -3.93
N THR A 52 9.52 -2.11 -2.67
CA THR A 52 10.09 -2.89 -1.59
C THR A 52 9.45 -4.28 -1.53
N PHE A 53 8.16 -4.29 -1.19
CA PHE A 53 7.42 -5.53 -1.10
C PHE A 53 7.84 -6.50 -2.21
N PHE A 54 8.10 -5.94 -3.38
CA PHE A 54 8.51 -6.74 -4.52
C PHE A 54 9.96 -7.21 -4.36
N GLN A 55 10.85 -6.25 -4.26
CA GLN A 55 12.27 -6.55 -4.11
C GLN A 55 12.50 -7.39 -2.86
N GLU A 56 11.52 -7.35 -1.97
CA GLU A 56 11.60 -8.10 -0.72
C GLU A 56 11.73 -9.60 -1.01
N THR A 57 10.67 -10.16 -1.55
CA THR A 57 10.65 -11.57 -1.88
C THR A 57 11.32 -11.81 -3.24
N ASN A 58 12.64 -11.65 -3.25
CA ASN A 58 13.40 -11.85 -4.46
C ASN A 58 14.87 -12.12 -4.09
N ILE A 59 15.57 -12.77 -5.02
CA ILE A 59 16.97 -13.08 -4.81
C ILE A 59 17.73 -11.81 -4.42
N PRO A 60 18.82 -12.02 -3.63
CA PRO A 60 19.63 -10.90 -3.18
C PRO A 60 20.50 -10.35 -4.33
N ASN A 61 21.17 -9.24 -4.04
CA ASN A 61 22.03 -8.63 -5.03
C ASN A 61 23.29 -8.09 -4.34
N SER A 62 24.38 -8.06 -5.09
CA SER A 62 25.64 -7.58 -4.57
C SER A 62 25.53 -6.09 -4.24
N HIS A 63 25.83 -5.78 -2.99
CA HIS A 63 25.78 -4.39 -2.52
C HIS A 63 26.45 -4.28 -1.17
N HIS A 64 27.18 -3.19 -0.99
CA HIS A 64 27.88 -2.95 0.25
C HIS A 64 27.34 -1.67 0.91
N HIS A 65 26.11 -1.77 1.38
CA HIS A 65 25.46 -0.64 2.04
C HIS A 65 25.95 -0.53 3.48
N HIS A 66 25.65 -1.57 4.24
CA HIS A 66 26.06 -1.61 5.64
C HIS A 66 26.61 -2.99 5.99
N GLY A 1 -3.63 21.06 23.14
CA GLY A 1 -4.17 19.73 22.87
C GLY A 1 -4.77 19.66 21.46
N SER A 2 -6.06 19.35 21.41
CA SER A 2 -6.75 19.25 20.14
C SER A 2 -8.11 19.93 20.23
N SER A 3 -8.19 21.13 19.67
CA SER A 3 -9.42 21.89 19.69
C SER A 3 -10.43 21.28 18.71
N GLY A 4 -10.01 21.21 17.45
CA GLY A 4 -10.86 20.64 16.42
C GLY A 4 -11.69 21.74 15.74
N SER A 5 -11.37 21.99 14.48
CA SER A 5 -12.08 23.00 13.71
C SER A 5 -11.70 22.89 12.23
N SER A 6 -12.36 21.94 11.56
CA SER A 6 -12.10 21.73 10.15
C SER A 6 -13.40 21.32 9.44
N GLY A 7 -13.34 21.33 8.12
CA GLY A 7 -14.50 20.97 7.32
C GLY A 7 -14.54 21.79 6.02
N MET A 8 -13.48 21.65 5.24
CA MET A 8 -13.38 22.36 3.98
C MET A 8 -12.44 21.64 3.01
N SER A 9 -12.59 21.97 1.73
CA SER A 9 -11.75 21.36 0.71
C SER A 9 -12.02 19.85 0.64
N VAL A 10 -11.49 19.25 -0.41
CA VAL A 10 -11.67 17.82 -0.61
C VAL A 10 -10.68 17.06 0.27
N ASN A 11 -11.24 16.33 1.24
CA ASN A 11 -10.42 15.55 2.16
C ASN A 11 -10.04 14.23 1.49
N MET A 12 -11.05 13.41 1.26
CA MET A 12 -10.84 12.12 0.64
C MET A 12 -9.54 11.47 1.14
N ASP A 13 -9.26 11.71 2.42
CA ASP A 13 -8.06 11.16 3.02
C ASP A 13 -8.28 9.68 3.32
N GLU A 14 -9.33 9.40 4.07
CA GLU A 14 -9.66 8.03 4.43
C GLU A 14 -9.89 7.18 3.17
N LEU A 15 -10.87 7.62 2.39
CA LEU A 15 -11.20 6.93 1.15
C LEU A 15 -9.91 6.49 0.46
N ARG A 16 -9.11 7.47 0.09
CA ARG A 16 -7.85 7.21 -0.59
C ARG A 16 -7.17 5.98 0.01
N HIS A 17 -6.87 6.07 1.30
CA HIS A 17 -6.24 4.97 2.01
C HIS A 17 -6.86 3.65 1.57
N GLN A 18 -8.12 3.48 1.90
CA GLN A 18 -8.84 2.27 1.56
C GLN A 18 -8.57 1.90 0.09
N VAL A 19 -8.77 2.89 -0.78
CA VAL A 19 -8.55 2.68 -2.20
C VAL A 19 -7.16 2.12 -2.42
N MET A 20 -6.18 2.79 -1.84
CA MET A 20 -4.79 2.37 -1.96
C MET A 20 -4.64 0.89 -1.61
N ILE A 21 -4.92 0.58 -0.35
CA ILE A 21 -4.82 -0.79 0.13
C ILE A 21 -5.35 -1.74 -0.95
N ASN A 22 -6.65 -1.67 -1.16
CA ASN A 22 -7.29 -2.52 -2.15
C ASN A 22 -6.38 -2.63 -3.38
N GLN A 23 -5.96 -1.47 -3.87
CA GLN A 23 -5.09 -1.43 -5.03
C GLN A 23 -3.86 -2.30 -4.80
N PHE A 24 -3.05 -1.88 -3.85
CA PHE A 24 -1.83 -2.61 -3.53
C PHE A 24 -2.09 -4.11 -3.42
N VAL A 25 -3.22 -4.43 -2.81
CA VAL A 25 -3.61 -5.82 -2.64
C VAL A 25 -3.91 -6.44 -4.00
N LEU A 26 -4.44 -5.61 -4.89
CA LEU A 26 -4.76 -6.06 -6.23
C LEU A 26 -3.48 -6.12 -7.08
N ALA A 27 -2.76 -5.01 -7.07
CA ALA A 27 -1.52 -4.92 -7.83
C ALA A 27 -0.56 -6.01 -7.34
N ALA A 28 -0.28 -5.97 -6.04
CA ALA A 28 0.62 -6.95 -5.45
C ALA A 28 -0.03 -8.33 -5.50
N GLY A 29 -1.06 -8.49 -4.69
CA GLY A 29 -1.78 -9.75 -4.63
C GLY A 29 -1.63 -10.40 -3.26
N CYS A 30 -1.39 -9.56 -2.26
CA CYS A 30 -1.21 -10.03 -0.90
C CYS A 30 -2.51 -9.78 -0.14
N ALA A 31 -2.48 -10.08 1.16
CA ALA A 31 -3.64 -9.90 2.00
C ALA A 31 -4.06 -8.43 1.96
N ALA A 32 -5.28 -8.17 2.43
CA ALA A 32 -5.81 -6.82 2.45
C ALA A 32 -5.14 -6.03 3.58
N ASP A 33 -5.41 -6.47 4.80
CA ASP A 33 -4.85 -5.82 5.98
C ASP A 33 -3.35 -5.65 5.79
N GLN A 34 -2.75 -6.61 5.09
CA GLN A 34 -1.32 -6.58 4.83
C GLN A 34 -0.94 -5.28 4.12
N ALA A 35 -1.79 -4.88 3.19
CA ALA A 35 -1.55 -3.67 2.42
C ALA A 35 -1.48 -2.48 3.39
N LYS A 36 -2.18 -2.62 4.50
CA LYS A 36 -2.21 -1.57 5.50
C LYS A 36 -0.84 -1.49 6.20
N GLN A 37 -0.57 -2.52 7.00
CA GLN A 37 0.69 -2.58 7.73
C GLN A 37 1.85 -2.16 6.82
N LEU A 38 1.95 -2.86 5.70
CA LEU A 38 3.00 -2.57 4.73
C LEU A 38 3.02 -1.07 4.43
N LEU A 39 1.95 -0.62 3.80
CA LEU A 39 1.83 0.79 3.44
C LEU A 39 2.31 1.65 4.61
N GLN A 40 1.57 1.57 5.70
CA GLN A 40 1.92 2.33 6.89
C GLN A 40 3.43 2.30 7.13
N ALA A 41 3.95 1.10 7.30
CA ALA A 41 5.36 0.91 7.54
C ALA A 41 6.15 1.64 6.44
N ALA A 42 5.58 1.65 5.25
CA ALA A 42 6.22 2.31 4.12
C ALA A 42 5.71 3.75 4.02
N HIS A 43 5.28 4.27 5.17
CA HIS A 43 4.78 5.63 5.23
C HIS A 43 3.67 5.81 4.19
N TRP A 44 3.06 4.69 3.83
CA TRP A 44 1.98 4.71 2.85
C TRP A 44 2.58 5.08 1.49
N GLN A 45 3.85 4.74 1.33
CA GLN A 45 4.55 5.02 0.09
C GLN A 45 4.37 3.86 -0.89
N PHE A 46 3.16 3.78 -1.44
CA PHE A 46 2.85 2.73 -2.39
C PHE A 46 4.05 2.42 -3.29
N GLU A 47 4.49 3.45 -4.00
CA GLU A 47 5.62 3.30 -4.89
C GLU A 47 6.74 2.50 -4.21
N THR A 48 7.23 3.04 -3.11
CA THR A 48 8.29 2.40 -2.36
C THR A 48 7.83 1.02 -1.87
N ALA A 49 6.71 1.01 -1.16
CA ALA A 49 6.17 -0.23 -0.64
C ALA A 49 6.16 -1.28 -1.74
N LEU A 50 5.48 -0.96 -2.83
CA LEU A 50 5.39 -1.87 -3.96
C LEU A 50 6.80 -2.17 -4.48
N SER A 51 7.51 -1.10 -4.83
CA SER A 51 8.87 -1.24 -5.34
C SER A 51 9.65 -2.22 -4.48
N THR A 52 9.59 -2.00 -3.17
CA THR A 52 10.30 -2.87 -2.23
C THR A 52 9.65 -4.26 -2.21
N PHE A 53 8.42 -4.30 -1.74
CA PHE A 53 7.69 -5.56 -1.65
C PHE A 53 7.99 -6.45 -2.87
N PHE A 54 8.15 -5.79 -4.01
CA PHE A 54 8.43 -6.51 -5.24
C PHE A 54 9.88 -7.01 -5.26
N GLN A 55 10.80 -6.06 -5.10
CA GLN A 55 12.22 -6.38 -5.10
C GLN A 55 12.52 -7.45 -4.06
N GLU A 56 11.59 -7.59 -3.11
CA GLU A 56 11.74 -8.57 -2.06
C GLU A 56 11.53 -9.99 -2.60
N THR A 57 10.36 -10.18 -3.19
CA THR A 57 10.02 -11.48 -3.77
C THR A 57 9.03 -11.31 -4.92
N ASN A 58 9.40 -11.86 -6.07
CA ASN A 58 8.55 -11.79 -7.24
C ASN A 58 7.27 -12.58 -7.00
N ILE A 59 6.17 -12.04 -7.53
CA ILE A 59 4.89 -12.69 -7.38
C ILE A 59 4.99 -14.15 -7.83
N PRO A 60 4.05 -14.98 -7.31
CA PRO A 60 4.03 -16.40 -7.64
C PRO A 60 3.48 -16.61 -9.05
N ASN A 61 4.02 -17.62 -9.72
CA ASN A 61 3.59 -17.94 -11.07
C ASN A 61 4.02 -19.37 -11.41
N SER A 62 5.32 -19.62 -11.27
CA SER A 62 5.86 -20.93 -11.55
C SER A 62 5.73 -21.25 -13.04
N HIS A 63 6.85 -21.59 -13.65
CA HIS A 63 6.87 -21.91 -15.07
C HIS A 63 6.10 -20.84 -15.85
N HIS A 64 6.82 -19.78 -16.21
CA HIS A 64 6.21 -18.69 -16.95
C HIS A 64 6.88 -18.58 -18.32
N HIS A 65 6.04 -18.49 -19.34
CA HIS A 65 6.53 -18.38 -20.70
C HIS A 65 5.47 -17.69 -21.57
N HIS A 66 5.62 -16.38 -21.71
CA HIS A 66 4.70 -15.59 -22.50
C HIS A 66 4.81 -16.01 -23.98
N GLY A 1 -4.86 14.30 24.35
CA GLY A 1 -4.92 13.51 23.14
C GLY A 1 -6.35 13.09 22.82
N SER A 2 -6.68 11.85 23.16
CA SER A 2 -8.00 11.32 22.92
C SER A 2 -8.26 11.23 21.42
N SER A 3 -9.24 10.41 21.07
CA SER A 3 -9.59 10.21 19.67
C SER A 3 -11.05 9.74 19.56
N GLY A 4 -11.54 9.74 18.34
CA GLY A 4 -12.91 9.31 18.08
C GLY A 4 -12.97 8.38 16.86
N SER A 5 -12.74 8.98 15.70
CA SER A 5 -12.76 8.23 14.46
C SER A 5 -14.14 7.58 14.27
N SER A 6 -15.07 8.38 13.78
CA SER A 6 -16.43 7.90 13.55
C SER A 6 -16.79 8.06 12.07
N GLY A 7 -17.68 7.18 11.62
CA GLY A 7 -18.12 7.21 10.23
C GLY A 7 -17.37 6.16 9.40
N MET A 8 -18.16 5.32 8.75
CA MET A 8 -17.60 4.27 7.92
C MET A 8 -16.44 4.80 7.07
N SER A 9 -16.73 5.85 6.32
CA SER A 9 -15.72 6.46 5.46
C SER A 9 -16.18 7.85 5.02
N VAL A 10 -15.95 8.82 5.89
CA VAL A 10 -16.34 10.19 5.59
C VAL A 10 -15.09 11.03 5.34
N ASN A 11 -14.02 10.67 6.04
CA ASN A 11 -12.76 11.37 5.90
C ASN A 11 -12.15 11.04 4.54
N MET A 12 -11.40 12.01 4.01
CA MET A 12 -10.75 11.82 2.73
C MET A 12 -9.57 10.86 2.84
N ASP A 13 -8.64 11.22 3.71
CA ASP A 13 -7.47 10.40 3.91
C ASP A 13 -7.88 8.92 4.00
N GLU A 14 -8.77 8.65 4.95
CA GLU A 14 -9.25 7.29 5.15
C GLU A 14 -9.58 6.65 3.80
N LEU A 15 -10.47 7.29 3.07
CA LEU A 15 -10.88 6.78 1.77
C LEU A 15 -9.63 6.38 0.97
N ARG A 16 -8.81 7.38 0.66
CA ARG A 16 -7.60 7.14 -0.09
C ARG A 16 -6.87 5.91 0.44
N HIS A 17 -6.61 5.94 1.75
CA HIS A 17 -5.92 4.83 2.39
C HIS A 17 -6.52 3.51 1.91
N GLN A 18 -7.77 3.30 2.26
CA GLN A 18 -8.47 2.09 1.87
C GLN A 18 -8.22 1.78 0.40
N VAL A 19 -8.63 2.72 -0.45
CA VAL A 19 -8.46 2.55 -1.88
C VAL A 19 -7.07 1.97 -2.17
N MET A 20 -6.06 2.71 -1.76
CA MET A 20 -4.69 2.27 -1.96
C MET A 20 -4.51 0.81 -1.55
N ILE A 21 -4.88 0.52 -0.32
CA ILE A 21 -4.77 -0.84 0.20
C ILE A 21 -5.28 -1.82 -0.85
N ASN A 22 -6.55 -1.66 -1.19
CA ASN A 22 -7.19 -2.53 -2.18
C ASN A 22 -6.32 -2.58 -3.42
N GLN A 23 -6.01 -1.39 -3.94
CA GLN A 23 -5.18 -1.28 -5.14
C GLN A 23 -3.93 -2.16 -5.00
N PHE A 24 -3.04 -1.74 -4.12
CA PHE A 24 -1.80 -2.46 -3.88
C PHE A 24 -2.07 -3.97 -3.82
N VAL A 25 -3.05 -4.34 -3.02
CA VAL A 25 -3.41 -5.73 -2.86
C VAL A 25 -3.77 -6.32 -4.23
N LEU A 26 -4.45 -5.51 -5.03
CA LEU A 26 -4.86 -5.93 -6.35
C LEU A 26 -3.64 -5.97 -7.28
N ALA A 27 -2.81 -4.93 -7.16
CA ALA A 27 -1.61 -4.84 -7.96
C ALA A 27 -0.76 -6.09 -7.76
N ALA A 28 -0.54 -6.41 -6.48
CA ALA A 28 0.25 -7.58 -6.14
C ALA A 28 -0.66 -8.81 -6.06
N GLY A 29 -1.38 -8.90 -4.94
CA GLY A 29 -2.29 -10.01 -4.74
C GLY A 29 -2.00 -10.71 -3.41
N CYS A 30 -1.72 -9.91 -2.39
CA CYS A 30 -1.42 -10.42 -1.07
C CYS A 30 -2.62 -10.15 -0.16
N ALA A 31 -2.40 -10.37 1.13
CA ALA A 31 -3.45 -10.14 2.10
C ALA A 31 -3.80 -8.65 2.14
N ALA A 32 -5.10 -8.38 2.19
CA ALA A 32 -5.58 -7.02 2.23
C ALA A 32 -4.90 -6.27 3.39
N ASP A 33 -5.14 -6.78 4.59
CA ASP A 33 -4.55 -6.18 5.78
C ASP A 33 -3.10 -5.82 5.50
N GLN A 34 -2.37 -6.79 4.97
CA GLN A 34 -0.96 -6.58 4.65
C GLN A 34 -0.75 -5.18 4.09
N ALA A 35 -1.42 -4.90 2.99
CA ALA A 35 -1.30 -3.59 2.35
C ALA A 35 -1.26 -2.51 3.42
N LYS A 36 -2.30 -2.50 4.25
CA LYS A 36 -2.39 -1.51 5.32
C LYS A 36 -1.01 -1.35 5.98
N GLN A 37 -0.53 -2.46 6.54
CA GLN A 37 0.76 -2.45 7.20
C GLN A 37 1.84 -1.93 6.25
N LEU A 38 2.12 -2.74 5.23
CA LEU A 38 3.13 -2.38 4.24
C LEU A 38 3.02 -0.88 3.93
N LEU A 39 1.86 -0.51 3.38
CA LEU A 39 1.61 0.87 3.02
C LEU A 39 2.08 1.78 4.16
N GLN A 40 1.41 1.66 5.28
CA GLN A 40 1.74 2.46 6.45
C GLN A 40 3.26 2.43 6.69
N ALA A 41 3.79 1.23 6.81
CA ALA A 41 5.21 1.05 7.05
C ALA A 41 5.99 1.81 5.96
N ALA A 42 5.31 2.05 4.85
CA ALA A 42 5.93 2.76 3.74
C ALA A 42 5.33 4.16 3.64
N HIS A 43 4.89 4.67 4.79
CA HIS A 43 4.30 5.99 4.84
C HIS A 43 3.17 6.10 3.82
N TRP A 44 2.64 4.94 3.45
CA TRP A 44 1.55 4.89 2.49
C TRP A 44 2.14 5.23 1.11
N GLN A 45 3.42 4.92 0.95
CA GLN A 45 4.10 5.18 -0.31
C GLN A 45 3.98 3.98 -1.24
N PHE A 46 2.85 3.90 -1.92
CA PHE A 46 2.60 2.81 -2.85
C PHE A 46 3.89 2.42 -3.58
N GLU A 47 4.41 3.37 -4.34
CA GLU A 47 5.63 3.13 -5.10
C GLU A 47 6.65 2.36 -4.25
N THR A 48 7.16 3.05 -3.23
CA THR A 48 8.13 2.44 -2.35
C THR A 48 7.60 1.12 -1.79
N ALA A 49 6.45 1.21 -1.14
CA ALA A 49 5.82 0.03 -0.56
C ALA A 49 5.89 -1.13 -1.56
N LEU A 50 5.28 -0.91 -2.72
CA LEU A 50 5.27 -1.92 -3.76
C LEU A 50 6.71 -2.28 -4.13
N SER A 51 7.43 -1.29 -4.61
CA SER A 51 8.81 -1.48 -5.01
C SER A 51 9.53 -2.36 -3.99
N THR A 52 9.26 -2.09 -2.72
CA THR A 52 9.86 -2.85 -1.64
C THR A 52 9.27 -4.26 -1.59
N PHE A 53 8.00 -4.31 -1.20
CA PHE A 53 7.32 -5.59 -1.10
C PHE A 53 7.72 -6.53 -2.23
N PHE A 54 7.85 -5.96 -3.42
CA PHE A 54 8.25 -6.74 -4.58
C PHE A 54 9.73 -7.08 -4.53
N GLN A 55 10.55 -6.03 -4.49
CA GLN A 55 11.99 -6.21 -4.44
C GLN A 55 12.37 -7.13 -3.28
N GLU A 56 11.45 -7.26 -2.34
CA GLU A 56 11.68 -8.11 -1.18
C GLU A 56 11.72 -9.57 -1.59
N THR A 57 10.63 -10.01 -2.21
CA THR A 57 10.52 -11.39 -2.65
C THR A 57 11.18 -11.56 -4.01
N ASN A 58 12.47 -11.24 -4.05
CA ASN A 58 13.24 -11.35 -5.28
C ASN A 58 14.73 -11.20 -4.96
N ILE A 59 15.53 -12.02 -5.62
CA ILE A 59 16.96 -11.98 -5.43
C ILE A 59 17.58 -10.92 -6.33
N PRO A 60 18.78 -10.44 -5.91
CA PRO A 60 19.49 -9.41 -6.66
C PRO A 60 20.11 -9.99 -7.92
N ASN A 61 20.72 -9.11 -8.71
CA ASN A 61 21.37 -9.53 -9.94
C ASN A 61 22.88 -9.25 -9.83
N SER A 62 23.59 -10.23 -9.28
CA SER A 62 25.02 -10.11 -9.12
C SER A 62 25.62 -11.45 -8.69
N HIS A 63 25.07 -11.98 -7.60
CA HIS A 63 25.54 -13.26 -7.09
C HIS A 63 26.97 -13.11 -6.57
N HIS A 64 27.16 -13.46 -5.30
CA HIS A 64 28.47 -13.36 -4.68
C HIS A 64 29.49 -14.11 -5.56
N HIS A 65 30.65 -13.48 -5.70
CA HIS A 65 31.72 -14.07 -6.50
C HIS A 65 32.97 -13.19 -6.39
N HIS A 66 33.79 -13.51 -5.40
CA HIS A 66 35.02 -12.77 -5.18
C HIS A 66 36.13 -13.35 -6.06
N GLY A 1 5.45 28.95 0.03
CA GLY A 1 4.43 28.43 -0.86
C GLY A 1 3.19 29.34 -0.88
N SER A 2 2.08 28.78 -1.34
CA SER A 2 0.84 29.53 -1.41
C SER A 2 0.30 29.76 0.00
N SER A 3 0.16 31.03 0.34
CA SER A 3 -0.36 31.41 1.65
C SER A 3 0.71 31.19 2.71
N GLY A 4 1.17 29.95 2.81
CA GLY A 4 2.19 29.59 3.78
C GLY A 4 2.78 28.20 3.47
N SER A 5 2.08 27.19 3.96
CA SER A 5 2.52 25.81 3.75
C SER A 5 1.38 24.85 4.08
N SER A 6 0.46 24.71 3.13
CA SER A 6 -0.67 23.83 3.32
C SER A 6 -1.59 23.89 2.09
N GLY A 7 -2.30 22.80 1.87
CA GLY A 7 -3.21 22.72 0.73
C GLY A 7 -4.47 23.54 0.98
N MET A 8 -5.58 22.82 1.17
CA MET A 8 -6.85 23.48 1.42
C MET A 8 -7.92 22.46 1.82
N SER A 9 -8.06 22.28 3.12
CA SER A 9 -9.04 21.35 3.65
C SER A 9 -8.80 19.95 3.07
N VAL A 10 -9.46 18.97 3.66
CA VAL A 10 -9.32 17.59 3.22
C VAL A 10 -10.69 16.92 3.22
N ASN A 11 -10.79 15.84 2.44
CA ASN A 11 -12.03 15.11 2.34
C ASN A 11 -11.73 13.64 2.01
N MET A 12 -10.99 13.46 0.92
CA MET A 12 -10.62 12.12 0.48
C MET A 12 -9.35 11.64 1.18
N ASP A 13 -9.44 11.59 2.51
CA ASP A 13 -8.30 11.16 3.31
C ASP A 13 -8.43 9.66 3.59
N GLU A 14 -9.56 9.30 4.18
CA GLU A 14 -9.82 7.92 4.52
C GLU A 14 -10.03 7.09 3.24
N LEU A 15 -11.01 7.50 2.46
CA LEU A 15 -11.32 6.82 1.21
C LEU A 15 -10.02 6.45 0.50
N ARG A 16 -9.25 7.48 0.16
CA ARG A 16 -7.99 7.26 -0.52
C ARG A 16 -7.27 6.04 0.05
N HIS A 17 -7.03 6.10 1.36
CA HIS A 17 -6.36 5.01 2.04
C HIS A 17 -6.93 3.67 1.58
N GLN A 18 -8.20 3.46 1.90
CA GLN A 18 -8.89 2.25 1.52
C GLN A 18 -8.58 1.90 0.07
N VAL A 19 -8.89 2.84 -0.81
CA VAL A 19 -8.65 2.64 -2.23
C VAL A 19 -7.22 2.15 -2.44
N MET A 20 -6.29 2.90 -1.85
CA MET A 20 -4.88 2.55 -1.97
C MET A 20 -4.63 1.09 -1.61
N ILE A 21 -4.85 0.78 -0.34
CA ILE A 21 -4.66 -0.58 0.14
C ILE A 21 -5.19 -1.57 -0.91
N ASN A 22 -6.50 -1.53 -1.10
CA ASN A 22 -7.14 -2.41 -2.07
C ASN A 22 -6.25 -2.51 -3.32
N GLN A 23 -5.98 -1.36 -3.91
CA GLN A 23 -5.15 -1.31 -5.11
C GLN A 23 -3.88 -2.12 -4.89
N PHE A 24 -3.10 -1.70 -3.91
CA PHE A 24 -1.85 -2.38 -3.60
C PHE A 24 -2.04 -3.90 -3.58
N VAL A 25 -3.23 -4.31 -3.14
CA VAL A 25 -3.55 -5.72 -3.07
C VAL A 25 -3.78 -6.26 -4.48
N LEU A 26 -4.47 -5.47 -5.28
CA LEU A 26 -4.75 -5.86 -6.65
C LEU A 26 -3.47 -5.80 -7.47
N ALA A 27 -2.72 -4.74 -7.25
CA ALA A 27 -1.46 -4.55 -7.97
C ALA A 27 -0.58 -5.79 -7.79
N ALA A 28 -0.40 -6.16 -6.52
CA ALA A 28 0.42 -7.31 -6.19
C ALA A 28 -0.45 -8.57 -6.24
N GLY A 29 -1.26 -8.73 -5.20
CA GLY A 29 -2.14 -9.88 -5.10
C GLY A 29 -1.88 -10.66 -3.81
N CYS A 30 -1.65 -9.93 -2.74
CA CYS A 30 -1.38 -10.53 -1.44
C CYS A 30 -2.51 -10.14 -0.49
N ALA A 31 -2.37 -10.57 0.76
CA ALA A 31 -3.35 -10.27 1.78
C ALA A 31 -3.56 -8.76 1.85
N ALA A 32 -4.70 -8.38 2.43
CA ALA A 32 -5.03 -6.97 2.57
C ALA A 32 -4.33 -6.41 3.81
N ASP A 33 -4.44 -7.14 4.90
CA ASP A 33 -3.83 -6.72 6.15
C ASP A 33 -2.42 -6.23 5.88
N GLN A 34 -1.73 -6.92 4.98
CA GLN A 34 -0.37 -6.55 4.62
C GLN A 34 -0.34 -5.13 4.05
N ALA A 35 -1.19 -4.92 3.05
CA ALA A 35 -1.27 -3.60 2.42
C ALA A 35 -1.17 -2.51 3.49
N LYS A 36 -2.14 -2.51 4.38
CA LYS A 36 -2.18 -1.53 5.45
C LYS A 36 -0.78 -1.41 6.07
N GLN A 37 -0.37 -2.48 6.72
CA GLN A 37 0.93 -2.51 7.37
C GLN A 37 2.01 -2.01 6.41
N LEU A 38 2.23 -2.77 5.35
CA LEU A 38 3.22 -2.41 4.35
C LEU A 38 3.15 -0.90 4.08
N LEU A 39 2.03 -0.50 3.49
CA LEU A 39 1.82 0.90 3.17
C LEU A 39 2.27 1.76 4.34
N GLN A 40 1.54 1.63 5.44
CA GLN A 40 1.86 2.38 6.65
C GLN A 40 3.37 2.35 6.91
N ALA A 41 3.88 1.14 7.10
CA ALA A 41 5.29 0.95 7.36
C ALA A 41 6.10 1.69 6.30
N ALA A 42 5.46 1.92 5.16
CA ALA A 42 6.11 2.61 4.07
C ALA A 42 5.56 4.04 3.96
N HIS A 43 5.22 4.57 5.12
CA HIS A 43 4.68 5.92 5.18
C HIS A 43 3.54 6.07 4.16
N TRP A 44 2.96 4.93 3.81
CA TRP A 44 1.86 4.91 2.85
C TRP A 44 2.43 5.29 1.48
N GLN A 45 3.65 4.85 1.24
CA GLN A 45 4.31 5.13 -0.02
C GLN A 45 4.12 3.97 -1.00
N PHE A 46 2.91 3.88 -1.53
CA PHE A 46 2.58 2.82 -2.47
C PHE A 46 3.80 2.47 -3.34
N GLU A 47 4.30 3.48 -4.03
CA GLU A 47 5.46 3.29 -4.89
C GLU A 47 6.52 2.45 -4.19
N THR A 48 7.12 3.07 -3.17
CA THR A 48 8.15 2.39 -2.40
C THR A 48 7.63 1.08 -1.82
N ALA A 49 6.53 1.20 -1.08
CA ALA A 49 5.92 0.03 -0.46
C ALA A 49 5.87 -1.11 -1.48
N LEU A 50 5.24 -0.84 -2.61
CA LEU A 50 5.13 -1.83 -3.66
C LEU A 50 6.53 -2.29 -4.09
N SER A 51 7.37 -1.31 -4.38
CA SER A 51 8.73 -1.59 -4.80
C SER A 51 9.35 -2.65 -3.87
N THR A 52 9.32 -2.33 -2.58
CA THR A 52 9.87 -3.23 -1.58
C THR A 52 9.19 -4.60 -1.65
N PHE A 53 7.91 -4.61 -1.27
CA PHE A 53 7.14 -5.83 -1.29
C PHE A 53 7.50 -6.70 -2.49
N PHE A 54 7.64 -6.03 -3.63
CA PHE A 54 7.98 -6.72 -4.87
C PHE A 54 9.41 -7.24 -4.83
N GLN A 55 10.32 -6.34 -4.46
CA GLN A 55 11.73 -6.69 -4.38
C GLN A 55 11.93 -7.91 -3.48
N GLU A 56 10.93 -8.16 -2.64
CA GLU A 56 10.97 -9.28 -1.72
C GLU A 56 10.69 -10.58 -2.46
N THR A 57 9.47 -10.68 -2.98
CA THR A 57 9.06 -11.87 -3.70
C THR A 57 9.61 -13.14 -3.03
N ASN A 58 9.41 -13.19 -1.73
CA ASN A 58 9.88 -14.33 -0.95
C ASN A 58 8.71 -15.31 -0.72
N ILE A 59 8.73 -16.39 -1.48
CA ILE A 59 7.69 -17.40 -1.38
C ILE A 59 8.14 -18.50 -0.41
N PRO A 60 7.14 -19.20 0.17
CA PRO A 60 7.42 -20.27 1.11
C PRO A 60 7.91 -21.52 0.38
N ASN A 61 8.25 -22.53 1.16
CA ASN A 61 8.73 -23.79 0.61
C ASN A 61 7.91 -24.95 1.17
N SER A 62 7.70 -25.94 0.33
CA SER A 62 6.93 -27.11 0.74
C SER A 62 5.48 -26.72 1.02
N HIS A 63 4.67 -26.76 -0.03
CA HIS A 63 3.26 -26.41 0.09
C HIS A 63 2.42 -27.40 -0.70
N HIS A 64 1.44 -27.99 -0.02
CA HIS A 64 0.56 -28.95 -0.65
C HIS A 64 -0.18 -28.28 -1.81
N HIS A 65 0.07 -28.81 -3.00
CA HIS A 65 -0.56 -28.28 -4.20
C HIS A 65 -1.42 -29.37 -4.86
N HIS A 66 -2.71 -29.11 -4.91
CA HIS A 66 -3.65 -30.05 -5.51
C HIS A 66 -4.70 -29.29 -6.32
N GLY A 1 -2.81 31.56 -4.14
CA GLY A 1 -3.46 31.41 -2.86
C GLY A 1 -3.49 29.94 -2.43
N SER A 2 -3.92 29.73 -1.19
CA SER A 2 -4.00 28.39 -0.65
C SER A 2 -5.18 28.28 0.33
N SER A 3 -5.54 27.05 0.63
CA SER A 3 -6.64 26.79 1.55
C SER A 3 -6.40 25.51 2.32
N GLY A 4 -6.21 25.67 3.63
CA GLY A 4 -5.96 24.52 4.49
C GLY A 4 -6.79 24.61 5.77
N SER A 5 -7.06 23.45 6.35
CA SER A 5 -7.83 23.37 7.57
C SER A 5 -7.66 22.01 8.23
N SER A 6 -7.89 21.98 9.54
CA SER A 6 -7.76 20.75 10.29
C SER A 6 -9.07 20.45 11.04
N GLY A 7 -9.72 19.37 10.63
CA GLY A 7 -10.97 18.97 11.25
C GLY A 7 -12.08 18.84 10.19
N MET A 8 -13.19 18.28 10.63
CA MET A 8 -14.33 18.09 9.74
C MET A 8 -13.97 17.19 8.56
N SER A 9 -14.46 15.96 8.63
CA SER A 9 -14.19 14.99 7.57
C SER A 9 -14.83 15.46 6.26
N VAL A 10 -13.97 15.81 5.32
CA VAL A 10 -14.43 16.27 4.01
C VAL A 10 -13.63 15.58 2.92
N ASN A 11 -12.33 15.87 2.92
CA ASN A 11 -11.43 15.29 1.92
C ASN A 11 -11.50 13.77 2.02
N MET A 12 -11.25 13.13 0.89
CA MET A 12 -11.28 11.67 0.84
C MET A 12 -9.99 11.08 1.43
N ASP A 13 -9.71 11.48 2.67
CA ASP A 13 -8.53 10.99 3.35
C ASP A 13 -8.64 9.49 3.56
N GLU A 14 -9.75 9.09 4.19
CA GLU A 14 -10.00 7.68 4.46
C GLU A 14 -10.17 6.92 3.15
N LEU A 15 -11.09 7.40 2.33
CA LEU A 15 -11.36 6.76 1.05
C LEU A 15 -10.03 6.42 0.37
N ARG A 16 -9.28 7.46 0.06
CA ARG A 16 -7.99 7.28 -0.59
C ARG A 16 -7.27 6.06 -0.02
N HIS A 17 -7.06 6.09 1.29
CA HIS A 17 -6.38 5.00 1.97
C HIS A 17 -6.98 3.67 1.51
N GLN A 18 -8.24 3.45 1.89
CA GLN A 18 -8.92 2.23 1.52
C GLN A 18 -8.68 1.89 0.05
N VAL A 19 -8.87 2.90 -0.79
CA VAL A 19 -8.67 2.73 -2.22
C VAL A 19 -7.24 2.21 -2.47
N MET A 20 -6.28 2.88 -1.85
CA MET A 20 -4.89 2.49 -2.00
C MET A 20 -4.69 1.01 -1.64
N ILE A 21 -4.91 0.70 -0.38
CA ILE A 21 -4.75 -0.66 0.10
C ILE A 21 -5.33 -1.63 -0.94
N ASN A 22 -6.64 -1.53 -1.12
CA ASN A 22 -7.33 -2.39 -2.07
C ASN A 22 -6.49 -2.50 -3.35
N GLN A 23 -6.04 -1.35 -3.82
CA GLN A 23 -5.23 -1.30 -5.02
C GLN A 23 -3.94 -2.12 -4.84
N PHE A 24 -3.10 -1.64 -3.94
CA PHE A 24 -1.84 -2.31 -3.65
C PHE A 24 -2.05 -3.83 -3.55
N VAL A 25 -3.11 -4.20 -2.85
CA VAL A 25 -3.43 -5.61 -2.67
C VAL A 25 -3.72 -6.23 -4.03
N LEU A 26 -4.40 -5.47 -4.87
CA LEU A 26 -4.75 -5.95 -6.20
C LEU A 26 -3.50 -5.95 -7.08
N ALA A 27 -2.77 -4.85 -7.02
CA ALA A 27 -1.56 -4.70 -7.81
C ALA A 27 -0.70 -5.95 -7.63
N ALA A 28 -0.43 -6.27 -6.38
CA ALA A 28 0.38 -7.44 -6.06
C ALA A 28 -0.52 -8.67 -5.94
N GLY A 29 -1.17 -8.78 -4.79
CA GLY A 29 -2.07 -9.89 -4.54
C GLY A 29 -1.76 -10.55 -3.19
N CYS A 30 -1.53 -9.71 -2.19
CA CYS A 30 -1.22 -10.19 -0.86
C CYS A 30 -2.44 -9.93 0.04
N ALA A 31 -2.29 -10.28 1.30
CA ALA A 31 -3.36 -10.09 2.27
C ALA A 31 -3.71 -8.61 2.35
N ALA A 32 -5.01 -8.33 2.26
CA ALA A 32 -5.49 -6.96 2.31
C ALA A 32 -4.89 -6.27 3.54
N ASP A 33 -4.62 -7.07 4.56
CA ASP A 33 -4.05 -6.55 5.80
C ASP A 33 -2.63 -6.08 5.53
N GLN A 34 -1.87 -6.93 4.85
CA GLN A 34 -0.49 -6.61 4.53
C GLN A 34 -0.39 -5.19 3.99
N ALA A 35 -1.21 -4.89 3.00
CA ALA A 35 -1.23 -3.58 2.39
C ALA A 35 -1.08 -2.52 3.48
N LYS A 36 -2.09 -2.45 4.33
CA LYS A 36 -2.08 -1.48 5.41
C LYS A 36 -0.68 -1.40 6.01
N GLN A 37 -0.28 -2.49 6.67
CA GLN A 37 1.03 -2.55 7.30
C GLN A 37 2.10 -2.05 6.32
N LEU A 38 2.32 -2.84 5.28
CA LEU A 38 3.31 -2.49 4.27
C LEU A 38 3.24 -0.99 3.99
N LEU A 39 2.09 -0.56 3.50
CA LEU A 39 1.88 0.84 3.18
C LEU A 39 2.30 1.70 4.38
N GLN A 40 1.56 1.55 5.46
CA GLN A 40 1.84 2.30 6.68
C GLN A 40 3.34 2.30 6.95
N ALA A 41 3.88 1.10 7.16
CA ALA A 41 5.30 0.95 7.43
C ALA A 41 6.10 1.67 6.34
N ALA A 42 5.48 1.81 5.19
CA ALA A 42 6.13 2.47 4.07
C ALA A 42 5.61 3.90 3.96
N HIS A 43 5.19 4.44 5.10
CA HIS A 43 4.67 5.80 5.15
C HIS A 43 3.55 5.95 4.12
N TRP A 44 2.95 4.82 3.77
CA TRP A 44 1.86 4.82 2.81
C TRP A 44 2.45 5.17 1.43
N GLN A 45 3.72 4.84 1.28
CA GLN A 45 4.40 5.11 0.02
C GLN A 45 4.21 3.95 -0.95
N PHE A 46 3.01 3.88 -1.51
CA PHE A 46 2.69 2.82 -2.45
C PHE A 46 3.91 2.46 -3.31
N GLU A 47 4.41 3.46 -4.01
CA GLU A 47 5.57 3.25 -4.87
C GLU A 47 6.64 2.44 -4.14
N THR A 48 7.10 3.00 -3.04
CA THR A 48 8.13 2.34 -2.24
C THR A 48 7.60 1.00 -1.71
N ALA A 49 6.49 1.06 -1.01
CA ALA A 49 5.87 -0.13 -0.45
C ALA A 49 5.88 -1.24 -1.50
N LEU A 50 5.28 -0.93 -2.64
CA LEU A 50 5.20 -1.88 -3.74
C LEU A 50 6.61 -2.27 -4.18
N SER A 51 7.40 -1.25 -4.48
CA SER A 51 8.77 -1.46 -4.91
C SER A 51 9.47 -2.43 -3.96
N THR A 52 9.25 -2.21 -2.67
CA THR A 52 9.86 -3.05 -1.65
C THR A 52 9.24 -4.45 -1.68
N PHE A 53 7.97 -4.51 -1.31
CA PHE A 53 7.24 -5.77 -1.29
C PHE A 53 7.66 -6.66 -2.47
N PHE A 54 7.65 -6.06 -3.65
CA PHE A 54 8.02 -6.77 -4.86
C PHE A 54 9.49 -7.17 -4.83
N GLN A 55 10.33 -6.20 -4.48
CA GLN A 55 11.76 -6.43 -4.41
C GLN A 55 12.08 -7.45 -3.31
N GLU A 56 11.16 -7.57 -2.37
CA GLU A 56 11.33 -8.48 -1.26
C GLU A 56 11.27 -9.93 -1.76
N THR A 57 10.10 -10.31 -2.27
CA THR A 57 9.91 -11.65 -2.78
C THR A 57 10.12 -12.68 -1.67
N ASN A 58 9.12 -13.54 -1.50
CA ASN A 58 9.19 -14.57 -0.48
C ASN A 58 9.89 -15.81 -1.06
N ILE A 59 10.34 -16.67 -0.15
CA ILE A 59 11.02 -17.88 -0.55
C ILE A 59 10.14 -18.66 -1.54
N PRO A 60 10.81 -19.47 -2.39
CA PRO A 60 10.11 -20.28 -3.38
C PRO A 60 9.42 -21.47 -2.72
N ASN A 61 8.15 -21.64 -3.06
CA ASN A 61 7.36 -22.74 -2.52
C ASN A 61 6.84 -23.61 -3.66
N SER A 62 6.93 -24.91 -3.47
CA SER A 62 6.47 -25.85 -4.47
C SER A 62 5.12 -25.40 -5.02
N HIS A 63 5.12 -25.06 -6.30
CA HIS A 63 3.91 -24.62 -6.97
C HIS A 63 3.97 -24.99 -8.44
N HIS A 64 3.33 -26.10 -8.77
CA HIS A 64 3.30 -26.58 -10.14
C HIS A 64 2.19 -27.61 -10.30
N HIS A 65 1.59 -27.61 -11.49
CA HIS A 65 0.51 -28.54 -11.78
C HIS A 65 -0.65 -28.30 -10.82
N HIS A 66 -1.45 -27.30 -11.15
CA HIS A 66 -2.60 -26.95 -10.33
C HIS A 66 -3.40 -28.22 -10.00
N GLY A 1 -31.60 2.45 -14.96
CA GLY A 1 -31.87 3.56 -14.06
C GLY A 1 -30.82 4.67 -14.22
N SER A 2 -30.91 5.36 -15.35
CA SER A 2 -29.98 6.44 -15.63
C SER A 2 -29.90 7.39 -14.44
N SER A 3 -28.67 7.60 -13.97
CA SER A 3 -28.45 8.48 -12.84
C SER A 3 -27.10 9.17 -12.98
N GLY A 4 -26.96 10.29 -12.28
CA GLY A 4 -25.72 11.06 -12.32
C GLY A 4 -25.67 12.07 -11.17
N SER A 5 -25.65 11.54 -9.96
CA SER A 5 -25.60 12.38 -8.78
C SER A 5 -24.24 12.24 -8.09
N SER A 6 -23.28 13.01 -8.59
CA SER A 6 -21.93 12.98 -8.04
C SER A 6 -21.94 13.53 -6.61
N GLY A 7 -21.42 12.73 -5.69
CA GLY A 7 -21.36 13.13 -4.29
C GLY A 7 -20.43 14.33 -4.11
N MET A 8 -21.01 15.41 -3.60
CA MET A 8 -20.24 16.63 -3.36
C MET A 8 -18.83 16.30 -2.87
N SER A 9 -17.92 17.20 -3.18
CA SER A 9 -16.53 17.02 -2.77
C SER A 9 -16.26 17.79 -1.49
N VAL A 10 -15.98 17.04 -0.43
CA VAL A 10 -15.71 17.64 0.87
C VAL A 10 -14.29 17.26 1.31
N ASN A 11 -13.96 16.01 1.07
CA ASN A 11 -12.64 15.50 1.43
C ASN A 11 -12.56 14.01 1.11
N MET A 12 -11.33 13.53 0.96
CA MET A 12 -11.10 12.13 0.64
C MET A 12 -9.78 11.65 1.23
N ASP A 13 -9.77 11.54 2.55
CA ASP A 13 -8.58 11.09 3.25
C ASP A 13 -8.67 9.57 3.50
N GLU A 14 -9.76 9.19 4.15
CA GLU A 14 -9.99 7.78 4.45
C GLU A 14 -10.14 6.98 3.16
N LEU A 15 -11.12 7.38 2.36
CA LEU A 15 -11.39 6.72 1.10
C LEU A 15 -10.06 6.37 0.42
N ARG A 16 -9.32 7.42 0.08
CA ARG A 16 -8.03 7.24 -0.57
C ARG A 16 -7.29 6.04 0.03
N HIS A 17 -7.06 6.12 1.33
CA HIS A 17 -6.37 5.04 2.03
C HIS A 17 -6.94 3.69 1.60
N GLN A 18 -8.20 3.47 1.94
CA GLN A 18 -8.87 2.23 1.59
C GLN A 18 -8.58 1.87 0.14
N VAL A 19 -8.91 2.80 -0.75
CA VAL A 19 -8.70 2.58 -2.17
C VAL A 19 -7.27 2.06 -2.39
N MET A 20 -6.32 2.79 -1.86
CA MET A 20 -4.92 2.42 -1.99
C MET A 20 -4.71 0.95 -1.61
N ILE A 21 -4.92 0.67 -0.33
CA ILE A 21 -4.77 -0.68 0.17
C ILE A 21 -5.33 -1.67 -0.85
N ASN A 22 -6.61 -1.49 -1.15
CA ASN A 22 -7.28 -2.36 -2.10
C ASN A 22 -6.45 -2.44 -3.38
N GLN A 23 -6.04 -1.27 -3.86
CA GLN A 23 -5.24 -1.20 -5.07
C GLN A 23 -3.98 -2.04 -4.93
N PHE A 24 -3.11 -1.59 -4.02
CA PHE A 24 -1.86 -2.29 -3.77
C PHE A 24 -2.09 -3.81 -3.72
N VAL A 25 -3.08 -4.20 -2.93
CA VAL A 25 -3.40 -5.60 -2.78
C VAL A 25 -3.78 -6.19 -4.14
N LEU A 26 -4.44 -5.37 -4.94
CA LEU A 26 -4.87 -5.78 -6.27
C LEU A 26 -3.65 -5.83 -7.19
N ALA A 27 -2.83 -4.79 -7.11
CA ALA A 27 -1.64 -4.70 -7.93
C ALA A 27 -0.81 -5.97 -7.74
N ALA A 28 -0.62 -6.33 -6.48
CA ALA A 28 0.16 -7.51 -6.15
C ALA A 28 -0.77 -8.73 -6.09
N GLY A 29 -1.51 -8.81 -4.99
CA GLY A 29 -2.44 -9.91 -4.80
C GLY A 29 -2.13 -10.66 -3.50
N CYS A 30 -1.81 -9.89 -2.47
CA CYS A 30 -1.50 -10.47 -1.18
C CYS A 30 -2.62 -10.12 -0.20
N ALA A 31 -2.40 -10.48 1.06
CA ALA A 31 -3.39 -10.22 2.09
C ALA A 31 -3.69 -8.71 2.13
N ALA A 32 -4.96 -8.39 2.24
CA ALA A 32 -5.40 -7.01 2.29
C ALA A 32 -4.74 -6.31 3.48
N ASP A 33 -4.69 -7.03 4.59
CA ASP A 33 -4.08 -6.50 5.80
C ASP A 33 -2.66 -6.02 5.49
N GLN A 34 -1.89 -6.91 4.89
CA GLN A 34 -0.52 -6.60 4.53
C GLN A 34 -0.42 -5.15 4.02
N ALA A 35 -1.24 -4.87 3.01
CA ALA A 35 -1.25 -3.53 2.43
C ALA A 35 -1.14 -2.49 3.54
N LYS A 36 -2.17 -2.44 4.38
CA LYS A 36 -2.21 -1.51 5.48
C LYS A 36 -0.81 -1.41 6.10
N GLN A 37 -0.39 -2.51 6.71
CA GLN A 37 0.92 -2.56 7.34
C GLN A 37 1.99 -2.05 6.38
N LEU A 38 2.23 -2.83 5.34
CA LEU A 38 3.23 -2.47 4.35
C LEU A 38 3.16 -0.97 4.07
N LEU A 39 2.03 -0.55 3.53
CA LEU A 39 1.82 0.84 3.21
C LEU A 39 2.29 1.70 4.39
N GLN A 40 1.57 1.57 5.50
CA GLN A 40 1.90 2.32 6.70
C GLN A 40 3.41 2.27 6.96
N ALA A 41 3.90 1.05 7.13
CA ALA A 41 5.32 0.85 7.39
C ALA A 41 6.13 1.56 6.30
N ALA A 42 5.48 1.80 5.17
CA ALA A 42 6.13 2.47 4.05
C ALA A 42 5.61 3.91 3.96
N HIS A 43 5.21 4.43 5.10
CA HIS A 43 4.70 5.80 5.15
C HIS A 43 3.57 5.96 4.13
N TRP A 44 2.96 4.84 3.78
CA TRP A 44 1.87 4.84 2.83
C TRP A 44 2.45 5.18 1.45
N GLN A 45 3.72 4.83 1.27
CA GLN A 45 4.40 5.10 0.02
C GLN A 45 4.20 3.94 -0.95
N PHE A 46 3.00 3.87 -1.51
CA PHE A 46 2.67 2.81 -2.45
C PHE A 46 3.89 2.43 -3.29
N GLU A 47 4.35 3.40 -4.08
CA GLU A 47 5.51 3.17 -4.93
C GLU A 47 6.57 2.37 -4.19
N THR A 48 7.12 3.00 -3.16
CA THR A 48 8.15 2.36 -2.36
C THR A 48 7.65 1.02 -1.82
N ALA A 49 6.53 1.08 -1.12
CA ALA A 49 5.95 -0.12 -0.54
C ALA A 49 5.98 -1.24 -1.58
N LEU A 50 5.32 -1.01 -2.70
CA LEU A 50 5.28 -1.99 -3.76
C LEU A 50 6.70 -2.36 -4.17
N SER A 51 7.43 -1.36 -4.64
CA SER A 51 8.80 -1.57 -5.06
C SER A 51 9.52 -2.48 -4.07
N THR A 52 9.38 -2.15 -2.79
CA THR A 52 10.01 -2.93 -1.74
C THR A 52 9.39 -4.33 -1.67
N PHE A 53 8.12 -4.36 -1.26
CA PHE A 53 7.41 -5.62 -1.14
C PHE A 53 7.77 -6.57 -2.28
N PHE A 54 7.77 -6.01 -3.49
CA PHE A 54 8.09 -6.79 -4.67
C PHE A 54 9.51 -7.37 -4.58
N GLN A 55 10.43 -6.52 -4.14
CA GLN A 55 11.82 -6.93 -4.00
C GLN A 55 12.00 -7.74 -2.71
N GLU A 56 11.27 -8.84 -2.63
CA GLU A 56 11.33 -9.70 -1.46
C GLU A 56 11.40 -11.17 -1.89
N THR A 57 12.11 -11.40 -2.98
CA THR A 57 12.27 -12.75 -3.50
C THR A 57 13.66 -13.29 -3.20
N ASN A 58 13.97 -13.35 -1.90
CA ASN A 58 15.26 -13.85 -1.46
C ASN A 58 15.64 -15.07 -2.30
N ILE A 59 16.72 -14.92 -3.05
CA ILE A 59 17.21 -16.00 -3.89
C ILE A 59 18.33 -16.75 -3.16
N PRO A 60 18.51 -18.04 -3.57
CA PRO A 60 19.54 -18.87 -2.96
C PRO A 60 20.93 -18.49 -3.48
N ASN A 61 21.93 -18.77 -2.66
CA ASN A 61 23.30 -18.46 -3.03
C ASN A 61 23.45 -16.95 -3.19
N SER A 62 24.46 -16.41 -2.52
CA SER A 62 24.71 -14.98 -2.58
C SER A 62 25.97 -14.65 -1.78
N HIS A 63 26.77 -13.76 -2.34
CA HIS A 63 28.01 -13.34 -1.69
C HIS A 63 27.97 -11.83 -1.43
N HIS A 64 28.82 -11.40 -0.52
CA HIS A 64 28.91 -10.00 -0.17
C HIS A 64 30.23 -9.71 0.53
N HIS A 65 30.94 -8.72 0.01
CA HIS A 65 32.23 -8.35 0.57
C HIS A 65 32.05 -7.97 2.04
N HIS A 66 32.95 -8.47 2.86
CA HIS A 66 32.91 -8.20 4.29
C HIS A 66 33.87 -7.06 4.63
N GLY A 1 -28.26 3.87 2.91
CA GLY A 1 -28.85 5.18 2.75
C GLY A 1 -28.30 5.89 1.52
N SER A 2 -29.07 6.83 1.00
CA SER A 2 -28.68 7.59 -0.17
C SER A 2 -27.37 8.34 0.11
N SER A 3 -26.77 8.84 -0.96
CA SER A 3 -25.53 9.57 -0.84
C SER A 3 -25.65 10.93 -1.53
N GLY A 4 -24.77 11.84 -1.15
CA GLY A 4 -24.77 13.17 -1.72
C GLY A 4 -23.33 13.65 -2.01
N SER A 5 -22.71 12.97 -2.96
CA SER A 5 -21.35 13.31 -3.34
C SER A 5 -21.34 14.64 -4.10
N SER A 6 -20.52 15.56 -3.60
CA SER A 6 -20.40 16.87 -4.22
C SER A 6 -19.28 17.66 -3.55
N GLY A 7 -19.41 17.85 -2.25
CA GLY A 7 -18.41 18.58 -1.49
C GLY A 7 -18.86 18.78 -0.04
N MET A 8 -18.79 17.70 0.72
CA MET A 8 -19.18 17.75 2.13
C MET A 8 -18.42 16.70 2.94
N SER A 9 -18.51 16.84 4.25
CA SER A 9 -17.84 15.93 5.16
C SER A 9 -16.33 16.03 4.98
N VAL A 10 -15.60 15.45 5.93
CA VAL A 10 -14.16 15.47 5.89
C VAL A 10 -13.68 15.14 4.47
N ASN A 11 -12.44 15.52 4.19
CA ASN A 11 -11.86 15.28 2.88
C ASN A 11 -11.81 13.77 2.63
N MET A 12 -11.53 13.42 1.38
CA MET A 12 -11.44 12.03 1.00
C MET A 12 -10.10 11.42 1.42
N ASP A 13 -9.82 11.53 2.71
CA ASP A 13 -8.58 11.00 3.25
C ASP A 13 -8.71 9.49 3.43
N GLU A 14 -9.73 9.10 4.18
CA GLU A 14 -9.97 7.69 4.43
C GLU A 14 -10.12 6.93 3.11
N LEU A 15 -11.10 7.37 2.32
CA LEU A 15 -11.35 6.75 1.04
C LEU A 15 -10.02 6.41 0.36
N ARG A 16 -9.26 7.46 0.09
CA ARG A 16 -7.96 7.28 -0.56
C ARG A 16 -7.24 6.06 0.00
N HIS A 17 -7.05 6.08 1.32
CA HIS A 17 -6.37 4.98 2.00
C HIS A 17 -6.98 3.66 1.53
N GLN A 18 -8.24 3.44 1.91
CA GLN A 18 -8.93 2.22 1.55
C GLN A 18 -8.66 1.87 0.08
N VAL A 19 -8.87 2.85 -0.78
CA VAL A 19 -8.65 2.66 -2.20
C VAL A 19 -7.21 2.16 -2.43
N MET A 20 -6.27 2.87 -1.82
CA MET A 20 -4.87 2.52 -1.94
C MET A 20 -4.64 1.05 -1.59
N ILE A 21 -4.87 0.73 -0.32
CA ILE A 21 -4.70 -0.62 0.15
C ILE A 21 -5.21 -1.60 -0.91
N ASN A 22 -6.52 -1.57 -1.12
CA ASN A 22 -7.14 -2.45 -2.10
C ASN A 22 -6.25 -2.52 -3.34
N GLN A 23 -5.97 -1.36 -3.92
CA GLN A 23 -5.14 -1.28 -5.10
C GLN A 23 -3.86 -2.12 -4.90
N PHE A 24 -3.01 -1.61 -4.02
CA PHE A 24 -1.75 -2.30 -3.73
C PHE A 24 -1.97 -3.80 -3.58
N VAL A 25 -3.16 -4.15 -3.11
CA VAL A 25 -3.51 -5.55 -2.92
C VAL A 25 -3.87 -6.17 -4.26
N LEU A 26 -4.61 -5.41 -5.06
CA LEU A 26 -5.03 -5.88 -6.36
C LEU A 26 -3.83 -5.90 -7.30
N ALA A 27 -2.94 -4.94 -7.11
CA ALA A 27 -1.75 -4.83 -7.93
C ALA A 27 -0.83 -6.01 -7.62
N ALA A 28 -0.56 -6.20 -6.34
CA ALA A 28 0.31 -7.29 -5.89
C ALA A 28 -0.48 -8.59 -5.90
N GLY A 29 -1.39 -8.69 -4.93
CA GLY A 29 -2.21 -9.89 -4.80
C GLY A 29 -1.93 -10.62 -3.49
N CYS A 30 -1.63 -9.84 -2.48
CA CYS A 30 -1.33 -10.39 -1.16
C CYS A 30 -2.48 -10.02 -0.22
N ALA A 31 -2.37 -10.52 1.01
CA ALA A 31 -3.39 -10.25 2.02
C ALA A 31 -3.67 -8.76 2.06
N ALA A 32 -4.89 -8.42 2.48
CA ALA A 32 -5.28 -7.03 2.58
C ALA A 32 -4.64 -6.39 3.82
N ASP A 33 -4.78 -7.09 4.93
CA ASP A 33 -4.22 -6.61 6.18
C ASP A 33 -2.75 -6.24 5.96
N GLN A 34 -2.14 -6.91 5.01
CA GLN A 34 -0.74 -6.65 4.70
C GLN A 34 -0.57 -5.24 4.13
N ALA A 35 -1.36 -4.95 3.10
CA ALA A 35 -1.31 -3.65 2.47
C ALA A 35 -1.15 -2.57 3.54
N LYS A 36 -2.14 -2.52 4.43
CA LYS A 36 -2.13 -1.53 5.50
C LYS A 36 -0.72 -1.46 6.10
N GLN A 37 -0.33 -2.57 6.72
CA GLN A 37 0.99 -2.65 7.34
C GLN A 37 2.06 -2.11 6.40
N LEU A 38 2.27 -2.84 5.31
CA LEU A 38 3.26 -2.45 4.32
C LEU A 38 3.16 -0.95 4.07
N LEU A 39 2.04 -0.56 3.48
CA LEU A 39 1.81 0.85 3.17
C LEU A 39 2.27 1.70 4.36
N GLN A 40 1.57 1.56 5.46
CA GLN A 40 1.90 2.30 6.67
C GLN A 40 3.40 2.26 6.93
N ALA A 41 3.91 1.04 7.08
CA ALA A 41 5.32 0.85 7.34
C ALA A 41 6.13 1.59 6.27
N ALA A 42 5.47 1.85 5.15
CA ALA A 42 6.12 2.54 4.05
C ALA A 42 5.58 3.98 3.97
N HIS A 43 5.22 4.50 5.12
CA HIS A 43 4.68 5.85 5.20
C HIS A 43 3.54 6.00 4.19
N TRP A 44 2.96 4.88 3.81
CA TRP A 44 1.87 4.87 2.85
C TRP A 44 2.44 5.26 1.48
N GLN A 45 3.68 4.83 1.25
CA GLN A 45 4.34 5.13 -0.01
C GLN A 45 4.16 3.96 -0.99
N PHE A 46 2.95 3.88 -1.53
CA PHE A 46 2.63 2.84 -2.48
C PHE A 46 3.85 2.49 -3.35
N GLU A 47 4.29 3.46 -4.11
CA GLU A 47 5.44 3.27 -4.99
C GLU A 47 6.52 2.45 -4.28
N THR A 48 7.12 3.08 -3.27
CA THR A 48 8.17 2.43 -2.51
C THR A 48 7.66 1.10 -1.94
N ALA A 49 6.58 1.19 -1.17
CA ALA A 49 5.99 0.01 -0.57
C ALA A 49 5.98 -1.12 -1.59
N LEU A 50 5.32 -0.87 -2.72
CA LEU A 50 5.24 -1.86 -3.78
C LEU A 50 6.64 -2.26 -4.22
N SER A 51 7.46 -1.24 -4.47
CA SER A 51 8.83 -1.49 -4.89
C SER A 51 9.53 -2.43 -3.92
N THR A 52 9.32 -2.16 -2.63
CA THR A 52 9.92 -2.98 -1.60
C THR A 52 9.34 -4.39 -1.62
N PHE A 53 8.05 -4.48 -1.27
CA PHE A 53 7.37 -5.76 -1.25
C PHE A 53 7.82 -6.64 -2.41
N PHE A 54 7.80 -6.06 -3.60
CA PHE A 54 8.20 -6.78 -4.80
C PHE A 54 9.63 -7.30 -4.67
N GLN A 55 10.51 -6.40 -4.25
CA GLN A 55 11.92 -6.74 -4.07
C GLN A 55 12.07 -7.80 -2.99
N GLU A 56 12.44 -7.34 -1.80
CA GLU A 56 12.63 -8.23 -0.67
C GLU A 56 13.28 -9.54 -1.14
N THR A 57 14.21 -9.41 -2.07
CA THR A 57 14.90 -10.56 -2.60
C THR A 57 15.79 -11.20 -1.52
N ASN A 58 15.14 -11.92 -0.63
CA ASN A 58 15.85 -12.59 0.45
C ASN A 58 16.55 -11.54 1.31
N ILE A 59 16.13 -11.47 2.58
CA ILE A 59 16.70 -10.52 3.51
C ILE A 59 17.85 -11.19 4.26
N PRO A 60 18.80 -10.34 4.76
CA PRO A 60 19.94 -10.84 5.49
C PRO A 60 19.55 -11.25 6.90
N ASN A 61 19.18 -12.52 7.04
CA ASN A 61 18.77 -13.05 8.33
C ASN A 61 20.02 -13.47 9.12
N SER A 62 19.79 -13.82 10.37
CA SER A 62 20.88 -14.25 11.24
C SER A 62 20.34 -15.13 12.36
N HIS A 63 21.23 -15.95 12.90
CA HIS A 63 20.86 -16.85 13.98
C HIS A 63 21.03 -16.13 15.32
N HIS A 64 19.97 -15.43 15.72
CA HIS A 64 19.99 -14.71 16.99
C HIS A 64 18.65 -14.87 17.69
N HIS A 65 18.64 -14.53 18.97
CA HIS A 65 17.43 -14.63 19.76
C HIS A 65 17.46 -13.58 20.87
N HIS A 66 16.28 -13.28 21.41
CA HIS A 66 16.16 -12.31 22.47
C HIS A 66 15.56 -12.97 23.71
N GLY A 1 -16.89 6.88 9.62
CA GLY A 1 -18.00 6.31 8.86
C GLY A 1 -19.00 7.41 8.46
N SER A 2 -20.22 6.97 8.22
CA SER A 2 -21.28 7.90 7.82
C SER A 2 -22.60 7.15 7.65
N SER A 3 -22.58 6.17 6.76
CA SER A 3 -23.77 5.37 6.50
C SER A 3 -24.90 6.27 6.01
N GLY A 4 -25.93 5.63 5.49
CA GLY A 4 -27.08 6.36 4.99
C GLY A 4 -27.50 5.85 3.60
N SER A 5 -26.98 6.53 2.59
CA SER A 5 -27.28 6.15 1.21
C SER A 5 -26.46 7.02 0.25
N SER A 6 -25.75 6.35 -0.65
CA SER A 6 -24.93 7.03 -1.62
C SER A 6 -24.25 6.02 -2.54
N GLY A 7 -23.72 6.52 -3.65
CA GLY A 7 -23.04 5.68 -4.62
C GLY A 7 -21.53 5.82 -4.49
N MET A 8 -20.89 6.08 -5.63
CA MET A 8 -19.45 6.23 -5.66
C MET A 8 -18.95 7.03 -4.46
N SER A 9 -19.82 7.90 -3.97
CA SER A 9 -19.49 8.74 -2.82
C SER A 9 -18.30 9.63 -3.15
N VAL A 10 -18.42 10.89 -2.76
CA VAL A 10 -17.37 11.86 -3.00
C VAL A 10 -16.08 11.40 -2.31
N ASN A 11 -14.97 11.59 -3.01
CA ASN A 11 -13.68 11.20 -2.47
C ASN A 11 -13.60 11.58 -0.99
N MET A 12 -12.86 10.77 -0.25
CA MET A 12 -12.71 11.00 1.18
C MET A 12 -11.28 10.66 1.64
N ASP A 13 -10.81 11.43 2.61
CA ASP A 13 -9.48 11.21 3.14
C ASP A 13 -9.28 9.71 3.43
N GLU A 14 -10.21 9.16 4.18
CA GLU A 14 -10.15 7.75 4.54
C GLU A 14 -10.36 6.89 3.29
N LEU A 15 -11.07 7.46 2.33
CA LEU A 15 -11.35 6.76 1.08
C LEU A 15 -10.03 6.41 0.39
N ARG A 16 -9.24 7.45 0.12
CA ARG A 16 -7.96 7.25 -0.54
C ARG A 16 -7.22 6.06 0.07
N HIS A 17 -7.08 6.10 1.39
CA HIS A 17 -6.40 5.03 2.10
C HIS A 17 -6.97 3.68 1.65
N GLN A 18 -8.22 3.46 2.00
CA GLN A 18 -8.89 2.22 1.65
C GLN A 18 -8.60 1.86 0.19
N VAL A 19 -8.98 2.77 -0.69
CA VAL A 19 -8.76 2.56 -2.12
C VAL A 19 -7.34 2.06 -2.35
N MET A 20 -6.39 2.81 -1.82
CA MET A 20 -4.99 2.45 -1.96
C MET A 20 -4.75 0.99 -1.57
N ILE A 21 -4.94 0.70 -0.30
CA ILE A 21 -4.76 -0.66 0.21
C ILE A 21 -5.33 -1.65 -0.80
N ASN A 22 -6.55 -1.38 -1.22
CA ASN A 22 -7.22 -2.26 -2.17
C ASN A 22 -6.35 -2.38 -3.43
N GLN A 23 -5.94 -1.23 -3.94
CA GLN A 23 -5.10 -1.21 -5.13
C GLN A 23 -3.84 -2.05 -4.92
N PHE A 24 -3.05 -1.64 -3.94
CA PHE A 24 -1.82 -2.33 -3.62
C PHE A 24 -2.04 -3.84 -3.59
N VAL A 25 -3.06 -4.25 -2.85
CA VAL A 25 -3.39 -5.65 -2.72
C VAL A 25 -3.74 -6.21 -4.10
N LEU A 26 -4.27 -5.34 -4.94
CA LEU A 26 -4.65 -5.73 -6.29
C LEU A 26 -3.41 -5.81 -7.17
N ALA A 27 -2.68 -4.71 -7.21
CA ALA A 27 -1.46 -4.65 -8.00
C ALA A 27 -0.57 -5.84 -7.65
N ALA A 28 -0.34 -6.01 -6.35
CA ALA A 28 0.49 -7.10 -5.88
C ALA A 28 -0.30 -8.41 -5.96
N GLY A 29 -1.28 -8.53 -5.09
CA GLY A 29 -2.12 -9.72 -5.05
C GLY A 29 -1.92 -10.48 -3.74
N CYS A 30 -1.51 -9.75 -2.72
CA CYS A 30 -1.29 -10.34 -1.41
C CYS A 30 -2.50 -10.04 -0.53
N ALA A 31 -2.38 -10.40 0.74
CA ALA A 31 -3.45 -10.18 1.69
C ALA A 31 -3.79 -8.69 1.73
N ALA A 32 -4.97 -8.40 2.25
CA ALA A 32 -5.43 -7.02 2.36
C ALA A 32 -4.74 -6.34 3.55
N ASP A 33 -4.93 -6.95 4.71
CA ASP A 33 -4.33 -6.41 5.93
C ASP A 33 -2.88 -6.01 5.66
N GLN A 34 -2.17 -6.91 4.98
CA GLN A 34 -0.78 -6.65 4.64
C GLN A 34 -0.61 -5.23 4.11
N ALA A 35 -1.37 -4.92 3.08
CA ALA A 35 -1.32 -3.61 2.48
C ALA A 35 -1.20 -2.55 3.57
N LYS A 36 -2.22 -2.51 4.41
CA LYS A 36 -2.25 -1.55 5.51
C LYS A 36 -0.85 -1.44 6.11
N GLN A 37 -0.38 -2.56 6.64
CA GLN A 37 0.94 -2.60 7.25
C GLN A 37 2.00 -2.12 6.26
N LEU A 38 2.19 -2.90 5.21
CA LEU A 38 3.17 -2.57 4.19
C LEU A 38 3.12 -1.06 3.92
N LEU A 39 1.96 -0.62 3.46
CA LEU A 39 1.77 0.79 3.16
C LEU A 39 2.31 1.63 4.32
N GLN A 40 1.64 1.51 5.46
CA GLN A 40 2.03 2.26 6.64
C GLN A 40 3.55 2.16 6.84
N ALA A 41 4.03 0.93 6.95
CA ALA A 41 5.44 0.70 7.14
C ALA A 41 6.24 1.42 6.05
N ALA A 42 5.54 1.70 4.95
CA ALA A 42 6.16 2.38 3.83
C ALA A 42 5.65 3.82 3.77
N HIS A 43 5.26 4.33 4.93
CA HIS A 43 4.76 5.69 5.03
C HIS A 43 3.61 5.87 4.03
N TRP A 44 2.98 4.76 3.68
CA TRP A 44 1.87 4.79 2.75
C TRP A 44 2.42 5.15 1.37
N GLN A 45 3.69 4.81 1.18
CA GLN A 45 4.35 5.10 -0.08
C GLN A 45 4.14 3.94 -1.06
N PHE A 46 2.93 3.83 -1.58
CA PHE A 46 2.59 2.77 -2.51
C PHE A 46 3.79 2.44 -3.41
N GLU A 47 4.20 3.41 -4.19
CA GLU A 47 5.32 3.24 -5.09
C GLU A 47 6.45 2.48 -4.39
N THR A 48 6.97 3.10 -3.35
CA THR A 48 8.05 2.49 -2.58
C THR A 48 7.62 1.14 -2.02
N ALA A 49 6.59 1.19 -1.20
CA ALA A 49 6.07 -0.03 -0.59
C ALA A 49 6.06 -1.16 -1.63
N LEU A 50 5.41 -0.88 -2.74
CA LEU A 50 5.32 -1.85 -3.82
C LEU A 50 6.73 -2.31 -4.20
N SER A 51 7.55 -1.34 -4.58
CA SER A 51 8.92 -1.62 -4.96
C SER A 51 9.59 -2.52 -3.92
N THR A 52 9.44 -2.12 -2.66
CA THR A 52 10.02 -2.87 -1.57
C THR A 52 9.41 -4.27 -1.50
N PHE A 53 8.12 -4.30 -1.20
CA PHE A 53 7.40 -5.57 -1.11
C PHE A 53 7.86 -6.54 -2.18
N PHE A 54 7.72 -6.12 -3.43
CA PHE A 54 8.12 -6.94 -4.56
C PHE A 54 9.61 -7.29 -4.49
N GLN A 55 10.40 -6.28 -4.19
CA GLN A 55 11.85 -6.46 -4.08
C GLN A 55 12.18 -7.38 -2.90
N GLU A 56 11.20 -7.53 -2.03
CA GLU A 56 11.38 -8.38 -0.85
C GLU A 56 10.72 -9.74 -1.08
N THR A 57 10.83 -10.22 -2.32
CA THR A 57 10.26 -11.50 -2.68
C THR A 57 10.62 -11.87 -4.11
N ASN A 58 10.91 -13.15 -4.31
CA ASN A 58 11.28 -13.64 -5.62
C ASN A 58 12.30 -12.69 -6.25
N ILE A 59 13.57 -13.01 -6.02
CA ILE A 59 14.65 -12.19 -6.55
C ILE A 59 14.97 -12.64 -7.97
N PRO A 60 14.69 -11.73 -8.94
CA PRO A 60 14.95 -12.02 -10.34
C PRO A 60 16.44 -11.95 -10.66
N ASN A 61 17.08 -10.94 -10.09
CA ASN A 61 18.52 -10.75 -10.30
C ASN A 61 19.25 -10.95 -8.97
N SER A 62 20.46 -11.48 -9.07
CA SER A 62 21.27 -11.72 -7.90
C SER A 62 21.28 -10.47 -7.01
N HIS A 63 21.76 -9.38 -7.59
CA HIS A 63 21.82 -8.13 -6.86
C HIS A 63 21.99 -6.97 -7.84
N HIS A 64 21.04 -6.05 -7.81
CA HIS A 64 21.07 -4.90 -8.69
C HIS A 64 20.67 -3.65 -7.91
N HIS A 65 21.60 -2.72 -7.81
CA HIS A 65 21.35 -1.47 -7.10
C HIS A 65 20.70 -0.46 -8.05
N HIS A 66 19.39 -0.30 -7.89
CA HIS A 66 18.65 0.64 -8.71
C HIS A 66 19.00 0.40 -10.19
N GLY A 1 -10.31 17.06 -18.40
CA GLY A 1 -8.99 17.67 -18.39
C GLY A 1 -8.23 17.30 -17.11
N SER A 2 -7.77 18.33 -16.42
CA SER A 2 -7.03 18.13 -15.18
C SER A 2 -6.76 19.48 -14.51
N SER A 3 -7.53 19.76 -13.47
CA SER A 3 -7.37 21.01 -12.75
C SER A 3 -6.36 20.82 -11.61
N GLY A 4 -5.92 21.95 -11.07
CA GLY A 4 -4.95 21.93 -9.98
C GLY A 4 -4.70 23.34 -9.45
N SER A 5 -3.85 23.42 -8.43
CA SER A 5 -3.53 24.69 -7.82
C SER A 5 -4.78 25.32 -7.21
N SER A 6 -5.07 24.92 -5.99
CA SER A 6 -6.23 25.43 -5.28
C SER A 6 -6.20 24.97 -3.82
N GLY A 7 -6.38 25.93 -2.93
CA GLY A 7 -6.39 25.63 -1.51
C GLY A 7 -7.37 24.51 -1.18
N MET A 8 -8.62 24.91 -0.92
CA MET A 8 -9.66 23.96 -0.60
C MET A 8 -9.95 23.03 -1.78
N SER A 9 -9.52 21.78 -1.64
CA SER A 9 -9.73 20.80 -2.68
C SER A 9 -9.65 19.38 -2.10
N VAL A 10 -8.51 19.10 -1.48
CA VAL A 10 -8.29 17.80 -0.88
C VAL A 10 -9.57 17.34 -0.18
N ASN A 11 -9.80 16.04 -0.21
CA ASN A 11 -10.98 15.47 0.42
C ASN A 11 -10.87 13.94 0.39
N MET A 12 -11.71 13.31 1.20
CA MET A 12 -11.72 11.86 1.29
C MET A 12 -10.35 11.32 1.69
N ASP A 13 -10.03 11.50 2.96
CA ASP A 13 -8.76 11.04 3.48
C ASP A 13 -8.80 9.52 3.66
N GLU A 14 -9.76 9.08 4.45
CA GLU A 14 -9.92 7.66 4.71
C GLU A 14 -10.14 6.90 3.40
N LEU A 15 -11.14 7.34 2.65
CA LEU A 15 -11.47 6.72 1.39
C LEU A 15 -10.17 6.40 0.63
N ARG A 16 -9.43 7.45 0.33
CA ARG A 16 -8.17 7.29 -0.38
C ARG A 16 -7.41 6.07 0.14
N HIS A 17 -7.12 6.11 1.43
CA HIS A 17 -6.41 5.01 2.07
C HIS A 17 -6.99 3.68 1.60
N GLN A 18 -8.22 3.42 2.02
CA GLN A 18 -8.89 2.19 1.64
C GLN A 18 -8.61 1.85 0.18
N VAL A 19 -8.95 2.79 -0.69
CA VAL A 19 -8.74 2.61 -2.12
C VAL A 19 -7.29 2.14 -2.36
N MET A 20 -6.35 2.94 -1.86
CA MET A 20 -4.95 2.62 -2.01
C MET A 20 -4.68 1.15 -1.67
N ILE A 21 -4.86 0.82 -0.40
CA ILE A 21 -4.64 -0.55 0.05
C ILE A 21 -5.17 -1.52 -1.00
N ASN A 22 -6.48 -1.48 -1.20
CA ASN A 22 -7.12 -2.34 -2.17
C ASN A 22 -6.23 -2.46 -3.41
N GLN A 23 -5.99 -1.32 -4.03
CA GLN A 23 -5.15 -1.28 -5.22
C GLN A 23 -3.87 -2.08 -5.00
N PHE A 24 -3.11 -1.65 -3.99
CA PHE A 24 -1.85 -2.32 -3.67
C PHE A 24 -2.03 -3.83 -3.65
N VAL A 25 -3.19 -4.25 -3.17
CA VAL A 25 -3.49 -5.67 -3.09
C VAL A 25 -3.69 -6.23 -4.50
N LEU A 26 -4.36 -5.45 -5.32
CA LEU A 26 -4.63 -5.85 -6.70
C LEU A 26 -3.32 -5.78 -7.50
N ALA A 27 -2.62 -4.67 -7.33
CA ALA A 27 -1.36 -4.47 -8.03
C ALA A 27 -0.48 -5.71 -7.86
N ALA A 28 -0.27 -6.08 -6.61
CA ALA A 28 0.54 -7.25 -6.30
C ALA A 28 -0.34 -8.50 -6.34
N GLY A 29 -1.12 -8.66 -5.29
CA GLY A 29 -2.01 -9.82 -5.19
C GLY A 29 -1.74 -10.61 -3.90
N CYS A 30 -1.51 -9.87 -2.83
CA CYS A 30 -1.23 -10.48 -1.54
C CYS A 30 -2.36 -10.10 -0.58
N ALA A 31 -2.22 -10.55 0.65
CA ALA A 31 -3.21 -10.26 1.67
C ALA A 31 -3.43 -8.74 1.75
N ALA A 32 -4.58 -8.37 2.29
CA ALA A 32 -4.92 -6.97 2.43
C ALA A 32 -4.23 -6.41 3.69
N ASP A 33 -4.33 -7.17 4.77
CA ASP A 33 -3.73 -6.75 6.02
C ASP A 33 -2.32 -6.23 5.77
N GLN A 34 -1.62 -6.92 4.89
CA GLN A 34 -0.26 -6.54 4.53
C GLN A 34 -0.24 -5.11 3.99
N ALA A 35 -1.10 -4.87 3.01
CA ALA A 35 -1.19 -3.55 2.40
C ALA A 35 -1.07 -2.48 3.48
N LYS A 36 -2.07 -2.45 4.34
CA LYS A 36 -2.10 -1.48 5.43
C LYS A 36 -0.70 -1.37 6.04
N GLN A 37 -0.31 -2.43 6.73
CA GLN A 37 1.00 -2.46 7.37
C GLN A 37 2.07 -1.96 6.40
N LEU A 38 2.30 -2.74 5.35
CA LEU A 38 3.29 -2.38 4.36
C LEU A 38 3.22 -0.87 4.08
N LEU A 39 2.10 -0.48 3.50
CA LEU A 39 1.89 0.93 3.18
C LEU A 39 2.29 1.79 4.38
N GLN A 40 1.51 1.64 5.44
CA GLN A 40 1.77 2.41 6.66
C GLN A 40 3.27 2.42 6.96
N ALA A 41 3.81 1.24 7.22
CA ALA A 41 5.22 1.11 7.52
C ALA A 41 6.04 1.82 6.45
N ALA A 42 5.44 1.94 5.27
CA ALA A 42 6.10 2.61 4.16
C ALA A 42 5.56 4.03 4.03
N HIS A 43 5.20 4.60 5.16
CA HIS A 43 4.66 5.95 5.19
C HIS A 43 3.55 6.08 4.16
N TRP A 44 2.97 4.94 3.80
CA TRP A 44 1.90 4.92 2.83
C TRP A 44 2.49 5.27 1.46
N GLN A 45 3.70 4.79 1.23
CA GLN A 45 4.38 5.05 -0.02
C GLN A 45 4.15 3.89 -1.00
N PHE A 46 2.93 3.85 -1.53
CA PHE A 46 2.58 2.81 -2.48
C PHE A 46 3.78 2.41 -3.35
N GLU A 47 4.29 3.40 -4.06
CA GLU A 47 5.43 3.18 -4.94
C GLU A 47 6.50 2.35 -4.22
N THR A 48 7.10 2.97 -3.21
CA THR A 48 8.14 2.31 -2.45
C THR A 48 7.61 0.99 -1.86
N ALA A 49 6.59 1.13 -1.02
CA ALA A 49 5.99 -0.05 -0.39
C ALA A 49 5.87 -1.17 -1.41
N LEU A 50 5.23 -0.85 -2.54
CA LEU A 50 5.05 -1.82 -3.60
C LEU A 50 6.41 -2.32 -4.06
N SER A 51 7.29 -1.38 -4.35
CA SER A 51 8.62 -1.71 -4.81
C SER A 51 9.26 -2.75 -3.88
N THR A 52 9.26 -2.42 -2.59
CA THR A 52 9.82 -3.31 -1.60
C THR A 52 9.13 -4.67 -1.64
N PHE A 53 7.86 -4.66 -1.26
CA PHE A 53 7.07 -5.88 -1.24
C PHE A 53 7.42 -6.77 -2.44
N PHE A 54 7.66 -6.12 -3.57
CA PHE A 54 8.01 -6.84 -4.78
C PHE A 54 9.44 -7.37 -4.72
N GLN A 55 10.35 -6.49 -4.31
CA GLN A 55 11.75 -6.85 -4.20
C GLN A 55 11.90 -8.14 -3.39
N GLU A 56 10.88 -8.41 -2.58
CA GLU A 56 10.90 -9.60 -1.76
C GLU A 56 11.05 -10.86 -2.62
N THR A 57 10.06 -11.08 -3.47
CA THR A 57 10.08 -12.24 -4.35
C THR A 57 10.65 -13.45 -3.62
N ASN A 58 10.23 -13.61 -2.38
CA ASN A 58 10.69 -14.73 -1.57
C ASN A 58 10.42 -16.03 -2.31
N ILE A 59 11.46 -16.54 -2.95
CA ILE A 59 11.35 -17.77 -3.71
C ILE A 59 11.47 -18.96 -2.75
N PRO A 60 10.91 -20.11 -3.19
CA PRO A 60 10.95 -21.32 -2.38
C PRO A 60 12.35 -21.95 -2.40
N ASN A 61 12.58 -22.83 -1.43
CA ASN A 61 13.86 -23.51 -1.33
C ASN A 61 13.76 -24.88 -1.98
N SER A 62 14.08 -24.91 -3.27
CA SER A 62 14.03 -26.16 -4.03
C SER A 62 14.92 -26.05 -5.27
N HIS A 63 14.61 -25.07 -6.09
CA HIS A 63 15.37 -24.85 -7.31
C HIS A 63 16.68 -24.13 -6.98
N HIS A 64 16.54 -22.91 -6.48
CA HIS A 64 17.70 -22.10 -6.12
C HIS A 64 18.66 -22.03 -7.30
N HIS A 65 18.33 -21.16 -8.25
CA HIS A 65 19.15 -20.99 -9.43
C HIS A 65 19.26 -19.49 -9.76
N HIS A 66 20.42 -19.13 -10.28
CA HIS A 66 20.68 -17.74 -10.64
C HIS A 66 20.28 -17.51 -12.09
N GLY A 1 -25.97 1.09 -17.26
CA GLY A 1 -27.14 0.49 -16.61
C GLY A 1 -26.73 -0.29 -15.37
N SER A 2 -27.52 -0.12 -14.32
CA SER A 2 -27.25 -0.80 -13.06
C SER A 2 -25.82 -0.50 -12.59
N SER A 3 -25.68 0.66 -11.96
CA SER A 3 -24.38 1.07 -11.46
C SER A 3 -23.93 0.14 -10.33
N GLY A 4 -22.63 0.15 -10.08
CA GLY A 4 -22.06 -0.68 -9.02
C GLY A 4 -20.86 -0.01 -8.37
N SER A 5 -21.14 1.15 -7.76
CA SER A 5 -20.09 1.90 -7.09
C SER A 5 -20.61 2.43 -5.76
N SER A 6 -19.96 1.99 -4.69
CA SER A 6 -20.34 2.41 -3.36
C SER A 6 -19.27 3.34 -2.77
N GLY A 7 -19.74 4.44 -2.20
CA GLY A 7 -18.83 5.41 -1.61
C GLY A 7 -18.89 6.74 -2.36
N MET A 8 -17.75 7.41 -2.41
CA MET A 8 -17.65 8.70 -3.08
C MET A 8 -18.84 9.59 -2.73
N SER A 9 -18.65 10.36 -1.66
CA SER A 9 -19.70 11.26 -1.20
C SER A 9 -19.22 12.02 0.04
N VAL A 10 -18.88 11.24 1.07
CA VAL A 10 -18.41 11.82 2.31
C VAL A 10 -16.97 11.37 2.57
N ASN A 11 -16.21 12.26 3.20
CA ASN A 11 -14.83 11.96 3.51
C ASN A 11 -14.06 11.67 2.21
N MET A 12 -12.75 11.73 2.31
CA MET A 12 -11.90 11.48 1.16
C MET A 12 -10.61 10.76 1.57
N ASP A 13 -9.89 11.38 2.49
CA ASP A 13 -8.64 10.81 2.99
C ASP A 13 -8.83 9.31 3.20
N GLU A 14 -9.82 8.97 4.02
CA GLU A 14 -10.11 7.58 4.32
C GLU A 14 -10.22 6.78 3.03
N LEU A 15 -11.17 7.18 2.20
CA LEU A 15 -11.38 6.50 0.93
C LEU A 15 -10.03 6.19 0.28
N ARG A 16 -9.32 7.24 -0.09
CA ARG A 16 -8.02 7.09 -0.71
C ARG A 16 -7.24 5.96 -0.05
N HIS A 17 -7.06 6.10 1.26
CA HIS A 17 -6.33 5.09 2.02
C HIS A 17 -6.87 3.70 1.66
N GLN A 18 -8.12 3.48 1.98
CA GLN A 18 -8.76 2.20 1.70
C GLN A 18 -8.52 1.80 0.24
N VAL A 19 -8.86 2.72 -0.66
CA VAL A 19 -8.68 2.48 -2.08
C VAL A 19 -7.26 1.97 -2.34
N MET A 20 -6.29 2.69 -1.78
CA MET A 20 -4.90 2.32 -1.94
C MET A 20 -4.66 0.87 -1.53
N ILE A 21 -4.98 0.58 -0.28
CA ILE A 21 -4.80 -0.76 0.24
C ILE A 21 -5.32 -1.78 -0.78
N ASN A 22 -6.60 -1.63 -1.10
CA ASN A 22 -7.24 -2.51 -2.06
C ASN A 22 -6.39 -2.58 -3.34
N GLN A 23 -6.01 -1.40 -3.82
CA GLN A 23 -5.21 -1.31 -5.03
C GLN A 23 -3.91 -2.12 -4.86
N PHE A 24 -3.05 -1.62 -3.98
CA PHE A 24 -1.79 -2.27 -3.72
C PHE A 24 -1.96 -3.79 -3.61
N VAL A 25 -3.03 -4.18 -2.91
CA VAL A 25 -3.32 -5.59 -2.72
C VAL A 25 -3.62 -6.23 -4.09
N LEU A 26 -4.35 -5.49 -4.90
CA LEU A 26 -4.72 -5.96 -6.22
C LEU A 26 -3.49 -5.94 -7.13
N ALA A 27 -2.82 -4.79 -7.15
CA ALA A 27 -1.63 -4.63 -7.96
C ALA A 27 -0.74 -5.87 -7.82
N ALA A 28 -0.42 -6.18 -6.57
CA ALA A 28 0.42 -7.33 -6.28
C ALA A 28 -0.47 -8.58 -6.17
N GLY A 29 -1.10 -8.70 -5.01
CA GLY A 29 -1.98 -9.83 -4.75
C GLY A 29 -1.66 -10.48 -3.40
N CYS A 30 -1.46 -9.63 -2.40
CA CYS A 30 -1.15 -10.09 -1.06
C CYS A 30 -2.39 -9.90 -0.19
N ALA A 31 -2.20 -10.18 1.10
CA ALA A 31 -3.30 -10.03 2.06
C ALA A 31 -3.68 -8.56 2.17
N ALA A 32 -4.98 -8.31 2.13
CA ALA A 32 -5.49 -6.96 2.22
C ALA A 32 -4.82 -6.24 3.39
N ASP A 33 -5.02 -6.78 4.58
CA ASP A 33 -4.43 -6.21 5.78
C ASP A 33 -2.97 -5.85 5.50
N GLN A 34 -2.26 -6.79 4.92
CA GLN A 34 -0.85 -6.59 4.60
C GLN A 34 -0.64 -5.16 4.09
N ALA A 35 -1.34 -4.83 3.02
CA ALA A 35 -1.23 -3.51 2.42
C ALA A 35 -1.15 -2.46 3.54
N LYS A 36 -2.21 -2.41 4.33
CA LYS A 36 -2.27 -1.45 5.42
C LYS A 36 -0.90 -1.38 6.10
N GLN A 37 -0.45 -2.52 6.59
CA GLN A 37 0.84 -2.60 7.27
C GLN A 37 1.94 -2.07 6.35
N LEU A 38 2.21 -2.82 5.30
CA LEU A 38 3.24 -2.44 4.34
C LEU A 38 3.17 -0.93 4.10
N LEU A 39 2.05 -0.50 3.53
CA LEU A 39 1.84 0.91 3.24
C LEU A 39 2.35 1.74 4.41
N GLN A 40 1.65 1.61 5.54
CA GLN A 40 2.02 2.34 6.74
C GLN A 40 3.53 2.25 6.97
N ALA A 41 4.00 1.01 7.10
CA ALA A 41 5.41 0.78 7.33
C ALA A 41 6.23 1.50 6.25
N ALA A 42 5.56 1.79 5.15
CA ALA A 42 6.21 2.47 4.04
C ALA A 42 5.71 3.91 3.98
N HIS A 43 5.30 4.42 5.13
CA HIS A 43 4.81 5.79 5.21
C HIS A 43 3.68 5.98 4.19
N TRP A 44 3.06 4.87 3.82
CA TRP A 44 1.97 4.90 2.86
C TRP A 44 2.56 5.26 1.49
N GLN A 45 3.83 4.91 1.31
CA GLN A 45 4.52 5.19 0.08
C GLN A 45 4.32 4.03 -0.92
N PHE A 46 3.11 3.96 -1.46
CA PHE A 46 2.78 2.90 -2.41
C PHE A 46 3.99 2.56 -3.28
N GLU A 47 4.46 3.55 -4.01
CA GLU A 47 5.61 3.36 -4.88
C GLU A 47 6.68 2.52 -4.18
N THR A 48 7.24 3.10 -3.12
CA THR A 48 8.26 2.41 -2.36
C THR A 48 7.73 1.07 -1.82
N ALA A 49 6.64 1.16 -1.08
CA ALA A 49 6.03 -0.02 -0.51
C ALA A 49 6.00 -1.13 -1.56
N LEU A 50 5.39 -0.83 -2.69
CA LEU A 50 5.30 -1.79 -3.78
C LEU A 50 6.70 -2.21 -4.20
N SER A 51 7.50 -1.21 -4.54
CA SER A 51 8.87 -1.46 -4.97
C SER A 51 9.54 -2.46 -4.03
N THR A 52 9.34 -2.25 -2.74
CA THR A 52 9.91 -3.12 -1.73
C THR A 52 9.24 -4.49 -1.77
N PHE A 53 7.97 -4.50 -1.38
CA PHE A 53 7.21 -5.74 -1.36
C PHE A 53 7.55 -6.62 -2.56
N PHE A 54 7.71 -5.97 -3.71
CA PHE A 54 8.04 -6.67 -4.93
C PHE A 54 9.44 -7.28 -4.84
N GLN A 55 10.37 -6.47 -4.37
CA GLN A 55 11.75 -6.92 -4.23
C GLN A 55 11.94 -7.70 -2.94
N GLU A 56 11.18 -8.78 -2.81
CA GLU A 56 11.24 -9.61 -1.63
C GLU A 56 11.94 -10.95 -1.95
N THR A 57 13.26 -10.86 -2.10
CA THR A 57 14.04 -12.04 -2.41
C THR A 57 15.22 -12.16 -1.44
N ASN A 58 14.91 -12.65 -0.25
CA ASN A 58 15.93 -12.82 0.78
C ASN A 58 16.55 -11.46 1.12
N ILE A 59 16.07 -10.89 2.21
CA ILE A 59 16.56 -9.59 2.65
C ILE A 59 17.72 -9.79 3.62
N PRO A 60 18.58 -8.75 3.70
CA PRO A 60 19.74 -8.80 4.58
C PRO A 60 19.32 -8.62 6.05
N ASN A 61 19.74 -9.57 6.87
CA ASN A 61 19.42 -9.53 8.29
C ASN A 61 20.07 -8.29 8.92
N SER A 62 19.34 -7.69 9.85
CA SER A 62 19.83 -6.51 10.53
C SER A 62 19.39 -6.53 12.00
N HIS A 63 20.05 -5.71 12.80
CA HIS A 63 19.75 -5.62 14.21
C HIS A 63 19.72 -4.16 14.64
N HIS A 64 19.07 -3.90 15.76
CA HIS A 64 18.97 -2.56 16.30
C HIS A 64 19.19 -2.59 17.81
N HIS A 65 19.70 -1.48 18.32
CA HIS A 65 19.97 -1.36 19.75
C HIS A 65 19.34 -0.07 20.28
N HIS A 66 19.83 1.05 19.76
CA HIS A 66 19.32 2.34 20.18
C HIS A 66 18.63 3.03 18.99
N GLY A 1 4.32 22.50 21.72
CA GLY A 1 4.06 21.08 21.82
C GLY A 1 2.71 20.73 21.15
N SER A 2 2.34 19.46 21.28
CA SER A 2 1.10 18.99 20.70
C SER A 2 0.89 17.51 21.05
N SER A 3 -0.32 17.21 21.50
CA SER A 3 -0.66 15.85 21.86
C SER A 3 -1.35 15.14 20.69
N GLY A 4 -1.16 13.83 20.64
CA GLY A 4 -1.76 13.04 19.58
C GLY A 4 -3.29 13.04 19.68
N SER A 5 -3.92 12.91 18.53
CA SER A 5 -5.37 12.90 18.46
C SER A 5 -5.87 11.60 17.83
N SER A 6 -7.04 11.16 18.27
CA SER A 6 -7.62 9.95 17.75
C SER A 6 -8.78 10.28 16.80
N GLY A 7 -8.44 10.39 15.53
CA GLY A 7 -9.43 10.70 14.51
C GLY A 7 -9.85 9.45 13.74
N MET A 8 -11.14 9.35 13.46
CA MET A 8 -11.67 8.21 12.73
C MET A 8 -13.15 8.40 12.44
N SER A 9 -13.43 9.05 11.31
CA SER A 9 -14.80 9.28 10.90
C SER A 9 -14.87 9.49 9.39
N VAL A 10 -16.09 9.51 8.87
CA VAL A 10 -16.30 9.68 7.45
C VAL A 10 -15.46 10.87 6.97
N ASN A 11 -14.46 10.56 6.16
CA ASN A 11 -13.58 11.58 5.63
C ASN A 11 -13.03 11.12 4.27
N MET A 12 -12.44 12.06 3.56
CA MET A 12 -11.87 11.76 2.25
C MET A 12 -10.62 10.91 2.38
N ASP A 13 -9.69 11.39 3.18
CA ASP A 13 -8.43 10.69 3.41
C ASP A 13 -8.72 9.19 3.54
N GLU A 14 -9.56 8.87 4.52
CA GLU A 14 -9.92 7.48 4.76
C GLU A 14 -10.13 6.74 3.44
N LEU A 15 -11.11 7.21 2.68
CA LEU A 15 -11.42 6.61 1.40
C LEU A 15 -10.12 6.28 0.66
N ARG A 16 -9.40 7.34 0.31
CA ARG A 16 -8.14 7.18 -0.39
C ARG A 16 -7.37 5.97 0.16
N HIS A 17 -7.10 6.04 1.46
CA HIS A 17 -6.37 4.96 2.12
C HIS A 17 -6.95 3.61 1.68
N GLN A 18 -8.20 3.38 2.05
CA GLN A 18 -8.87 2.14 1.70
C GLN A 18 -8.59 1.78 0.24
N VAL A 19 -8.95 2.70 -0.64
CA VAL A 19 -8.74 2.49 -2.07
C VAL A 19 -7.32 1.99 -2.30
N MET A 20 -6.36 2.76 -1.79
CA MET A 20 -4.96 2.40 -1.93
C MET A 20 -4.72 0.95 -1.54
N ILE A 21 -4.92 0.67 -0.27
CA ILE A 21 -4.72 -0.68 0.24
C ILE A 21 -5.26 -1.70 -0.77
N ASN A 22 -6.46 -1.41 -1.26
CA ASN A 22 -7.09 -2.28 -2.23
C ASN A 22 -6.21 -2.37 -3.48
N GLN A 23 -5.92 -1.20 -4.04
CA GLN A 23 -5.09 -1.13 -5.24
C GLN A 23 -3.82 -1.94 -5.05
N PHE A 24 -3.00 -1.48 -4.11
CA PHE A 24 -1.74 -2.16 -3.82
C PHE A 24 -1.93 -3.67 -3.78
N VAL A 25 -2.89 -4.10 -2.98
CA VAL A 25 -3.18 -5.52 -2.85
C VAL A 25 -3.52 -6.10 -4.22
N LEU A 26 -4.17 -5.27 -5.02
CA LEU A 26 -4.57 -5.69 -6.36
C LEU A 26 -3.32 -5.74 -7.26
N ALA A 27 -2.58 -4.64 -7.24
CA ALA A 27 -1.37 -4.55 -8.04
C ALA A 27 -0.53 -5.82 -7.85
N ALA A 28 -0.23 -6.09 -6.59
CA ALA A 28 0.55 -7.27 -6.26
C ALA A 28 -0.34 -8.51 -6.29
N GLY A 29 -1.20 -8.61 -5.29
CA GLY A 29 -2.12 -9.73 -5.20
C GLY A 29 -1.88 -10.53 -3.92
N CYS A 30 -1.56 -9.80 -2.86
CA CYS A 30 -1.30 -10.43 -1.57
C CYS A 30 -2.46 -10.09 -0.63
N ALA A 31 -2.27 -10.42 0.63
CA ALA A 31 -3.28 -10.17 1.64
C ALA A 31 -3.62 -8.67 1.64
N ALA A 32 -4.83 -8.37 2.08
CA ALA A 32 -5.29 -6.99 2.14
C ALA A 32 -4.66 -6.31 3.35
N ASP A 33 -4.91 -6.88 4.51
CA ASP A 33 -4.38 -6.34 5.76
C ASP A 33 -2.91 -5.97 5.54
N GLN A 34 -2.19 -6.85 4.88
CA GLN A 34 -0.78 -6.63 4.61
C GLN A 34 -0.57 -5.21 4.09
N ALA A 35 -1.30 -4.86 3.04
CA ALA A 35 -1.19 -3.54 2.45
C ALA A 35 -1.07 -2.50 3.55
N LYS A 36 -2.07 -2.49 4.43
CA LYS A 36 -2.09 -1.54 5.53
C LYS A 36 -0.69 -1.43 6.12
N GLN A 37 -0.26 -2.49 6.77
CA GLN A 37 1.07 -2.52 7.38
C GLN A 37 2.11 -2.00 6.40
N LEU A 38 2.34 -2.78 5.36
CA LEU A 38 3.31 -2.41 4.34
C LEU A 38 3.22 -0.92 4.07
N LEU A 39 2.08 -0.52 3.53
CA LEU A 39 1.84 0.88 3.21
C LEU A 39 2.26 1.74 4.40
N GLN A 40 1.53 1.59 5.50
CA GLN A 40 1.81 2.35 6.70
C GLN A 40 3.32 2.36 6.97
N ALA A 41 3.86 1.18 7.22
CA ALA A 41 5.28 1.04 7.50
C ALA A 41 6.08 1.73 6.38
N ALA A 42 5.42 1.87 5.24
CA ALA A 42 6.06 2.51 4.10
C ALA A 42 5.53 3.94 3.95
N HIS A 43 5.19 4.52 5.09
CA HIS A 43 4.68 5.88 5.10
C HIS A 43 3.56 6.02 4.08
N TRP A 44 2.96 4.88 3.75
CA TRP A 44 1.87 4.85 2.78
C TRP A 44 2.45 5.20 1.41
N GLN A 45 3.66 4.71 1.16
CA GLN A 45 4.32 4.95 -0.10
C GLN A 45 4.05 3.81 -1.08
N PHE A 46 2.84 3.82 -1.63
CA PHE A 46 2.44 2.78 -2.56
C PHE A 46 3.63 2.36 -3.44
N GLU A 47 4.13 3.30 -4.22
CA GLU A 47 5.25 3.04 -5.10
C GLU A 47 6.34 2.26 -4.36
N THR A 48 6.95 2.94 -3.39
CA THR A 48 8.01 2.34 -2.60
C THR A 48 7.54 0.99 -2.04
N ALA A 49 6.52 1.05 -1.21
CA ALA A 49 5.98 -0.15 -0.59
C ALA A 49 5.93 -1.27 -1.64
N LEU A 50 5.34 -0.96 -2.77
CA LEU A 50 5.23 -1.93 -3.86
C LEU A 50 6.63 -2.37 -4.28
N SER A 51 7.47 -1.38 -4.54
CA SER A 51 8.84 -1.65 -4.95
C SER A 51 9.51 -2.60 -3.96
N THR A 52 9.34 -2.28 -2.68
CA THR A 52 9.92 -3.10 -1.63
C THR A 52 9.27 -4.48 -1.60
N PHE A 53 7.98 -4.47 -1.26
CA PHE A 53 7.23 -5.72 -1.18
C PHE A 53 7.65 -6.69 -2.29
N PHE A 54 7.74 -6.14 -3.50
CA PHE A 54 8.13 -6.93 -4.65
C PHE A 54 9.60 -7.34 -4.57
N GLN A 55 10.43 -6.36 -4.25
CA GLN A 55 11.86 -6.60 -4.13
C GLN A 55 12.14 -7.68 -3.09
N GLU A 56 12.51 -7.23 -1.90
CA GLU A 56 12.79 -8.15 -0.81
C GLU A 56 13.53 -9.38 -1.34
N THR A 57 14.39 -9.15 -2.31
CA THR A 57 15.16 -10.22 -2.91
C THR A 57 14.30 -11.48 -3.06
N ASN A 58 13.12 -11.29 -3.65
CA ASN A 58 12.21 -12.39 -3.85
C ASN A 58 12.67 -13.23 -5.04
N ILE A 59 13.47 -14.26 -4.73
CA ILE A 59 13.98 -15.14 -5.75
C ILE A 59 13.10 -16.38 -5.85
N PRO A 60 13.12 -17.02 -7.06
CA PRO A 60 12.33 -18.22 -7.28
C PRO A 60 12.96 -19.43 -6.61
N ASN A 61 12.11 -20.29 -6.07
CA ASN A 61 12.57 -21.48 -5.39
C ASN A 61 13.39 -22.32 -6.36
N SER A 62 14.63 -22.59 -5.97
CA SER A 62 15.53 -23.38 -6.79
C SER A 62 16.47 -24.19 -5.90
N HIS A 63 17.23 -23.47 -5.10
CA HIS A 63 18.18 -24.11 -4.19
C HIS A 63 19.27 -24.82 -5.01
N HIS A 64 20.50 -24.56 -4.62
CA HIS A 64 21.64 -25.17 -5.30
C HIS A 64 22.91 -24.94 -4.48
N HIS A 65 23.92 -25.75 -4.76
CA HIS A 65 25.19 -25.65 -4.07
C HIS A 65 26.28 -26.33 -4.89
N HIS A 66 27.39 -25.61 -5.05
CA HIS A 66 28.51 -26.14 -5.81
C HIS A 66 28.00 -26.79 -7.10
#